data_1COD
# 
_entry.id   1COD 
# 
_audit_conform.dict_name       mmcif_pdbx.dic 
_audit_conform.dict_version    5.398 
_audit_conform.dict_location   http://mmcif.pdb.org/dictionaries/ascii/mmcif_pdbx.dic 
# 
loop_
_database_2.database_id 
_database_2.database_code 
_database_2.pdbx_database_accession 
_database_2.pdbx_DOI 
PDB   1COD         pdb_00001cod 10.2210/pdb1cod/pdb 
WWPDB D_1000172428 ?            ?                   
# 
loop_
_pdbx_audit_revision_history.ordinal 
_pdbx_audit_revision_history.data_content_type 
_pdbx_audit_revision_history.major_revision 
_pdbx_audit_revision_history.minor_revision 
_pdbx_audit_revision_history.revision_date 
1 'Structure model' 1 0 1995-01-26 
2 'Structure model' 1 1 2008-03-24 
3 'Structure model' 1 2 2011-07-13 
4 'Structure model' 1 3 2022-02-16 
5 'Structure model' 1 4 2024-11-06 
# 
_pdbx_audit_revision_details.ordinal             1 
_pdbx_audit_revision_details.revision_ordinal    1 
_pdbx_audit_revision_details.data_content_type   'Structure model' 
_pdbx_audit_revision_details.provider            repository 
_pdbx_audit_revision_details.type                'Initial release' 
_pdbx_audit_revision_details.description         ? 
_pdbx_audit_revision_details.details             ? 
# 
loop_
_pdbx_audit_revision_group.ordinal 
_pdbx_audit_revision_group.revision_ordinal 
_pdbx_audit_revision_group.data_content_type 
_pdbx_audit_revision_group.group 
1 2 'Structure model' 'Version format compliance' 
2 3 'Structure model' 'Version format compliance' 
3 4 'Structure model' 'Database references'       
4 4 'Structure model' 'Derived calculations'      
5 4 'Structure model' Other                       
6 5 'Structure model' 'Data collection'           
7 5 'Structure model' 'Structure summary'         
# 
loop_
_pdbx_audit_revision_category.ordinal 
_pdbx_audit_revision_category.revision_ordinal 
_pdbx_audit_revision_category.data_content_type 
_pdbx_audit_revision_category.category 
1 4 'Structure model' database_2                
2 4 'Structure model' pdbx_database_status      
3 4 'Structure model' pdbx_struct_assembly      
4 4 'Structure model' pdbx_struct_oper_list     
5 5 'Structure model' chem_comp_atom            
6 5 'Structure model' chem_comp_bond            
7 5 'Structure model' pdbx_entry_details        
8 5 'Structure model' pdbx_modification_feature 
# 
loop_
_pdbx_audit_revision_item.ordinal 
_pdbx_audit_revision_item.revision_ordinal 
_pdbx_audit_revision_item.data_content_type 
_pdbx_audit_revision_item.item 
1 4 'Structure model' '_database_2.pdbx_DOI'                
2 4 'Structure model' '_database_2.pdbx_database_accession' 
3 4 'Structure model' '_pdbx_database_status.process_site'  
# 
_pdbx_database_status.status_code                     REL 
_pdbx_database_status.entry_id                        1COD 
_pdbx_database_status.recvd_initial_deposition_date   1994-05-11 
_pdbx_database_status.deposit_site                    ? 
_pdbx_database_status.process_site                    BNL 
_pdbx_database_status.SG_entry                        . 
_pdbx_database_status.pdb_format_compatible           Y 
_pdbx_database_status.status_code_mr                  ? 
_pdbx_database_status.status_code_sf                  ? 
_pdbx_database_status.status_code_cs                  ? 
_pdbx_database_status.status_code_nmr_data            ? 
_pdbx_database_status.methods_development_category    ? 
# 
_pdbx_database_related.db_name        PDB 
_pdbx_database_related.db_id          1COE 
_pdbx_database_related.details        . 
_pdbx_database_related.content_type   ensemble 
# 
loop_
_audit_author.name 
_audit_author.pdbx_ordinal 
'Yu, C.'        1 
'Bhaskaran, R.' 2 
'Yang, C.C.'    3 
# 
_citation.id                        primary 
_citation.title                     
'Solution conformation of cobrotoxin: a nuclear magnetic resonance and hybrid distance geometry-dynamical simulated annealing study.' 
_citation.journal_abbrev            Biochemistry 
_citation.journal_volume            32 
_citation.page_first                2131 
_citation.page_last                 2136 
_citation.year                      1993 
_citation.journal_id_ASTM           BICHAW 
_citation.country                   US 
_citation.journal_id_ISSN           0006-2960 
_citation.journal_id_CSD            0033 
_citation.book_publisher            ? 
_citation.pdbx_database_id_PubMed   8443154 
_citation.pdbx_database_id_DOI      10.1021/bi00060a002 
# 
loop_
_citation_author.citation_id 
_citation_author.name 
_citation_author.ordinal 
_citation_author.identifier_ORCID 
primary 'Yu, C.'        1 ? 
primary 'Bhaskaran, R.' 2 ? 
primary 'Chuang, L.C.'  3 ? 
primary 'Yang, C.C.'    4 ? 
# 
_entity.id                         1 
_entity.type                       polymer 
_entity.src_method                 man 
_entity.pdbx_description           COBROTOXIN 
_entity.formula_weight             6967.683 
_entity.pdbx_number_of_molecules   1 
_entity.pdbx_ec                    ? 
_entity.pdbx_mutation              ? 
_entity.pdbx_fragment              ? 
_entity.details                    ? 
# 
_entity_poly.entity_id                      1 
_entity_poly.type                           'polypeptide(L)' 
_entity_poly.nstd_linkage                   no 
_entity_poly.nstd_monomer                   no 
_entity_poly.pdbx_seq_one_letter_code       LECHNQQSSQTPTTTGCSGGETNCYKKRWRDHRGYRTERGCGCPSVKNGIEINCCTTDRCNN 
_entity_poly.pdbx_seq_one_letter_code_can   LECHNQQSSQTPTTTGCSGGETNCYKKRWRDHRGYRTERGCGCPSVKNGIEINCCTTDRCNN 
_entity_poly.pdbx_strand_id                 A 
_entity_poly.pdbx_target_identifier         ? 
# 
loop_
_entity_poly_seq.entity_id 
_entity_poly_seq.num 
_entity_poly_seq.mon_id 
_entity_poly_seq.hetero 
1 1  LEU n 
1 2  GLU n 
1 3  CYS n 
1 4  HIS n 
1 5  ASN n 
1 6  GLN n 
1 7  GLN n 
1 8  SER n 
1 9  SER n 
1 10 GLN n 
1 11 THR n 
1 12 PRO n 
1 13 THR n 
1 14 THR n 
1 15 THR n 
1 16 GLY n 
1 17 CYS n 
1 18 SER n 
1 19 GLY n 
1 20 GLY n 
1 21 GLU n 
1 22 THR n 
1 23 ASN n 
1 24 CYS n 
1 25 TYR n 
1 26 LYS n 
1 27 LYS n 
1 28 ARG n 
1 29 TRP n 
1 30 ARG n 
1 31 ASP n 
1 32 HIS n 
1 33 ARG n 
1 34 GLY n 
1 35 TYR n 
1 36 ARG n 
1 37 THR n 
1 38 GLU n 
1 39 ARG n 
1 40 GLY n 
1 41 CYS n 
1 42 GLY n 
1 43 CYS n 
1 44 PRO n 
1 45 SER n 
1 46 VAL n 
1 47 LYS n 
1 48 ASN n 
1 49 GLY n 
1 50 ILE n 
1 51 GLU n 
1 52 ILE n 
1 53 ASN n 
1 54 CYS n 
1 55 CYS n 
1 56 THR n 
1 57 THR n 
1 58 ASP n 
1 59 ARG n 
1 60 CYS n 
1 61 ASN n 
1 62 ASN n 
# 
_entity_src_gen.entity_id                          1 
_entity_src_gen.pdbx_src_id                        1 
_entity_src_gen.pdbx_alt_source_flag               sample 
_entity_src_gen.pdbx_seq_type                      ? 
_entity_src_gen.pdbx_beg_seq_num                   ? 
_entity_src_gen.pdbx_end_seq_num                   ? 
_entity_src_gen.gene_src_common_name               'Chinese cobra' 
_entity_src_gen.gene_src_genus                     ? 
_entity_src_gen.pdbx_gene_src_gene                 ? 
_entity_src_gen.gene_src_species                   ? 
_entity_src_gen.gene_src_strain                    ? 
_entity_src_gen.gene_src_tissue                    VENOM 
_entity_src_gen.gene_src_tissue_fraction           ? 
_entity_src_gen.gene_src_details                   ? 
_entity_src_gen.pdbx_gene_src_fragment             ? 
_entity_src_gen.pdbx_gene_src_scientific_name      'Naja atra' 
_entity_src_gen.pdbx_gene_src_ncbi_taxonomy_id     8656 
_entity_src_gen.pdbx_gene_src_variant              ? 
_entity_src_gen.pdbx_gene_src_cell_line            ? 
_entity_src_gen.pdbx_gene_src_atcc                 ? 
_entity_src_gen.pdbx_gene_src_organ                ? 
_entity_src_gen.pdbx_gene_src_organelle            ? 
_entity_src_gen.pdbx_gene_src_cell                 ? 
_entity_src_gen.pdbx_gene_src_cellular_location    ? 
_entity_src_gen.host_org_common_name               ? 
_entity_src_gen.pdbx_host_org_scientific_name      ? 
_entity_src_gen.pdbx_host_org_ncbi_taxonomy_id     ? 
_entity_src_gen.host_org_genus                     ? 
_entity_src_gen.pdbx_host_org_gene                 ? 
_entity_src_gen.pdbx_host_org_organ                ? 
_entity_src_gen.host_org_species                   ? 
_entity_src_gen.pdbx_host_org_tissue               ? 
_entity_src_gen.pdbx_host_org_tissue_fraction      ? 
_entity_src_gen.pdbx_host_org_strain               ? 
_entity_src_gen.pdbx_host_org_variant              ? 
_entity_src_gen.pdbx_host_org_cell_line            ? 
_entity_src_gen.pdbx_host_org_atcc                 ? 
_entity_src_gen.pdbx_host_org_culture_collection   ? 
_entity_src_gen.pdbx_host_org_cell                 ? 
_entity_src_gen.pdbx_host_org_organelle            ? 
_entity_src_gen.pdbx_host_org_cellular_location    ? 
_entity_src_gen.pdbx_host_org_vector_type          ? 
_entity_src_gen.pdbx_host_org_vector               ? 
_entity_src_gen.host_org_details                   ? 
_entity_src_gen.expression_system_id               ? 
_entity_src_gen.plasmid_name                       ? 
_entity_src_gen.plasmid_details                    ? 
_entity_src_gen.pdbx_description                   ? 
# 
loop_
_chem_comp.id 
_chem_comp.type 
_chem_comp.mon_nstd_flag 
_chem_comp.name 
_chem_comp.pdbx_synonyms 
_chem_comp.formula 
_chem_comp.formula_weight 
ARG 'L-peptide linking' y ARGININE        ? 'C6 H15 N4 O2 1' 175.209 
ASN 'L-peptide linking' y ASPARAGINE      ? 'C4 H8 N2 O3'    132.118 
ASP 'L-peptide linking' y 'ASPARTIC ACID' ? 'C4 H7 N O4'     133.103 
CYS 'L-peptide linking' y CYSTEINE        ? 'C3 H7 N O2 S'   121.158 
GLN 'L-peptide linking' y GLUTAMINE       ? 'C5 H10 N2 O3'   146.144 
GLU 'L-peptide linking' y 'GLUTAMIC ACID' ? 'C5 H9 N O4'     147.129 
GLY 'peptide linking'   y GLYCINE         ? 'C2 H5 N O2'     75.067  
HIS 'L-peptide linking' y HISTIDINE       ? 'C6 H10 N3 O2 1' 156.162 
ILE 'L-peptide linking' y ISOLEUCINE      ? 'C6 H13 N O2'    131.173 
LEU 'L-peptide linking' y LEUCINE         ? 'C6 H13 N O2'    131.173 
LYS 'L-peptide linking' y LYSINE          ? 'C6 H15 N2 O2 1' 147.195 
PRO 'L-peptide linking' y PROLINE         ? 'C5 H9 N O2'     115.130 
SER 'L-peptide linking' y SERINE          ? 'C3 H7 N O3'     105.093 
THR 'L-peptide linking' y THREONINE       ? 'C4 H9 N O3'     119.119 
TRP 'L-peptide linking' y TRYPTOPHAN      ? 'C11 H12 N2 O2'  204.225 
TYR 'L-peptide linking' y TYROSINE        ? 'C9 H11 N O3'    181.189 
VAL 'L-peptide linking' y VALINE          ? 'C5 H11 N O2'    117.146 
# 
loop_
_pdbx_poly_seq_scheme.asym_id 
_pdbx_poly_seq_scheme.entity_id 
_pdbx_poly_seq_scheme.seq_id 
_pdbx_poly_seq_scheme.mon_id 
_pdbx_poly_seq_scheme.ndb_seq_num 
_pdbx_poly_seq_scheme.pdb_seq_num 
_pdbx_poly_seq_scheme.auth_seq_num 
_pdbx_poly_seq_scheme.pdb_mon_id 
_pdbx_poly_seq_scheme.auth_mon_id 
_pdbx_poly_seq_scheme.pdb_strand_id 
_pdbx_poly_seq_scheme.pdb_ins_code 
_pdbx_poly_seq_scheme.hetero 
A 1 1  LEU 1  1  1  LEU LEU A . n 
A 1 2  GLU 2  2  2  GLU GLU A . n 
A 1 3  CYS 3  3  3  CYS CYS A . n 
A 1 4  HIS 4  4  4  HIS HIS A . n 
A 1 5  ASN 5  5  5  ASN ASN A . n 
A 1 6  GLN 6  6  6  GLN GLN A . n 
A 1 7  GLN 7  7  7  GLN GLN A . n 
A 1 8  SER 8  8  8  SER SER A . n 
A 1 9  SER 9  9  9  SER SER A . n 
A 1 10 GLN 10 10 10 GLN GLN A . n 
A 1 11 THR 11 11 11 THR THR A . n 
A 1 12 PRO 12 12 12 PRO PRO A . n 
A 1 13 THR 13 13 13 THR THR A . n 
A 1 14 THR 14 14 14 THR THR A . n 
A 1 15 THR 15 15 15 THR THR A . n 
A 1 16 GLY 16 16 16 GLY GLY A . n 
A 1 17 CYS 17 17 17 CYS CYS A . n 
A 1 18 SER 18 18 18 SER SER A . n 
A 1 19 GLY 19 19 19 GLY GLY A . n 
A 1 20 GLY 20 20 20 GLY GLY A . n 
A 1 21 GLU 21 21 21 GLU GLU A . n 
A 1 22 THR 22 22 22 THR THR A . n 
A 1 23 ASN 23 23 23 ASN ASN A . n 
A 1 24 CYS 24 24 24 CYS CYS A . n 
A 1 25 TYR 25 25 25 TYR TYR A . n 
A 1 26 LYS 26 26 26 LYS LYS A . n 
A 1 27 LYS 27 27 27 LYS LYS A . n 
A 1 28 ARG 28 28 28 ARG ARG A . n 
A 1 29 TRP 29 29 29 TRP TRP A . n 
A 1 30 ARG 30 30 30 ARG ARG A . n 
A 1 31 ASP 31 31 31 ASP ASP A . n 
A 1 32 HIS 32 32 32 HIS HIS A . n 
A 1 33 ARG 33 33 33 ARG ARG A . n 
A 1 34 GLY 34 34 34 GLY GLY A . n 
A 1 35 TYR 35 35 35 TYR TYR A . n 
A 1 36 ARG 36 36 36 ARG ARG A . n 
A 1 37 THR 37 37 37 THR THR A . n 
A 1 38 GLU 38 38 38 GLU GLU A . n 
A 1 39 ARG 39 39 39 ARG ARG A . n 
A 1 40 GLY 40 40 40 GLY GLY A . n 
A 1 41 CYS 41 41 41 CYS CYS A . n 
A 1 42 GLY 42 42 42 GLY GLY A . n 
A 1 43 CYS 43 43 43 CYS CYS A . n 
A 1 44 PRO 44 44 44 PRO PRO A . n 
A 1 45 SER 45 45 45 SER SER A . n 
A 1 46 VAL 46 46 46 VAL VAL A . n 
A 1 47 LYS 47 47 47 LYS LYS A . n 
A 1 48 ASN 48 48 48 ASN ASN A . n 
A 1 49 GLY 49 49 49 GLY GLY A . n 
A 1 50 ILE 50 50 50 ILE ILE A . n 
A 1 51 GLU 51 51 51 GLU GLU A . n 
A 1 52 ILE 52 52 52 ILE ILE A . n 
A 1 53 ASN 53 53 53 ASN ASN A . n 
A 1 54 CYS 54 54 54 CYS CYS A . n 
A 1 55 CYS 55 55 55 CYS CYS A . n 
A 1 56 THR 56 56 56 THR THR A . n 
A 1 57 THR 57 57 57 THR THR A . n 
A 1 58 ASP 58 58 58 ASP ASP A . n 
A 1 59 ARG 59 59 59 ARG ARG A . n 
A 1 60 CYS 60 60 60 CYS CYS A . n 
A 1 61 ASN 61 61 61 ASN ASN A . n 
A 1 62 ASN 62 62 62 ASN ASN A . n 
# 
loop_
_software.name 
_software.classification 
_software.version 
_software.citation_id 
_software.pdbx_ordinal 
X-PLOR 'model building' . ? 1 
X-PLOR refinement       . ? 2 
X-PLOR phasing          . ? 3 
# 
_cell.entry_id           1COD 
_cell.length_a           1.000 
_cell.length_b           1.000 
_cell.length_c           1.000 
_cell.angle_alpha        90.00 
_cell.angle_beta         90.00 
_cell.angle_gamma        90.00 
_cell.Z_PDB              1 
_cell.pdbx_unique_axis   ? 
# 
_symmetry.entry_id                         1COD 
_symmetry.space_group_name_H-M             'P 1' 
_symmetry.pdbx_full_space_group_name_H-M   ? 
_symmetry.cell_setting                     ? 
_symmetry.Int_Tables_number                1 
# 
_exptl.entry_id          1COD 
_exptl.method            'SOLUTION NMR' 
_exptl.crystals_number   ? 
# 
_struct.entry_id                  1COD 
_struct.title                     
'SOLUTION CONFORMATION OF COBROTOXIN: A NUCLEAR MAGNETIC RESONANCE AND HYBRID DISTANCE GEOMETRY-DYNAMICAL SIMULATED ANNEALING STUDY' 
_struct.pdbx_model_details        ? 
_struct.pdbx_CASP_flag            ? 
_struct.pdbx_model_type_details   ? 
# 
_struct_keywords.entry_id        1COD 
_struct_keywords.pdbx_keywords   'SHORT NEUROTOXIN' 
_struct_keywords.text            'SHORT NEUROTOXIN' 
# 
_struct_asym.id                            A 
_struct_asym.pdbx_blank_PDB_chainid_flag   Y 
_struct_asym.pdbx_modified                 N 
_struct_asym.entity_id                     1 
_struct_asym.details                       ? 
# 
_struct_ref.id                         1 
_struct_ref.db_name                    UNP 
_struct_ref.db_code                    NXS1_NAJAT 
_struct_ref.entity_id                  1 
_struct_ref.pdbx_db_accession          P01430 
_struct_ref.pdbx_align_begin           1 
_struct_ref.pdbx_seq_one_letter_code   
;MKTLLLTLLVVTIVCLDLGYTLECHNQQSSQTPTTTGCSGGETNCYKKRWRDHRGYRTERGCGCPSVKNGIEINCCTTDR
CNN
;
_struct_ref.pdbx_db_isoform            ? 
# 
_struct_ref_seq.align_id                      1 
_struct_ref_seq.ref_id                        1 
_struct_ref_seq.pdbx_PDB_id_code              1COD 
_struct_ref_seq.pdbx_strand_id                A 
_struct_ref_seq.seq_align_beg                 1 
_struct_ref_seq.pdbx_seq_align_beg_ins_code   ? 
_struct_ref_seq.seq_align_end                 62 
_struct_ref_seq.pdbx_seq_align_end_ins_code   ? 
_struct_ref_seq.pdbx_db_accession             P01430 
_struct_ref_seq.db_align_beg                  22 
_struct_ref_seq.pdbx_db_align_beg_ins_code    ? 
_struct_ref_seq.db_align_end                  83 
_struct_ref_seq.pdbx_db_align_end_ins_code    ? 
_struct_ref_seq.pdbx_auth_seq_align_beg       1 
_struct_ref_seq.pdbx_auth_seq_align_end       62 
# 
_pdbx_struct_assembly.id                   1 
_pdbx_struct_assembly.details              author_defined_assembly 
_pdbx_struct_assembly.method_details       ? 
_pdbx_struct_assembly.oligomeric_details   monomeric 
_pdbx_struct_assembly.oligomeric_count     1 
# 
_pdbx_struct_assembly_gen.assembly_id       1 
_pdbx_struct_assembly_gen.oper_expression   1 
_pdbx_struct_assembly_gen.asym_id_list      A 
# 
_pdbx_struct_oper_list.id                   1 
_pdbx_struct_oper_list.type                 'identity operation' 
_pdbx_struct_oper_list.name                 1_555 
_pdbx_struct_oper_list.symmetry_operation   x,y,z 
_pdbx_struct_oper_list.matrix[1][1]         1.0000000000 
_pdbx_struct_oper_list.matrix[1][2]         0.0000000000 
_pdbx_struct_oper_list.matrix[1][3]         0.0000000000 
_pdbx_struct_oper_list.vector[1]            0.0000000000 
_pdbx_struct_oper_list.matrix[2][1]         0.0000000000 
_pdbx_struct_oper_list.matrix[2][2]         1.0000000000 
_pdbx_struct_oper_list.matrix[2][3]         0.0000000000 
_pdbx_struct_oper_list.vector[2]            0.0000000000 
_pdbx_struct_oper_list.matrix[3][1]         0.0000000000 
_pdbx_struct_oper_list.matrix[3][2]         0.0000000000 
_pdbx_struct_oper_list.matrix[3][3]         1.0000000000 
_pdbx_struct_oper_list.vector[3]            0.0000000000 
# 
_struct_biol.id   1 
# 
loop_
_struct_conn.id 
_struct_conn.conn_type_id 
_struct_conn.pdbx_leaving_atom_flag 
_struct_conn.pdbx_PDB_id 
_struct_conn.ptnr1_label_asym_id 
_struct_conn.ptnr1_label_comp_id 
_struct_conn.ptnr1_label_seq_id 
_struct_conn.ptnr1_label_atom_id 
_struct_conn.pdbx_ptnr1_label_alt_id 
_struct_conn.pdbx_ptnr1_PDB_ins_code 
_struct_conn.pdbx_ptnr1_standard_comp_id 
_struct_conn.ptnr1_symmetry 
_struct_conn.ptnr2_label_asym_id 
_struct_conn.ptnr2_label_comp_id 
_struct_conn.ptnr2_label_seq_id 
_struct_conn.ptnr2_label_atom_id 
_struct_conn.pdbx_ptnr2_label_alt_id 
_struct_conn.pdbx_ptnr2_PDB_ins_code 
_struct_conn.ptnr1_auth_asym_id 
_struct_conn.ptnr1_auth_comp_id 
_struct_conn.ptnr1_auth_seq_id 
_struct_conn.ptnr2_auth_asym_id 
_struct_conn.ptnr2_auth_comp_id 
_struct_conn.ptnr2_auth_seq_id 
_struct_conn.ptnr2_symmetry 
_struct_conn.pdbx_ptnr3_label_atom_id 
_struct_conn.pdbx_ptnr3_label_seq_id 
_struct_conn.pdbx_ptnr3_label_comp_id 
_struct_conn.pdbx_ptnr3_label_asym_id 
_struct_conn.pdbx_ptnr3_label_alt_id 
_struct_conn.pdbx_ptnr3_PDB_ins_code 
_struct_conn.details 
_struct_conn.pdbx_dist_value 
_struct_conn.pdbx_value_order 
_struct_conn.pdbx_role 
disulf1 disulf ? ? A CYS 3  SG ? ? ? 1_555 A CYS 24 SG ? ? A CYS 3  A CYS 24 1_555 ? ? ? ? ? ? ? 1.404 ? ? 
disulf2 disulf ? ? A CYS 17 SG ? ? ? 1_555 A CYS 41 SG ? ? A CYS 17 A CYS 41 1_555 ? ? ? ? ? ? ? 1.442 ? ? 
disulf3 disulf ? ? A CYS 43 SG ? ? ? 1_555 A CYS 54 SG ? ? A CYS 43 A CYS 54 1_555 ? ? ? ? ? ? ? 1.331 ? ? 
disulf4 disulf ? ? A CYS 55 SG ? ? ? 1_555 A CYS 60 SG ? ? A CYS 55 A CYS 60 1_555 ? ? ? ? ? ? ? 1.837 ? ? 
# 
_struct_conn_type.id          disulf 
_struct_conn_type.criteria    ? 
_struct_conn_type.reference   ? 
# 
loop_
_pdbx_modification_feature.ordinal 
_pdbx_modification_feature.label_comp_id 
_pdbx_modification_feature.label_asym_id 
_pdbx_modification_feature.label_seq_id 
_pdbx_modification_feature.label_alt_id 
_pdbx_modification_feature.modified_residue_label_comp_id 
_pdbx_modification_feature.modified_residue_label_asym_id 
_pdbx_modification_feature.modified_residue_label_seq_id 
_pdbx_modification_feature.modified_residue_label_alt_id 
_pdbx_modification_feature.auth_comp_id 
_pdbx_modification_feature.auth_asym_id 
_pdbx_modification_feature.auth_seq_id 
_pdbx_modification_feature.PDB_ins_code 
_pdbx_modification_feature.symmetry 
_pdbx_modification_feature.modified_residue_auth_comp_id 
_pdbx_modification_feature.modified_residue_auth_asym_id 
_pdbx_modification_feature.modified_residue_auth_seq_id 
_pdbx_modification_feature.modified_residue_PDB_ins_code 
_pdbx_modification_feature.modified_residue_symmetry 
_pdbx_modification_feature.comp_id_linking_atom 
_pdbx_modification_feature.modified_residue_id_linking_atom 
_pdbx_modification_feature.modified_residue_id 
_pdbx_modification_feature.ref_pcm_id 
_pdbx_modification_feature.ref_comp_id 
_pdbx_modification_feature.type 
_pdbx_modification_feature.category 
1 CYS A 3  ? CYS A 24 ? CYS A 3  ? 1_555 CYS A 24 ? 1_555 SG SG . . . None 'Disulfide bridge' 
2 CYS A 17 ? CYS A 41 ? CYS A 17 ? 1_555 CYS A 41 ? 1_555 SG SG . . . None 'Disulfide bridge' 
3 CYS A 43 ? CYS A 54 ? CYS A 43 ? 1_555 CYS A 54 ? 1_555 SG SG . . . None 'Disulfide bridge' 
4 CYS A 55 ? CYS A 60 ? CYS A 55 ? 1_555 CYS A 60 ? 1_555 SG SG . . . None 'Disulfide bridge' 
# 
loop_
_struct_sheet.id 
_struct_sheet.type 
_struct_sheet.number_strands 
_struct_sheet.details 
S1 ? 2 ? 
S2 ? 3 ? 
# 
loop_
_struct_sheet_order.sheet_id 
_struct_sheet_order.range_id_1 
_struct_sheet_order.range_id_2 
_struct_sheet_order.offset 
_struct_sheet_order.sense 
S1 1 2 ? anti-parallel 
S2 1 2 ? anti-parallel 
S2 2 3 ? parallel      
# 
loop_
_struct_sheet_range.sheet_id 
_struct_sheet_range.id 
_struct_sheet_range.beg_label_comp_id 
_struct_sheet_range.beg_label_asym_id 
_struct_sheet_range.beg_label_seq_id 
_struct_sheet_range.pdbx_beg_PDB_ins_code 
_struct_sheet_range.end_label_comp_id 
_struct_sheet_range.end_label_asym_id 
_struct_sheet_range.end_label_seq_id 
_struct_sheet_range.pdbx_end_PDB_ins_code 
_struct_sheet_range.beg_auth_comp_id 
_struct_sheet_range.beg_auth_asym_id 
_struct_sheet_range.beg_auth_seq_id 
_struct_sheet_range.end_auth_comp_id 
_struct_sheet_range.end_auth_asym_id 
_struct_sheet_range.end_auth_seq_id 
S1 1 CYS A 3  ? GLN A 6  ? CYS A 3  GLN A 6  
S1 2 THR A 13 ? GLY A 16 ? THR A 13 GLY A 16 
S2 1 TYR A 25 ? ARG A 30 ? TYR A 25 ARG A 30 
S2 2 ARG A 36 ? CYS A 41 ? ARG A 36 CYS A 41 
S2 3 GLU A 51 ? THR A 56 ? GLU A 51 THR A 56 
# 
_pdbx_entry_details.entry_id                   1COD 
_pdbx_entry_details.compound_details           ? 
_pdbx_entry_details.source_details             ? 
_pdbx_entry_details.nonpolymer_details         ? 
_pdbx_entry_details.sequence_details           ? 
_pdbx_entry_details.has_ligand_of_interest     ? 
_pdbx_entry_details.has_protein_modification   Y 
# 
loop_
_pdbx_validate_close_contact.id 
_pdbx_validate_close_contact.PDB_model_num 
_pdbx_validate_close_contact.auth_atom_id_1 
_pdbx_validate_close_contact.auth_asym_id_1 
_pdbx_validate_close_contact.auth_comp_id_1 
_pdbx_validate_close_contact.auth_seq_id_1 
_pdbx_validate_close_contact.PDB_ins_code_1 
_pdbx_validate_close_contact.label_alt_id_1 
_pdbx_validate_close_contact.auth_atom_id_2 
_pdbx_validate_close_contact.auth_asym_id_2 
_pdbx_validate_close_contact.auth_comp_id_2 
_pdbx_validate_close_contact.auth_seq_id_2 
_pdbx_validate_close_contact.PDB_ins_code_2 
_pdbx_validate_close_contact.label_alt_id_2 
_pdbx_validate_close_contact.dist 
1  1 O   A SER 45 ? ? N   A VAL 46 ? ? 0.18 
2  1 C   A SER 45 ? ? H   A VAL 46 ? ? 0.20 
3  1 O   A SER 9  ? ? H   A GLN 10 ? ? 0.30 
4  1 O   A SER 45 ? ? H   A VAL 46 ? ? 0.30 
5  1 O   A SER 8  ? ? N   A SER 9  ? ? 0.32 
6  1 O   A SER 9  ? ? N   A GLN 10 ? ? 0.33 
7  1 C   A SER 8  ? ? H   A SER 9  ? ? 0.35 
8  1 O   A SER 18 ? ? N   A GLY 19 ? ? 0.36 
9  1 C   A SER 18 ? ? H   A GLY 19 ? ? 0.37 
10 1 C   A SER 9  ? ? H   A GLN 10 ? ? 0.38 
11 1 O   A SER 8  ? ? H   A SER 9  ? ? 0.43 
12 1 O   A SER 18 ? ? H   A GLY 19 ? ? 0.47 
13 1 C   A GLY 34 ? ? H   A TYR 35 ? ? 0.88 
14 1 H   A CYS 43 ? ? HD3 A PRO 44 ? ? 0.92 
15 1 O   A SER 45 ? ? HB  A VAL 46 ? ? 0.93 
16 1 O   A GLY 34 ? ? N   A TYR 35 ? ? 0.93 
17 1 C   A THR 57 ? ? H   A ASP 58 ? ? 1.10 
18 1 C   A GLY 40 ? ? H   A CYS 41 ? ? 1.12 
19 1 C   A SER 45 ? ? HB  A VAL 46 ? ? 1.17 
20 1 O   A GLY 34 ? ? H   A TYR 35 ? ? 1.18 
21 1 O   A THR 57 ? ? N   A ASP 58 ? ? 1.19 
22 1 O   A GLY 40 ? ? N   A CYS 41 ? ? 1.22 
23 1 C   A GLN 6  ? ? H   A GLN 7  ? ? 1.24 
24 1 C   A HIS 32 ? ? H   A ARG 33 ? ? 1.25 
25 1 N   A CYS 43 ? ? HD3 A PRO 44 ? ? 1.27 
26 1 C   A GLN 10 ? ? H   A THR 11 ? ? 1.27 
27 1 HA  A SER 45 ? ? H   A VAL 46 ? ? 1.27 
28 1 O   A CYS 43 ? ? N   A PRO 44 ? ? 1.28 
29 1 C   A GLY 16 ? ? H   A CYS 17 ? ? 1.29 
30 1 O   A SER 45 ? ? CA  A VAL 46 ? ? 1.29 
31 1 C   A VAL 46 ? ? H   A LYS 47 ? ? 1.32 
32 1 C   A CYS 17 ? ? H   A SER 18 ? ? 1.32 
33 1 O   A SER 45 ? ? CB  A VAL 46 ? ? 1.35 
34 1 O   A GLN 6  ? ? N   A GLN 7  ? ? 1.36 
35 1 C   A ASP 31 ? ? H   A HIS 32 ? ? 1.39 
36 1 O   A GLN 10 ? ? N   A THR 11 ? ? 1.39 
37 1 O   A HIS 32 ? ? N   A ARG 33 ? ? 1.39 
38 1 CA  A SER 45 ? ? H   A VAL 46 ? ? 1.40 
39 1 C   A ASN 61 ? ? H   A ASN 62 ? ? 1.40 
40 1 O   A GLY 16 ? ? N   A CYS 17 ? ? 1.41 
41 1 C   A ASN 5  ? ? H   A GLN 6  ? ? 1.41 
42 1 C   A CYS 43 ? ? CD  A PRO 44 ? ? 1.41 
43 1 O   A VAL 46 ? ? N   A LYS 47 ? ? 1.41 
44 1 O   A CYS 17 ? ? N   A SER 18 ? ? 1.45 
45 1 C   A GLY 19 ? ? H   A GLY 20 ? ? 1.48 
46 1 C   A PRO 44 ? ? H   A SER 45 ? ? 1.49 
47 1 O   A SER 18 ? ? CA  A GLY 19 ? ? 1.51 
48 1 C   A LYS 47 ? ? H   A ASN 48 ? ? 1.51 
49 1 C   A GLY 20 ? ? H   A GLU 21 ? ? 1.51 
50 1 O   A GLY 19 ? ? HA3 A GLY 20 ? ? 1.52 
51 1 O   A ASP 31 ? ? N   A HIS 32 ? ? 1.52 
52 1 O   A ASN 61 ? ? N   A ASN 62 ? ? 1.55 
53 1 HB3 A HIS 32 ? ? N   A ARG 33 ? ? 1.55 
54 1 O   A ASN 5  ? ? N   A GLN 6  ? ? 1.56 
55 1 C   A GLN 7  ? ? H   A SER 8  ? ? 1.57 
56 1 OG  A SER 45 ? ? H   A VAL 46 ? ? 1.57 
57 1 H   A CYS 43 ? ? CD  A PRO 44 ? ? 1.58 
58 1 N   A GLY 19 ? ? H   A GLY 20 ? ? 1.58 
59 1 O   A PRO 44 ? ? N   A SER 45 ? ? 1.58 
60 1 CA  A SER 18 ? ? H   A GLY 19 ? ? 1.60 
61 1 C   A GLY 19 ? ? CA  A GLY 20 ? ? 1.60 
62 1 CA  A GLY 19 ? ? N   A GLY 20 ? ? 1.61 
63 1 O   A SER 8  ? ? CA  A SER 9  ? ? 1.61 
64 1 O   A GLY 19 ? ? N   A GLY 20 ? ? 1.65 
65 1 O   A GLY 20 ? ? N   A GLU 21 ? ? 1.65 
66 1 O   A LYS 47 ? ? N   A ASN 48 ? ? 1.66 
67 1 C   A HIS 32 ? ? CA  A ARG 33 ? ? 1.67 
68 1 CA  A HIS 32 ? ? N   A ARG 33 ? ? 1.68 
69 1 O   A SER 9  ? ? CA  A GLN 10 ? ? 1.68 
70 1 C   A SER 45 ? ? CA  A VAL 46 ? ? 1.71 
71 1 O   A GLN 7  ? ? N   A SER 8  ? ? 1.72 
72 1 O   A HIS 32 ? ? CA  A ARG 33 ? ? 1.73 
73 1 C   A SER 45 ? ? CB  A VAL 46 ? ? 1.76 
74 1 CA  A SER 45 ? ? N   A VAL 46 ? ? 1.77 
75 1 O   A ARG 33 ? ? N   A GLY 34 ? ? 1.78 
76 1 O   A THR 15 ? ? N   A GLY 16 ? ? 1.79 
# 
loop_
_pdbx_validate_rmsd_bond.id 
_pdbx_validate_rmsd_bond.PDB_model_num 
_pdbx_validate_rmsd_bond.auth_atom_id_1 
_pdbx_validate_rmsd_bond.auth_asym_id_1 
_pdbx_validate_rmsd_bond.auth_comp_id_1 
_pdbx_validate_rmsd_bond.auth_seq_id_1 
_pdbx_validate_rmsd_bond.PDB_ins_code_1 
_pdbx_validate_rmsd_bond.label_alt_id_1 
_pdbx_validate_rmsd_bond.auth_atom_id_2 
_pdbx_validate_rmsd_bond.auth_asym_id_2 
_pdbx_validate_rmsd_bond.auth_comp_id_2 
_pdbx_validate_rmsd_bond.auth_seq_id_2 
_pdbx_validate_rmsd_bond.PDB_ins_code_2 
_pdbx_validate_rmsd_bond.label_alt_id_2 
_pdbx_validate_rmsd_bond.bond_value 
_pdbx_validate_rmsd_bond.bond_target_value 
_pdbx_validate_rmsd_bond.bond_deviation 
_pdbx_validate_rmsd_bond.bond_standard_deviation 
_pdbx_validate_rmsd_bond.linker_flag 
1   1 N   A LEU 1  ? ? CA  A LEU 1  ? ? 1.289 1.459 -0.170 0.020 N 
2   1 CA  A LEU 1  ? ? CB  A LEU 1  ? ? 1.270 1.533 -0.263 0.023 N 
3   1 CB  A LEU 1  ? ? CG  A LEU 1  ? ? 0.791 1.521 -0.730 0.029 N 
4   1 CG  A LEU 1  ? ? CD1 A LEU 1  ? ? 0.456 1.514 -1.058 0.037 N 
5   1 CG  A LEU 1  ? ? CD2 A LEU 1  ? ? 0.684 1.514 -0.830 0.037 N 
6   1 CB  A GLU 2  ? ? CG  A GLU 2  ? ? 0.769 1.517 -0.748 0.019 N 
7   1 CG  A GLU 2  ? ? CD  A GLU 2  ? ? 1.131 1.515 -0.384 0.015 N 
8   1 CD  A GLU 2  ? ? OE1 A GLU 2  ? ? 0.387 1.252 -0.865 0.011 N 
9   1 CD  A GLU 2  ? ? OE2 A GLU 2  ? ? 0.540 1.252 -0.712 0.011 N 
10  1 CB  A CYS 3  ? ? SG  A CYS 3  ? ? 1.227 1.812 -0.585 0.016 N 
11  1 CB  A HIS 4  ? ? CG  A HIS 4  ? ? 0.960 1.492 -0.532 0.016 N 
12  1 CG  A HIS 4  ? ? CD2 A HIS 4  ? ? 0.633 1.353 -0.720 0.017 N 
13  1 CG  A HIS 4  ? ? ND1 A HIS 4  ? ? 0.955 1.369 -0.414 0.015 N 
14  1 ND1 A HIS 4  ? ? CE1 A HIS 4  ? ? 0.774 1.323 -0.549 0.015 N 
15  1 CE1 A HIS 4  ? ? NE2 A HIS 4  ? ? 0.711 1.317 -0.606 0.011 N 
16  1 NE2 A HIS 4  ? ? CD2 A HIS 4  ? ? 0.982 1.373 -0.391 0.011 N 
17  1 CB  A ASN 5  ? ? CG  A ASN 5  ? ? 0.902 1.506 -0.604 0.023 N 
18  1 CG  A ASN 5  ? ? OD1 A ASN 5  ? ? 0.305 1.235 -0.930 0.022 N 
19  1 CG  A ASN 5  ? ? ND2 A ASN 5  ? ? 0.657 1.324 -0.667 0.025 N 
20  1 C   A ASN 5  ? ? O   A ASN 5  ? ? 0.948 1.229 -0.281 0.019 N 
21  1 C   A ASN 5  ? ? N   A GLN 6  ? ? 1.030 1.336 -0.306 0.023 Y 
22  1 CB  A GLN 6  ? ? CG  A GLN 6  ? ? 0.574 1.521 -0.947 0.027 N 
23  1 CG  A GLN 6  ? ? CD  A GLN 6  ? ? 1.362 1.506 -0.144 0.023 N 
24  1 CD  A GLN 6  ? ? OE1 A GLN 6  ? ? 0.608 1.235 -0.627 0.022 N 
25  1 CD  A GLN 6  ? ? NE2 A GLN 6  ? ? 0.637 1.324 -0.687 0.025 N 
26  1 C   A GLN 6  ? ? O   A GLN 6  ? ? 0.869 1.229 -0.360 0.019 N 
27  1 C   A GLN 6  ? ? N   A GLN 7  ? ? 0.939 1.336 -0.397 0.023 Y 
28  1 CB  A GLN 7  ? ? CG  A GLN 7  ? ? 0.950 1.521 -0.571 0.027 N 
29  1 CG  A GLN 7  ? ? CD  A GLN 7  ? ? 0.875 1.506 -0.631 0.023 N 
30  1 CD  A GLN 7  ? ? OE1 A GLN 7  ? ? 0.354 1.235 -0.881 0.022 N 
31  1 CD  A GLN 7  ? ? NE2 A GLN 7  ? ? 0.427 1.324 -0.897 0.025 N 
32  1 C   A GLN 7  ? ? O   A GLN 7  ? ? 0.940 1.229 -0.289 0.019 N 
33  1 C   A GLN 7  ? ? N   A SER 8  ? ? 1.135 1.336 -0.201 0.023 Y 
34  1 CA  A SER 8  ? ? CB  A SER 8  ? ? 1.420 1.525 -0.105 0.015 N 
35  1 CB  A SER 8  ? ? OG  A SER 8  ? ? 0.551 1.418 -0.867 0.013 N 
36  1 C   A SER 8  ? ? O   A SER 8  ? ? 0.509 1.229 -0.720 0.019 N 
37  1 C   A SER 8  ? ? N   A SER 9  ? ? 0.690 1.336 -0.646 0.023 Y 
38  1 CA  A SER 9  ? ? CB  A SER 9  ? ? 1.376 1.525 -0.149 0.015 N 
39  1 CB  A SER 9  ? ? OG  A SER 9  ? ? 0.312 1.418 -1.106 0.013 N 
40  1 C   A SER 9  ? ? O   A SER 9  ? ? 0.462 1.229 -0.767 0.019 N 
41  1 C   A SER 9  ? ? N   A GLN 10 ? ? 0.727 1.336 -0.609 0.023 Y 
42  1 CA  A GLN 10 ? ? CB  A GLN 10 ? ? 1.364 1.535 -0.171 0.022 N 
43  1 CB  A GLN 10 ? ? CG  A GLN 10 ? ? 1.192 1.521 -0.329 0.027 N 
44  1 CG  A GLN 10 ? ? CD  A GLN 10 ? ? 0.705 1.506 -0.801 0.023 N 
45  1 CD  A GLN 10 ? ? OE1 A GLN 10 ? ? 0.234 1.235 -1.001 0.022 N 
46  1 CD  A GLN 10 ? ? NE2 A GLN 10 ? ? 0.846 1.324 -0.478 0.025 N 
47  1 C   A GLN 10 ? ? O   A GLN 10 ? ? 0.834 1.229 -0.395 0.019 N 
48  1 C   A GLN 10 ? ? N   A THR 11 ? ? 0.980 1.336 -0.356 0.023 Y 
49  1 CB  A THR 11 ? ? OG1 A THR 11 ? ? 1.063 1.428 -0.365 0.020 N 
50  1 CB  A THR 11 ? ? CG2 A THR 11 ? ? 1.122 1.519 -0.397 0.033 N 
51  1 CB  A THR 13 ? ? OG1 A THR 13 ? ? 0.879 1.428 -0.549 0.020 N 
52  1 CB  A THR 13 ? ? CG2 A THR 13 ? ? 1.007 1.519 -0.512 0.033 N 
53  1 CB  A THR 14 ? ? OG1 A THR 14 ? ? 0.967 1.428 -0.461 0.020 N 
54  1 CB  A THR 14 ? ? CG2 A THR 14 ? ? 0.955 1.519 -0.564 0.033 N 
55  1 C   A THR 14 ? ? O   A THR 14 ? ? 1.104 1.229 -0.125 0.019 N 
56  1 CA  A THR 15 ? ? CB  A THR 15 ? ? 1.316 1.529 -0.213 0.026 N 
57  1 CB  A THR 15 ? ? OG1 A THR 15 ? ? 0.502 1.428 -0.926 0.020 N 
58  1 CB  A THR 15 ? ? CG2 A THR 15 ? ? 0.613 1.519 -0.906 0.033 N 
59  1 C   A THR 15 ? ? O   A THR 15 ? ? 0.971 1.229 -0.258 0.019 N 
60  1 C   A THR 15 ? ? N   A GLY 16 ? ? 1.143 1.336 -0.193 0.023 Y 
61  1 C   A GLY 16 ? ? O   A GLY 16 ? ? 0.854 1.232 -0.378 0.016 N 
62  1 C   A GLY 16 ? ? N   A CYS 17 ? ? 0.982 1.336 -0.354 0.023 Y 
63  1 CA  A CYS 17 ? ? CB  A CYS 17 ? ? 1.162 1.526 -0.364 0.013 N 
64  1 CB  A CYS 17 ? ? SG  A CYS 17 ? ? 1.408 1.812 -0.404 0.016 N 
65  1 CA  A CYS 17 ? ? C   A CYS 17 ? ? 1.260 1.525 -0.265 0.026 N 
66  1 C   A CYS 17 ? ? O   A CYS 17 ? ? 0.810 1.229 -0.419 0.019 N 
67  1 C   A CYS 17 ? ? N   A SER 18 ? ? 0.964 1.336 -0.372 0.023 Y 
68  1 N   A SER 18 ? ? CA  A SER 18 ? ? 1.232 1.459 -0.227 0.020 N 
69  1 CA  A SER 18 ? ? CB  A SER 18 ? ? 1.097 1.525 -0.428 0.015 N 
70  1 CB  A SER 18 ? ? OG  A SER 18 ? ? 0.668 1.418 -0.750 0.013 N 
71  1 CA  A SER 18 ? ? C   A SER 18 ? ? 1.325 1.525 -0.200 0.026 N 
72  1 C   A SER 18 ? ? O   A SER 18 ? ? 0.472 1.229 -0.757 0.019 N 
73  1 C   A SER 18 ? ? N   A GLY 19 ? ? 0.650 1.336 -0.686 0.023 Y 
74  1 N   A GLY 19 ? ? CA  A GLY 19 ? ? 1.295 1.456 -0.161 0.015 N 
75  1 CA  A GLY 19 ? ? C   A GLY 19 ? ? 1.090 1.514 -0.424 0.016 N 
76  1 C   A GLY 19 ? ? O   A GLY 19 ? ? 0.967 1.232 -0.265 0.016 N 
77  1 C   A GLY 19 ? ? N   A GLY 20 ? ? 0.898 1.336 -0.438 0.023 Y 
78  1 N   A GLY 20 ? ? CA  A GLY 20 ? ? 1.053 1.456 -0.403 0.015 N 
79  1 CA  A GLY 20 ? ? C   A GLY 20 ? ? 1.306 1.514 -0.208 0.016 N 
80  1 C   A GLY 20 ? ? O   A GLY 20 ? ? 0.847 1.232 -0.385 0.016 N 
81  1 C   A GLY 20 ? ? N   A GLU 21 ? ? 1.108 1.336 -0.228 0.023 Y 
82  1 N   A GLU 21 ? ? CA  A GLU 21 ? ? 1.286 1.459 -0.173 0.020 N 
83  1 CA  A GLU 21 ? ? CB  A GLU 21 ? ? 1.055 1.535 -0.480 0.022 N 
84  1 CB  A GLU 21 ? ? CG  A GLU 21 ? ? 0.849 1.517 -0.668 0.019 N 
85  1 CG  A GLU 21 ? ? CD  A GLU 21 ? ? 0.536 1.515 -0.979 0.015 N 
86  1 CD  A GLU 21 ? ? OE1 A GLU 21 ? ? 0.559 1.252 -0.693 0.011 N 
87  1 CD  A GLU 21 ? ? OE2 A GLU 21 ? ? 0.332 1.252 -0.920 0.011 N 
88  1 C   A GLU 21 ? ? O   A GLU 21 ? ? 1.055 1.229 -0.174 0.019 N 
89  1 C   A GLU 21 ? ? N   A THR 22 ? ? 1.184 1.336 -0.152 0.023 Y 
90  1 CA  A THR 22 ? ? CB  A THR 22 ? ? 1.348 1.529 -0.181 0.026 N 
91  1 CB  A THR 22 ? ? OG1 A THR 22 ? ? 0.452 1.428 -0.976 0.020 N 
92  1 CB  A THR 22 ? ? CG2 A THR 22 ? ? 0.734 1.519 -0.785 0.033 N 
93  1 C   A THR 22 ? ? O   A THR 22 ? ? 1.061 1.229 -0.168 0.019 N 
94  1 CB  A ASN 23 ? ? CG  A ASN 23 ? ? 1.054 1.506 -0.452 0.023 N 
95  1 CG  A ASN 23 ? ? OD1 A ASN 23 ? ? 0.243 1.235 -0.992 0.022 N 
96  1 CG  A ASN 23 ? ? ND2 A ASN 23 ? ? 0.758 1.324 -0.566 0.025 N 
97  1 CB  A CYS 24 ? ? SG  A CYS 24 ? ? 1.587 1.812 -0.225 0.016 N 
98  1 CB  A TYR 25 ? ? CG  A TYR 25 ? ? 1.053 1.512 -0.459 0.015 N 
99  1 CG  A TYR 25 ? ? CD2 A TYR 25 ? ? 0.359 1.387 -1.028 0.013 N 
100 1 CG  A TYR 25 ? ? CD1 A TYR 25 ? ? 0.649 1.387 -0.738 0.013 N 
101 1 CD1 A TYR 25 ? ? CE1 A TYR 25 ? ? 0.978 1.389 -0.411 0.015 N 
102 1 CE1 A TYR 25 ? ? CZ  A TYR 25 ? ? 0.358 1.381 -1.023 0.013 N 
103 1 CZ  A TYR 25 ? ? OH  A TYR 25 ? ? 0.963 1.374 -0.411 0.017 N 
104 1 CZ  A TYR 25 ? ? CE2 A TYR 25 ? ? 0.649 1.381 -0.732 0.013 N 
105 1 CE2 A TYR 25 ? ? CD2 A TYR 25 ? ? 0.978 1.389 -0.411 0.015 N 
106 1 CB  A LYS 26 ? ? CG  A LYS 26 ? ? 0.937 1.521 -0.584 0.027 N 
107 1 CG  A LYS 26 ? ? CD  A LYS 26 ? ? 1.092 1.520 -0.428 0.034 N 
108 1 CD  A LYS 26 ? ? CE  A LYS 26 ? ? 0.736 1.508 -0.772 0.025 N 
109 1 CE  A LYS 26 ? ? NZ  A LYS 26 ? ? 0.855 1.486 -0.631 0.025 N 
110 1 CB  A LYS 27 ? ? CG  A LYS 27 ? ? 0.767 1.521 -0.754 0.027 N 
111 1 CG  A LYS 27 ? ? CD  A LYS 27 ? ? 1.182 1.520 -0.338 0.034 N 
112 1 CD  A LYS 27 ? ? CE  A LYS 27 ? ? 0.950 1.508 -0.558 0.025 N 
113 1 CE  A LYS 27 ? ? NZ  A LYS 27 ? ? 1.008 1.486 -0.478 0.025 N 
114 1 CB  A ARG 28 ? ? CG  A ARG 28 ? ? 1.227 1.521 -0.294 0.027 N 
115 1 CG  A ARG 28 ? ? CD  A ARG 28 ? ? 1.225 1.515 -0.290 0.025 N 
116 1 CD  A ARG 28 ? ? NE  A ARG 28 ? ? 0.762 1.460 -0.698 0.017 N 
117 1 NE  A ARG 28 ? ? CZ  A ARG 28 ? ? 1.040 1.326 -0.286 0.013 N 
118 1 CZ  A ARG 28 ? ? NH1 A ARG 28 ? ? 0.503 1.326 -0.823 0.013 N 
119 1 CZ  A ARG 28 ? ? NH2 A ARG 28 ? ? 0.721 1.326 -0.605 0.013 N 
120 1 CG  A TRP 29 ? ? CD1 A TRP 29 ? ? 1.129 1.363 -0.234 0.014 N 
121 1 NE1 A TRP 29 ? ? CE2 A TRP 29 ? ? 1.237 1.371 -0.134 0.013 N 
122 1 CE2 A TRP 29 ? ? CD2 A TRP 29 ? ? 1.262 1.409 -0.147 0.012 N 
123 1 CD2 A TRP 29 ? ? CE3 A TRP 29 ? ? 1.212 1.399 -0.187 0.015 N 
124 1 CZ3 A TRP 29 ? ? CH2 A TRP 29 ? ? 1.246 1.396 -0.150 0.016 N 
125 1 CH2 A TRP 29 ? ? CZ2 A TRP 29 ? ? 1.205 1.369 -0.164 0.019 N 
126 1 C   A TRP 29 ? ? O   A TRP 29 ? ? 1.106 1.229 -0.123 0.019 N 
127 1 C   A TRP 29 ? ? N   A ARG 30 ? ? 1.183 1.336 -0.153 0.023 Y 
128 1 CA  A ARG 30 ? ? CB  A ARG 30 ? ? 1.391 1.535 -0.144 0.022 N 
129 1 CB  A ARG 30 ? ? CG  A ARG 30 ? ? 0.772 1.521 -0.749 0.027 N 
130 1 CG  A ARG 30 ? ? CD  A ARG 30 ? ? 1.025 1.515 -0.490 0.025 N 
131 1 CD  A ARG 30 ? ? NE  A ARG 30 ? ? 0.697 1.460 -0.763 0.017 N 
132 1 NE  A ARG 30 ? ? CZ  A ARG 30 ? ? 0.762 1.326 -0.564 0.013 N 
133 1 CZ  A ARG 30 ? ? NH1 A ARG 30 ? ? 0.649 1.326 -0.677 0.013 N 
134 1 CZ  A ARG 30 ? ? NH2 A ARG 30 ? ? 0.505 1.326 -0.821 0.013 N 
135 1 C   A ARG 30 ? ? O   A ARG 30 ? ? 1.071 1.229 -0.158 0.019 N 
136 1 C   A ARG 30 ? ? N   A ASP 31 ? ? 1.166 1.336 -0.170 0.023 Y 
137 1 CA  A ASP 31 ? ? CB  A ASP 31 ? ? 1.346 1.535 -0.189 0.022 N 
138 1 CB  A ASP 31 ? ? CG  A ASP 31 ? ? 0.975 1.513 -0.538 0.021 N 
139 1 CG  A ASP 31 ? ? OD1 A ASP 31 ? ? 0.407 1.249 -0.842 0.023 N 
140 1 CG  A ASP 31 ? ? OD2 A ASP 31 ? ? 0.541 1.249 -0.708 0.023 N 
141 1 C   A ASP 31 ? ? O   A ASP 31 ? ? 0.841 1.229 -0.388 0.019 N 
142 1 C   A ASP 31 ? ? N   A HIS 32 ? ? 1.045 1.336 -0.291 0.023 Y 
143 1 CA  A HIS 32 ? ? CB  A HIS 32 ? ? 0.770 1.535 -0.765 0.022 N 
144 1 CB  A HIS 32 ? ? CG  A HIS 32 ? ? 1.013 1.492 -0.479 0.016 N 
145 1 CG  A HIS 32 ? ? CD2 A HIS 32 ? ? 0.567 1.353 -0.786 0.017 N 
146 1 CG  A HIS 32 ? ? ND1 A HIS 32 ? ? 0.574 1.369 -0.795 0.015 N 
147 1 ND1 A HIS 32 ? ? CE1 A HIS 32 ? ? 0.857 1.323 -0.466 0.015 N 
148 1 CE1 A HIS 32 ? ? NE2 A HIS 32 ? ? 0.125 1.317 -1.192 0.011 N 
149 1 NE2 A HIS 32 ? ? CD2 A HIS 32 ? ? 0.898 1.373 -0.475 0.011 N 
150 1 CA  A HIS 32 ? ? C   A HIS 32 ? ? 1.121 1.525 -0.404 0.026 N 
151 1 C   A HIS 32 ? ? O   A HIS 32 ? ? 0.831 1.229 -0.398 0.019 N 
152 1 C   A HIS 32 ? ? N   A ARG 33 ? ? 0.829 1.336 -0.507 0.023 Y 
153 1 N   A ARG 33 ? ? CA  A ARG 33 ? ? 1.087 1.459 -0.372 0.020 N 
154 1 CA  A ARG 33 ? ? CB  A ARG 33 ? ? 1.021 1.535 -0.514 0.022 N 
155 1 CB  A ARG 33 ? ? CG  A ARG 33 ? ? 0.586 1.521 -0.935 0.027 N 
156 1 CG  A ARG 33 ? ? CD  A ARG 33 ? ? 0.908 1.515 -0.607 0.025 N 
157 1 CD  A ARG 33 ? ? NE  A ARG 33 ? ? 0.582 1.460 -0.878 0.017 N 
158 1 NE  A ARG 33 ? ? CZ  A ARG 33 ? ? 0.753 1.326 -0.573 0.013 N 
159 1 CZ  A ARG 33 ? ? NH1 A ARG 33 ? ? 0.551 1.326 -0.775 0.013 N 
160 1 CZ  A ARG 33 ? ? NH2 A ARG 33 ? ? 0.380 1.326 -0.946 0.013 N 
161 1 CA  A ARG 33 ? ? C   A ARG 33 ? ? 1.106 1.525 -0.419 0.026 N 
162 1 C   A ARG 33 ? ? O   A ARG 33 ? ? 0.732 1.229 -0.497 0.019 N 
163 1 N   A GLY 34 ? ? CA  A GLY 34 ? ? 1.105 1.456 -0.351 0.015 N 
164 1 CA  A GLY 34 ? ? C   A GLY 34 ? ? 1.409 1.514 -0.105 0.016 N 
165 1 C   A GLY 34 ? ? O   A GLY 34 ? ? 0.570 1.232 -0.662 0.016 N 
166 1 C   A GLY 34 ? ? N   A TYR 35 ? ? 0.884 1.336 -0.452 0.023 Y 
167 1 CA  A TYR 35 ? ? CB  A TYR 35 ? ? 1.388 1.535 -0.147 0.022 N 
168 1 CB  A TYR 35 ? ? CG  A TYR 35 ? ? 0.804 1.512 -0.708 0.015 N 
169 1 CG  A TYR 35 ? ? CD2 A TYR 35 ? ? 0.786 1.387 -0.601 0.013 N 
170 1 CG  A TYR 35 ? ? CD1 A TYR 35 ? ? 0.542 1.387 -0.845 0.013 N 
171 1 CD1 A TYR 35 ? ? CE1 A TYR 35 ? ? 0.745 1.389 -0.644 0.015 N 
172 1 CE1 A TYR 35 ? ? CZ  A TYR 35 ? ? 0.788 1.381 -0.593 0.013 N 
173 1 CZ  A TYR 35 ? ? OH  A TYR 35 ? ? 0.735 1.374 -0.639 0.017 N 
174 1 CZ  A TYR 35 ? ? CE2 A TYR 35 ? ? 0.543 1.381 -0.838 0.013 N 
175 1 CE2 A TYR 35 ? ? CD2 A TYR 35 ? ? 0.747 1.389 -0.642 0.015 N 
176 1 CB  A ARG 36 ? ? CG  A ARG 36 ? ? 1.227 1.521 -0.294 0.027 N 
177 1 CG  A ARG 36 ? ? CD  A ARG 36 ? ? 0.858 1.515 -0.657 0.025 N 
178 1 CD  A ARG 36 ? ? NE  A ARG 36 ? ? 0.816 1.460 -0.644 0.017 N 
179 1 NE  A ARG 36 ? ? CZ  A ARG 36 ? ? 0.864 1.326 -0.462 0.013 N 
180 1 CZ  A ARG 36 ? ? NH1 A ARG 36 ? ? 0.448 1.326 -0.878 0.013 N 
181 1 CZ  A ARG 36 ? ? NH2 A ARG 36 ? ? 0.758 1.326 -0.568 0.013 N 
182 1 CB  A GLU 38 ? ? CG  A GLU 38 ? ? 0.879 1.517 -0.638 0.019 N 
183 1 CG  A GLU 38 ? ? CD  A GLU 38 ? ? 1.068 1.515 -0.447 0.015 N 
184 1 CD  A GLU 38 ? ? OE1 A GLU 38 ? ? 0.512 1.252 -0.740 0.011 N 
185 1 CD  A GLU 38 ? ? OE2 A GLU 38 ? ? 0.646 1.252 -0.606 0.011 N 
186 1 CB  A ARG 39 ? ? CG  A ARG 39 ? ? 0.928 1.521 -0.593 0.027 N 
187 1 CG  A ARG 39 ? ? CD  A ARG 39 ? ? 0.717 1.515 -0.798 0.025 N 
188 1 CD  A ARG 39 ? ? NE  A ARG 39 ? ? 0.637 1.460 -0.823 0.017 N 
189 1 NE  A ARG 39 ? ? CZ  A ARG 39 ? ? 0.589 1.326 -0.737 0.013 N 
190 1 CZ  A ARG 39 ? ? NH1 A ARG 39 ? ? 0.758 1.326 -0.568 0.013 N 
191 1 CZ  A ARG 39 ? ? NH2 A ARG 39 ? ? 0.546 1.326 -0.780 0.013 N 
192 1 C   A GLY 40 ? ? O   A GLY 40 ? ? 0.786 1.232 -0.446 0.016 N 
193 1 C   A GLY 40 ? ? N   A CYS 41 ? ? 0.937 1.336 -0.399 0.023 Y 
194 1 CB  A CYS 41 ? ? SG  A CYS 41 ? ? 0.828 1.812 -0.984 0.016 N 
195 1 C   A GLY 42 ? ? O   A GLY 42 ? ? 1.069 1.232 -0.163 0.016 N 
196 1 CB  A CYS 43 ? ? SG  A CYS 43 ? ? 1.570 1.812 -0.242 0.016 N 
197 1 C   A CYS 43 ? ? O   A CYS 43 ? ? 0.821 1.229 -0.408 0.019 N 
198 1 C   A CYS 43 ? ? N   A PRO 44 ? ? 0.917 1.338 -0.421 0.019 Y 
199 1 CA  A PRO 44 ? ? CB  A PRO 44 ? ? 0.905 1.531 -0.626 0.020 N 
200 1 CG  A PRO 44 ? ? CD  A PRO 44 ? ? 1.277 1.502 -0.225 0.033 N 
201 1 CD  A PRO 44 ? ? N   A PRO 44 ? ? 1.004 1.474 -0.470 0.014 N 
202 1 CA  A PRO 44 ? ? C   A PRO 44 ? ? 1.030 1.524 -0.494 0.020 N 
203 1 C   A PRO 44 ? ? O   A PRO 44 ? ? 0.468 1.228 -0.760 0.020 N 
204 1 N   A SER 45 ? ? CA  A SER 45 ? ? 1.046 1.459 -0.413 0.020 N 
205 1 CA  A SER 45 ? ? CB  A SER 45 ? ? 0.381 1.525 -1.144 0.015 N 
206 1 CB  A SER 45 ? ? OG  A SER 45 ? ? 0.482 1.418 -0.936 0.013 N 
207 1 CA  A SER 45 ? ? C   A SER 45 ? ? 1.219 1.525 -0.306 0.026 N 
208 1 C   A SER 45 ? ? O   A SER 45 ? ? 0.435 1.229 -0.794 0.019 N 
209 1 C   A SER 45 ? ? N   A VAL 46 ? ? 0.551 1.336 -0.785 0.023 Y 
210 1 N   A VAL 46 ? ? CA  A VAL 46 ? ? 1.165 1.459 -0.294 0.020 N 
211 1 CA  A VAL 46 ? ? CB  A VAL 46 ? ? 0.885 1.543 -0.658 0.021 N 
212 1 CB  A VAL 46 ? ? CG1 A VAL 46 ? ? 1.107 1.524 -0.417 0.021 N 
213 1 CB  A VAL 46 ? ? CG2 A VAL 46 ? ? 0.845 1.524 -0.679 0.021 N 
214 1 CA  A VAL 46 ? ? C   A VAL 46 ? ? 1.313 1.525 -0.212 0.026 N 
215 1 C   A VAL 46 ? ? O   A VAL 46 ? ? 0.638 1.229 -0.591 0.019 N 
216 1 C   A VAL 46 ? ? N   A LYS 47 ? ? 1.090 1.336 -0.246 0.023 Y 
217 1 N   A LYS 47 ? ? CA  A LYS 47 ? ? 1.299 1.459 -0.160 0.020 N 
218 1 CA  A LYS 47 ? ? CB  A LYS 47 ? ? 1.143 1.535 -0.392 0.022 N 
219 1 CB  A LYS 47 ? ? CG  A LYS 47 ? ? 0.632 1.521 -0.889 0.027 N 
220 1 CG  A LYS 47 ? ? CD  A LYS 47 ? ? 0.550 1.520 -0.970 0.034 N 
221 1 CD  A LYS 47 ? ? CE  A LYS 47 ? ? 0.522 1.508 -0.986 0.025 N 
222 1 CE  A LYS 47 ? ? NZ  A LYS 47 ? ? 0.560 1.486 -0.926 0.025 N 
223 1 C   A LYS 47 ? ? O   A LYS 47 ? ? 0.900 1.229 -0.329 0.019 N 
224 1 C   A LYS 47 ? ? N   A ASN 48 ? ? 1.093 1.336 -0.243 0.023 Y 
225 1 CA  A ASN 48 ? ? CB  A ASN 48 ? ? 1.341 1.527 -0.186 0.026 N 
226 1 CB  A ASN 48 ? ? CG  A ASN 48 ? ? 0.939 1.506 -0.567 0.023 N 
227 1 CG  A ASN 48 ? ? OD1 A ASN 48 ? ? 0.507 1.235 -0.728 0.022 N 
228 1 CG  A ASN 48 ? ? ND2 A ASN 48 ? ? 0.521 1.324 -0.803 0.025 N 
229 1 CG1 A ILE 50 ? ? CD1 A ILE 50 ? ? 1.056 1.500 -0.444 0.069 N 
230 1 CB  A GLU 51 ? ? CG  A GLU 51 ? ? 1.332 1.517 -0.185 0.019 N 
231 1 CG  A GLU 51 ? ? CD  A GLU 51 ? ? 0.832 1.515 -0.683 0.015 N 
232 1 CD  A GLU 51 ? ? OE1 A GLU 51 ? ? 0.617 1.252 -0.635 0.011 N 
233 1 CD  A GLU 51 ? ? OE2 A GLU 51 ? ? 0.100 1.252 -1.152 0.011 N 
234 1 CB  A ILE 52 ? ? CG1 A ILE 52 ? ? 1.201 1.536 -0.335 0.028 N 
235 1 CB  A ILE 52 ? ? CG2 A ILE 52 ? ? 1.214 1.524 -0.310 0.031 N 
236 1 CB  A ASN 53 ? ? CG  A ASN 53 ? ? 1.290 1.506 -0.216 0.023 N 
237 1 CG  A ASN 53 ? ? OD1 A ASN 53 ? ? 0.531 1.235 -0.704 0.022 N 
238 1 CG  A ASN 53 ? ? ND2 A ASN 53 ? ? 0.680 1.324 -0.644 0.025 N 
239 1 CB  A CYS 54 ? ? SG  A CYS 54 ? ? 1.548 1.812 -0.264 0.016 N 
240 1 CB  A CYS 55 ? ? SG  A CYS 55 ? ? 1.328 1.812 -0.484 0.016 N 
241 1 CB  A THR 57 ? ? OG1 A THR 57 ? ? 1.038 1.428 -0.390 0.020 N 
242 1 CB  A THR 57 ? ? CG2 A THR 57 ? ? 1.120 1.519 -0.399 0.033 N 
243 1 C   A THR 57 ? ? O   A THR 57 ? ? 0.765 1.229 -0.464 0.019 N 
244 1 C   A THR 57 ? ? N   A ASP 58 ? ? 0.937 1.336 -0.399 0.023 Y 
245 1 CB  A ASP 58 ? ? CG  A ASP 58 ? ? 1.239 1.513 -0.274 0.021 N 
246 1 CG  A ASP 58 ? ? OD1 A ASP 58 ? ? 0.649 1.249 -0.600 0.023 N 
247 1 CG  A ASP 58 ? ? OD2 A ASP 58 ? ? 0.792 1.249 -0.457 0.023 N 
248 1 CB  A ARG 59 ? ? CG  A ARG 59 ? ? 0.721 1.521 -0.800 0.027 N 
249 1 CG  A ARG 59 ? ? CD  A ARG 59 ? ? 1.135 1.515 -0.380 0.025 N 
250 1 CD  A ARG 59 ? ? NE  A ARG 59 ? ? 0.956 1.460 -0.504 0.017 N 
251 1 NE  A ARG 59 ? ? CZ  A ARG 59 ? ? 0.843 1.326 -0.483 0.013 N 
252 1 CZ  A ARG 59 ? ? NH1 A ARG 59 ? ? 0.431 1.326 -0.895 0.013 N 
253 1 CZ  A ARG 59 ? ? NH2 A ARG 59 ? ? 0.481 1.326 -0.845 0.013 N 
254 1 CB  A CYS 60 ? ? SG  A CYS 60 ? ? 1.392 1.812 -0.420 0.016 N 
255 1 CB  A ASN 61 ? ? CG  A ASN 61 ? ? 0.350 1.506 -1.156 0.023 N 
256 1 CG  A ASN 61 ? ? OD1 A ASN 61 ? ? 0.134 1.235 -1.101 0.022 N 
257 1 CG  A ASN 61 ? ? ND2 A ASN 61 ? ? 0.349 1.324 -0.975 0.025 N 
258 1 C   A ASN 61 ? ? O   A ASN 61 ? ? 0.934 1.229 -0.295 0.019 N 
259 1 C   A ASN 61 ? ? N   A ASN 62 ? ? 0.993 1.336 -0.343 0.023 Y 
260 1 CA  A ASN 62 ? ? CB  A ASN 62 ? ? 0.746 1.527 -0.781 0.026 N 
261 1 CB  A ASN 62 ? ? CG  A ASN 62 ? ? 0.970 1.506 -0.536 0.023 N 
262 1 CG  A ASN 62 ? ? OD1 A ASN 62 ? ? 0.417 1.235 -0.818 0.022 N 
263 1 CG  A ASN 62 ? ? ND2 A ASN 62 ? ? 0.853 1.324 -0.471 0.025 N 
264 1 CA  A ASN 62 ? ? C   A ASN 62 ? ? 0.538 1.525 -0.987 0.026 N 
265 1 C   A ASN 62 ? ? O   A ASN 62 ? ? 0.545 1.229 -0.684 0.019 N 
266 1 C   A ASN 62 ? ? OXT A ASN 62 ? ? 0.222 1.229 -1.007 0.019 N 
# 
loop_
_pdbx_validate_rmsd_angle.id 
_pdbx_validate_rmsd_angle.PDB_model_num 
_pdbx_validate_rmsd_angle.auth_atom_id_1 
_pdbx_validate_rmsd_angle.auth_asym_id_1 
_pdbx_validate_rmsd_angle.auth_comp_id_1 
_pdbx_validate_rmsd_angle.auth_seq_id_1 
_pdbx_validate_rmsd_angle.PDB_ins_code_1 
_pdbx_validate_rmsd_angle.label_alt_id_1 
_pdbx_validate_rmsd_angle.auth_atom_id_2 
_pdbx_validate_rmsd_angle.auth_asym_id_2 
_pdbx_validate_rmsd_angle.auth_comp_id_2 
_pdbx_validate_rmsd_angle.auth_seq_id_2 
_pdbx_validate_rmsd_angle.PDB_ins_code_2 
_pdbx_validate_rmsd_angle.label_alt_id_2 
_pdbx_validate_rmsd_angle.auth_atom_id_3 
_pdbx_validate_rmsd_angle.auth_asym_id_3 
_pdbx_validate_rmsd_angle.auth_comp_id_3 
_pdbx_validate_rmsd_angle.auth_seq_id_3 
_pdbx_validate_rmsd_angle.PDB_ins_code_3 
_pdbx_validate_rmsd_angle.label_alt_id_3 
_pdbx_validate_rmsd_angle.angle_value 
_pdbx_validate_rmsd_angle.angle_target_value 
_pdbx_validate_rmsd_angle.angle_deviation 
_pdbx_validate_rmsd_angle.angle_standard_deviation 
_pdbx_validate_rmsd_angle.linker_flag 
1   1 CA  A LEU 1  ? ? CB  A LEU 1  ? ? CG  A LEU 1  ? ? 132.68 115.30 17.38   2.30 N 
2   1 CD1 A LEU 1  ? ? CG  A LEU 1  ? ? CD2 A LEU 1  ? ? 24.19  110.50 -86.31  3.00 N 
3   1 CB  A LEU 1  ? ? CG  A LEU 1  ? ? CD1 A LEU 1  ? ? 147.63 111.00 36.63   1.70 N 
4   1 CB  A LEU 1  ? ? CG  A LEU 1  ? ? CD2 A LEU 1  ? ? 169.31 111.00 58.31   1.70 N 
5   1 CA  A GLU 2  ? ? CB  A GLU 2  ? ? CG  A GLU 2  ? ? 174.25 113.40 60.85   2.20 N 
6   1 CB  A GLU 2  ? ? CG  A GLU 2  ? ? CD  A GLU 2  ? ? 177.03 114.20 62.83   2.70 N 
7   1 OE1 A GLU 2  ? ? CD  A GLU 2  ? ? OE2 A GLU 2  ? ? 48.79  123.30 -74.51  1.20 N 
8   1 CG  A GLU 2  ? ? CD  A GLU 2  ? ? OE1 A GLU 2  ? ? 151.48 118.30 33.18   2.00 N 
9   1 CG  A GLU 2  ? ? CD  A GLU 2  ? ? OE2 A GLU 2  ? ? 159.73 118.30 41.43   2.00 N 
10  1 CA  A CYS 3  ? ? CB  A CYS 3  ? ? SG  A CYS 3  ? ? 128.55 114.20 14.35   1.10 N 
11  1 CA  A HIS 4  ? ? CB  A HIS 4  ? ? CG  A HIS 4  ? ? 130.33 113.60 16.73   1.70 N 
12  1 ND1 A HIS 4  ? ? CG  A HIS 4  ? ? CD2 A HIS 4  ? ? 95.51  106.00 -10.49  1.40 N 
13  1 CB  A HIS 4  ? ? CG  A HIS 4  ? ? ND1 A HIS 4  ? ? 140.69 123.20 17.49   2.50 N 
14  1 CG  A HIS 4  ? ? ND1 A HIS 4  ? ? CE1 A HIS 4  ? ? 127.54 109.00 18.54   1.00 N 
15  1 ND1 A HIS 4  ? ? CE1 A HIS 4  ? ? NE2 A HIS 4  ? ? 87.12  108.50 -21.38  1.10 N 
16  1 CE1 A HIS 4  ? ? NE2 A HIS 4  ? ? CD2 A HIS 4  ? ? 122.11 109.00 13.11   0.70 N 
17  1 CA  A ASN 5  ? ? CB  A ASN 5  ? ? CG  A ASN 5  ? ? 144.86 113.40 31.46   2.20 N 
18  1 OD1 A ASN 5  ? ? CG  A ASN 5  ? ? ND2 A ASN 5  ? ? 82.29  121.90 -39.61  2.30 N 
19  1 CB  A ASN 5  ? ? CG  A ASN 5  ? ? ND2 A ASN 5  ? ? 154.87 116.70 38.17   2.40 N 
20  1 O   A ASN 5  ? ? C   A ASN 5  ? ? N   A GLN 6  ? ? 103.83 122.70 -18.87  1.60 Y 
21  1 CA  A GLN 6  ? ? CB  A GLN 6  ? ? CG  A GLN 6  ? ? 161.85 113.40 48.45   2.20 N 
22  1 CB  A GLN 6  ? ? CG  A GLN 6  ? ? CD  A GLN 6  ? ? 160.42 111.60 48.82   2.60 N 
23  1 OE1 A GLN 6  ? ? CD  A GLN 6  ? ? NE2 A GLN 6  ? ? 51.88  121.90 -70.02  2.30 N 
24  1 CG  A GLN 6  ? ? CD  A GLN 6  ? ? OE1 A GLN 6  ? ? 154.57 121.60 32.97   2.00 N 
25  1 CG  A GLN 6  ? ? CD  A GLN 6  ? ? NE2 A GLN 6  ? ? 153.55 116.70 36.85   2.40 N 
26  1 O   A GLN 6  ? ? C   A GLN 6  ? ? N   A GLN 7  ? ? 97.90  122.70 -24.80  1.60 Y 
27  1 CB  A GLN 7  ? ? CG  A GLN 7  ? ? CD  A GLN 7  ? ? 136.41 111.60 24.81   2.60 N 
28  1 OE1 A GLN 7  ? ? CD  A GLN 7  ? ? NE2 A GLN 7  ? ? 45.07  121.90 -76.83  2.30 N 
29  1 CG  A GLN 7  ? ? CD  A GLN 7  ? ? OE1 A GLN 7  ? ? 156.34 121.60 34.74   2.00 N 
30  1 CG  A GLN 7  ? ? CD  A GLN 7  ? ? NE2 A GLN 7  ? ? 158.59 116.70 41.89   2.40 N 
31  1 O   A GLN 7  ? ? C   A GLN 7  ? ? N   A SER 8  ? ? 111.49 122.70 -11.21  1.60 Y 
32  1 CA  A SER 8  ? ? CB  A SER 8  ? ? OG  A SER 8  ? ? 167.91 111.20 56.71   2.70 N 
33  1 CA  A SER 8  ? ? C   A SER 8  ? ? O   A SER 8  ? ? 166.04 120.10 45.94   2.10 N 
34  1 CA  A SER 8  ? ? C   A SER 8  ? ? N   A SER 9  ? ? 168.45 117.20 51.25   2.20 Y 
35  1 O   A SER 8  ? ? C   A SER 8  ? ? N   A SER 9  ? ? 25.51  122.70 -97.19  1.60 Y 
36  1 C   A SER 8  ? ? N   A SER 9  ? ? CA  A SER 9  ? ? 168.96 121.70 47.26   2.50 Y 
37  1 CA  A SER 9  ? ? CB  A SER 9  ? ? OG  A SER 9  ? ? 127.75 111.20 16.55   2.70 N 
38  1 CA  A SER 9  ? ? C   A SER 9  ? ? O   A SER 9  ? ? 168.15 120.10 48.05   2.10 N 
39  1 CA  A SER 9  ? ? C   A SER 9  ? ? N   A GLN 10 ? ? 171.59 117.20 54.39   2.20 Y 
40  1 O   A SER 9  ? ? C   A SER 9  ? ? N   A GLN 10 ? ? 20.26  122.70 -102.44 1.60 Y 
41  1 C   A SER 9  ? ? N   A GLN 10 ? ? CA  A GLN 10 ? ? 171.85 121.70 50.15   2.50 Y 
42  1 CB  A GLN 10 ? ? CG  A GLN 10 ? ? CD  A GLN 10 ? ? 158.90 111.60 47.30   2.60 N 
43  1 OE1 A GLN 10 ? ? CD  A GLN 10 ? ? NE2 A GLN 10 ? ? 163.82 121.90 41.92   2.30 N 
44  1 CG  A GLN 10 ? ? CD  A GLN 10 ? ? OE1 A GLN 10 ? ? 23.01  121.60 -98.59  2.00 N 
45  1 CG  A GLN 10 ? ? CD  A GLN 10 ? ? NE2 A GLN 10 ? ? 173.17 116.70 56.47   2.40 N 
46  1 CA  A GLN 10 ? ? C   A GLN 10 ? ? N   A THR 11 ? ? 131.84 117.20 14.64   2.20 Y 
47  1 O   A GLN 10 ? ? C   A GLN 10 ? ? N   A THR 11 ? ? 99.95  122.70 -22.75  1.60 Y 
48  1 OG1 A THR 13 ? ? CB  A THR 13 ? ? CG2 A THR 13 ? ? 91.53  110.00 -18.47  2.30 N 
49  1 CA  A THR 13 ? ? CB  A THR 13 ? ? CG2 A THR 13 ? ? 127.30 112.40 14.90   1.40 N 
50  1 OG1 A THR 15 ? ? CB  A THR 15 ? ? CG2 A THR 15 ? ? 74.44  110.00 -35.56  2.30 N 
51  1 CA  A THR 15 ? ? CB  A THR 15 ? ? OG1 A THR 15 ? ? 132.33 109.00 23.33   2.10 N 
52  1 CA  A THR 15 ? ? CB  A THR 15 ? ? CG2 A THR 15 ? ? 138.21 112.40 25.81   1.40 N 
53  1 CA  A GLY 16 ? ? C   A GLY 16 ? ? N   A CYS 17 ? ? 130.86 117.20 13.66   2.20 Y 
54  1 O   A GLY 16 ? ? C   A GLY 16 ? ? N   A CYS 17 ? ? 100.20 122.70 -22.50  1.60 Y 
55  1 O   A CYS 17 ? ? C   A CYS 17 ? ? N   A SER 18 ? ? 109.74 122.70 -12.96  1.60 Y 
56  1 N   A SER 18 ? ? CA  A SER 18 ? ? CB  A SER 18 ? ? 92.11  110.50 -18.39  1.50 N 
57  1 CA  A SER 18 ? ? C   A SER 18 ? ? O   A SER 18 ? ? 162.14 120.10 42.04   2.10 N 
58  1 CA  A SER 18 ? ? C   A SER 18 ? ? N   A GLY 19 ? ? 165.57 116.20 49.37   2.00 Y 
59  1 O   A SER 18 ? ? C   A SER 18 ? ? N   A GLY 19 ? ? 32.29  123.20 -90.91  1.70 Y 
60  1 C   A SER 18 ? ? N   A GLY 19 ? ? CA  A GLY 19 ? ? 165.99 122.30 43.69   2.10 Y 
61  1 CA  A GLU 21 ? ? CB  A GLU 21 ? ? CG  A GLU 21 ? ? 79.80  113.40 -33.60  2.20 N 
62  1 CB  A GLU 21 ? ? CG  A GLU 21 ? ? CD  A GLU 21 ? ? 140.19 114.20 25.99   2.70 N 
63  1 OE1 A GLU 21 ? ? CD  A GLU 21 ? ? OE2 A GLU 21 ? ? 134.64 123.30 11.34   1.20 N 
64  1 CG  A GLU 21 ? ? CD  A GLU 21 ? ? OE1 A GLU 21 ? ? 144.21 118.30 25.91   2.00 N 
65  1 CG  A GLU 21 ? ? CD  A GLU 21 ? ? OE2 A GLU 21 ? ? 81.15  118.30 -37.15  2.00 N 
66  1 OG1 A THR 22 ? ? CB  A THR 22 ? ? CG2 A THR 22 ? ? 84.11  110.00 -25.89  2.30 N 
67  1 CA  A THR 22 ? ? CB  A THR 22 ? ? CG2 A THR 22 ? ? 140.21 112.40 27.81   1.40 N 
68  1 OD1 A ASN 23 ? ? CG  A ASN 23 ? ? ND2 A ASN 23 ? ? 63.83  121.90 -58.07  2.30 N 
69  1 CB  A ASN 23 ? ? CG  A ASN 23 ? ? ND2 A ASN 23 ? ? 164.80 116.70 48.10   2.40 N 
70  1 CA  A TYR 25 ? ? CB  A TYR 25 ? ? CG  A TYR 25 ? ? 137.77 113.40 24.37   1.90 N 
71  1 CB  A TYR 25 ? ? CG  A TYR 25 ? ? CD2 A TYR 25 ? ? 160.99 121.00 39.99   0.60 N 
72  1 CD1 A TYR 25 ? ? CG  A TYR 25 ? ? CD2 A TYR 25 ? ? 29.29  117.90 -88.61  1.10 N 
73  1 CB  A TYR 25 ? ? CG  A TYR 25 ? ? CD1 A TYR 25 ? ? 169.70 121.00 48.70   0.60 N 
74  1 CG  A TYR 25 ? ? CD1 A TYR 25 ? ? CE1 A TYR 25 ? ? 169.75 121.30 48.45   0.80 N 
75  1 CG  A TYR 25 ? ? CD2 A TYR 25 ? ? CE2 A TYR 25 ? ? 160.91 121.30 39.61   0.80 N 
76  1 CD1 A TYR 25 ? ? CE1 A TYR 25 ? ? CZ  A TYR 25 ? ? 161.13 119.80 41.33   0.90 N 
77  1 OH  A TYR 25 ? ? CZ  A TYR 25 ? ? CE2 A TYR 25 ? ? 169.77 120.10 49.67   2.70 N 
78  1 CE1 A TYR 25 ? ? CZ  A TYR 25 ? ? OH  A TYR 25 ? ? 161.06 120.10 40.96   2.70 N 
79  1 CE1 A TYR 25 ? ? CZ  A TYR 25 ? ? CE2 A TYR 25 ? ? 29.16  119.80 -90.64  1.60 N 
80  1 CZ  A TYR 25 ? ? CE2 A TYR 25 ? ? CD2 A TYR 25 ? ? 169.76 119.80 49.96   0.90 N 
81  1 CA  A LYS 26 ? ? CB  A LYS 26 ? ? CG  A LYS 26 ? ? 132.72 113.40 19.32   2.20 N 
82  1 CB  A LYS 26 ? ? CG  A LYS 26 ? ? CD  A LYS 26 ? ? 153.15 111.60 41.55   2.60 N 
83  1 CG  A LYS 26 ? ? CD  A LYS 26 ? ? CE  A LYS 26 ? ? 167.45 111.90 55.55   3.00 N 
84  1 CD  A LYS 26 ? ? CE  A LYS 26 ? ? NZ  A LYS 26 ? ? 154.07 111.70 42.37   2.30 N 
85  1 CA  A LYS 27 ? ? CB  A LYS 27 ? ? CG  A LYS 27 ? ? 147.55 113.40 34.15   2.20 N 
86  1 CB  A LYS 27 ? ? CG  A LYS 27 ? ? CD  A LYS 27 ? ? 137.40 111.60 25.80   2.60 N 
87  1 CG  A LYS 27 ? ? CD  A LYS 27 ? ? CE  A LYS 27 ? ? 174.50 111.90 62.60   3.00 N 
88  1 CD  A LYS 27 ? ? CE  A LYS 27 ? ? NZ  A LYS 27 ? ? 143.56 111.70 31.86   2.30 N 
89  1 CB  A ARG 28 ? ? CG  A ARG 28 ? ? CD  A ARG 28 ? ? 133.57 111.60 21.97   2.60 N 
90  1 CG  A ARG 28 ? ? CD  A ARG 28 ? ? NE  A ARG 28 ? ? 158.98 111.80 47.18   2.10 N 
91  1 CD  A ARG 28 ? ? NE  A ARG 28 ? ? CZ  A ARG 28 ? ? 170.11 123.60 46.51   1.40 N 
92  1 NH1 A ARG 28 ? ? CZ  A ARG 28 ? ? NH2 A ARG 28 ? ? 64.79  119.40 -54.61  1.10 N 
93  1 NE  A ARG 28 ? ? CZ  A ARG 28 ? ? NH1 A ARG 28 ? ? 141.23 120.30 20.93   0.50 N 
94  1 NE  A ARG 28 ? ? CZ  A ARG 28 ? ? NH2 A ARG 28 ? ? 153.98 120.30 33.68   0.50 N 
95  1 CB  A TRP 29 ? ? CG  A TRP 29 ? ? CD2 A TRP 29 ? ? 135.77 126.60 9.17    1.30 N 
96  1 CD1 A TRP 29 ? ? NE1 A TRP 29 ? ? CE2 A TRP 29 ? ? 118.92 109.00 9.92    0.90 N 
97  1 NE1 A TRP 29 ? ? CE2 A TRP 29 ? ? CZ2 A TRP 29 ? ? 137.85 130.40 7.45    1.10 N 
98  1 NE1 A TRP 29 ? ? CE2 A TRP 29 ? ? CD2 A TRP 29 ? ? 95.13  107.30 -12.17  1.00 N 
99  1 CE2 A TRP 29 ? ? CD2 A TRP 29 ? ? CE3 A TRP 29 ? ? 109.75 118.70 -8.95   1.20 N 
100 1 CE2 A TRP 29 ? ? CD2 A TRP 29 ? ? CG  A TRP 29 ? ? 115.92 107.30 8.62    0.80 N 
101 1 CZ3 A TRP 29 ? ? CH2 A TRP 29 ? ? CZ2 A TRP 29 ? ? 111.54 121.60 -10.06  1.20 N 
102 1 CA  A ARG 30 ? ? CB  A ARG 30 ? ? CG  A ARG 30 ? ? 131.74 113.40 18.34   2.20 N 
103 1 CG  A ARG 30 ? ? CD  A ARG 30 ? ? NE  A ARG 30 ? ? 125.74 111.80 13.94   2.10 N 
104 1 NH1 A ARG 30 ? ? CZ  A ARG 30 ? ? NH2 A ARG 30 ? ? 98.66  119.40 -20.74  1.10 N 
105 1 NE  A ARG 30 ? ? CZ  A ARG 30 ? ? NH1 A ARG 30 ? ? 139.11 120.30 18.81   0.50 N 
106 1 OD1 A ASP 31 ? ? CG  A ASP 31 ? ? OD2 A ASP 31 ? ? 80.04  123.30 -43.26  1.90 N 
107 1 CB  A ASP 31 ? ? CG  A ASP 31 ? ? OD1 A ASP 31 ? ? 133.18 118.30 14.88   0.90 N 
108 1 CB  A ASP 31 ? ? CG  A ASP 31 ? ? OD2 A ASP 31 ? ? 146.79 118.30 28.49   0.90 N 
109 1 CA  A ASP 31 ? ? C   A ASP 31 ? ? N   A HIS 32 ? ? 130.48 117.20 13.28   2.20 Y 
110 1 O   A ASP 31 ? ? C   A ASP 31 ? ? N   A HIS 32 ? ? 107.18 122.70 -15.52  1.60 Y 
111 1 CA  A HIS 32 ? ? CB  A HIS 32 ? ? CG  A HIS 32 ? ? 136.14 113.60 22.54   1.70 N 
112 1 CB  A HIS 32 ? ? CG  A HIS 32 ? ? CD2 A HIS 32 ? ? 170.49 131.40 39.09   1.20 N 
113 1 ND1 A HIS 32 ? ? CG  A HIS 32 ? ? CD2 A HIS 32 ? ? 20.13  106.00 -85.87  1.40 N 
114 1 CB  A HIS 32 ? ? CG  A HIS 32 ? ? ND1 A HIS 32 ? ? 169.37 123.20 46.17   2.50 N 
115 1 CG  A HIS 32 ? ? ND1 A HIS 32 ? ? CE1 A HIS 32 ? ? 167.26 109.00 58.26   1.00 N 
116 1 CE1 A HIS 32 ? ? NE2 A HIS 32 ? ? CD2 A HIS 32 ? ? 76.72  106.60 -29.88  2.50 N 
117 1 CG  A HIS 32 ? ? CD2 A HIS 32 ? ? NE2 A HIS 32 ? ? 167.46 109.20 58.26   1.90 N 
118 1 N   A HIS 32 ? ? CA  A HIS 32 ? ? C   A HIS 32 ? ? 135.83 111.00 24.83   2.70 N 
119 1 CG  A ARG 33 ? ? CD  A ARG 33 ? ? NE  A ARG 33 ? ? 153.62 111.80 41.82   2.10 N 
120 1 CD  A ARG 33 ? ? NE  A ARG 33 ? ? CZ  A ARG 33 ? ? 142.11 123.60 18.51   1.40 N 
121 1 NH1 A ARG 33 ? ? CZ  A ARG 33 ? ? NH2 A ARG 33 ? ? 73.64  119.40 -45.76  1.10 N 
122 1 NE  A ARG 33 ? ? CZ  A ARG 33 ? ? NH1 A ARG 33 ? ? 150.88 120.30 30.58   0.50 N 
123 1 NE  A ARG 33 ? ? CZ  A ARG 33 ? ? NH2 A ARG 33 ? ? 135.47 120.30 15.17   0.50 N 
124 1 N   A ARG 33 ? ? CA  A ARG 33 ? ? C   A ARG 33 ? ? 86.03  111.00 -24.97  2.70 N 
125 1 CA  A ARG 33 ? ? C   A ARG 33 ? ? O   A ARG 33 ? ? 91.96  120.10 -28.14  2.10 N 
126 1 CA  A ARG 33 ? ? C   A ARG 33 ? ? N   A GLY 34 ? ? 138.38 116.20 22.18   2.00 Y 
127 1 C   A ARG 33 ? ? N   A GLY 34 ? ? CA  A GLY 34 ? ? 140.86 122.30 18.56   2.10 Y 
128 1 N   A GLY 34 ? ? CA  A GLY 34 ? ? C   A GLY 34 ? ? 128.69 113.10 15.59   2.50 N 
129 1 CA  A GLY 34 ? ? C   A GLY 34 ? ? O   A GLY 34 ? ? 134.46 120.60 13.86   1.80 N 
130 1 CA  A GLY 34 ? ? C   A GLY 34 ? ? N   A TYR 35 ? ? 149.23 117.20 32.03   2.20 Y 
131 1 O   A GLY 34 ? ? C   A GLY 34 ? ? N   A TYR 35 ? ? 76.31  122.70 -46.39  1.60 Y 
132 1 C   A GLY 34 ? ? N   A TYR 35 ? ? CA  A TYR 35 ? ? 150.22 121.70 28.52   2.50 Y 
133 1 CA  A TYR 35 ? ? CB  A TYR 35 ? ? CG  A TYR 35 ? ? 150.45 113.40 37.05   1.90 N 
134 1 CB  A TYR 35 ? ? CG  A TYR 35 ? ? CD2 A TYR 35 ? ? 138.60 121.00 17.60   0.60 N 
135 1 CB  A TYR 35 ? ? CG  A TYR 35 ? ? CD1 A TYR 35 ? ? 106.82 121.00 -14.18  0.60 N 
136 1 CG  A TYR 35 ? ? CD1 A TYR 35 ? ? CE1 A TYR 35 ? ? 106.82 121.30 -14.48  0.80 N 
137 1 CG  A TYR 35 ? ? CD2 A TYR 35 ? ? CE2 A TYR 35 ? ? 138.64 121.30 17.34   0.80 N 
138 1 CD1 A TYR 35 ? ? CE1 A TYR 35 ? ? CZ  A TYR 35 ? ? 138.74 119.80 18.94   0.90 N 
139 1 CE1 A TYR 35 ? ? CZ  A TYR 35 ? ? OH  A TYR 35 ? ? 138.89 120.10 18.79   2.70 N 
140 1 CZ  A TYR 35 ? ? CE2 A TYR 35 ? ? CD2 A TYR 35 ? ? 106.79 119.80 -13.01  0.90 N 
141 1 CB  A ARG 36 ? ? CG  A ARG 36 ? ? CD  A ARG 36 ? ? 141.98 111.60 30.38   2.60 N 
142 1 CG  A ARG 36 ? ? CD  A ARG 36 ? ? NE  A ARG 36 ? ? 145.40 111.80 33.60   2.10 N 
143 1 CD  A ARG 36 ? ? NE  A ARG 36 ? ? CZ  A ARG 36 ? ? 138.58 123.60 14.98   1.40 N 
144 1 NH1 A ARG 36 ? ? CZ  A ARG 36 ? ? NH2 A ARG 36 ? ? 92.35  119.40 -27.05  1.10 N 
145 1 NE  A ARG 36 ? ? CZ  A ARG 36 ? ? NH2 A ARG 36 ? ? 148.80 120.30 28.50   0.50 N 
146 1 CA  A GLU 38 ? ? CB  A GLU 38 ? ? CG  A GLU 38 ? ? 133.44 113.40 20.04   2.20 N 
147 1 CB  A GLU 38 ? ? CG  A GLU 38 ? ? CD  A GLU 38 ? ? 137.63 114.20 23.43   2.70 N 
148 1 OE1 A GLU 38 ? ? CD  A GLU 38 ? ? OE2 A GLU 38 ? ? 93.44  123.30 -29.86  1.20 N 
149 1 CG  A GLU 38 ? ? CD  A GLU 38 ? ? OE2 A GLU 38 ? ? 140.14 118.30 21.84   2.00 N 
150 1 CA  A ARG 39 ? ? CB  A ARG 39 ? ? CG  A ARG 39 ? ? 127.97 113.40 14.57   2.20 N 
151 1 CG  A ARG 39 ? ? CD  A ARG 39 ? ? NE  A ARG 39 ? ? 138.74 111.80 26.94   2.10 N 
152 1 NH1 A ARG 39 ? ? CZ  A ARG 39 ? ? NH2 A ARG 39 ? ? 129.04 119.40 9.64    1.10 N 
153 1 NE  A ARG 39 ? ? CZ  A ARG 39 ? ? NH1 A ARG 39 ? ? 134.26 120.30 13.96   0.50 N 
154 1 NE  A ARG 39 ? ? CZ  A ARG 39 ? ? NH2 A ARG 39 ? ? 96.69  120.30 -23.61  0.50 N 
155 1 CA  A GLY 40 ? ? C   A GLY 40 ? ? O   A GLY 40 ? ? 133.32 120.60 12.72   1.80 N 
156 1 CA  A GLY 40 ? ? C   A GLY 40 ? ? N   A CYS 41 ? ? 137.11 117.20 19.91   2.20 Y 
157 1 O   A GLY 40 ? ? C   A GLY 40 ? ? N   A CYS 41 ? ? 89.57  122.70 -33.13  1.60 Y 
158 1 C   A GLY 40 ? ? N   A CYS 41 ? ? CA  A CYS 41 ? ? 138.30 121.70 16.60   2.50 Y 
159 1 CA  A CYS 41 ? ? CB  A CYS 41 ? ? SG  A CYS 41 ? ? 164.56 114.20 50.36   1.10 N 
160 1 CA  A CYS 43 ? ? C   A CYS 43 ? ? O   A CYS 43 ? ? 132.77 120.10 12.67   2.10 N 
161 1 O   A CYS 43 ? ? C   A CYS 43 ? ? N   A PRO 44 ? ? 94.93  121.10 -26.17  1.90 Y 
162 1 C   A CYS 43 ? ? N   A PRO 44 ? ? CA  A PRO 44 ? ? 136.22 119.30 16.92   1.50 Y 
163 1 C   A CYS 43 ? ? N   A PRO 44 ? ? CD  A PRO 44 ? ? 94.68  128.40 -33.72  2.10 Y 
164 1 CA  A PRO 44 ? ? N   A PRO 44 ? ? CD  A PRO 44 ? ? 129.10 111.70 17.40   1.40 N 
165 1 CA  A PRO 44 ? ? CB  A PRO 44 ? ? CG  A PRO 44 ? ? 90.66  104.80 -14.14  1.90 N 
166 1 CB  A PRO 44 ? ? CG  A PRO 44 ? ? CD  A PRO 44 ? ? 132.20 106.50 25.70   3.90 N 
167 1 N   A PRO 44 ? ? CD  A PRO 44 ? ? CG  A PRO 44 ? ? 76.26  103.20 -26.94  1.50 N 
168 1 CA  A PRO 44 ? ? C   A PRO 44 ? ? O   A PRO 44 ? ? 64.15  120.20 -56.05  2.40 N 
169 1 CA  A PRO 44 ? ? C   A PRO 44 ? ? N   A SER 45 ? ? 157.25 117.20 40.05   2.20 Y 
170 1 O   A PRO 44 ? ? C   A PRO 44 ? ? N   A SER 45 ? ? 138.59 122.70 15.89   1.60 Y 
171 1 C   A PRO 44 ? ? N   A SER 45 ? ? CA  A SER 45 ? ? 158.50 121.70 36.80   2.50 Y 
172 1 CB  A SER 45 ? ? CA  A SER 45 ? ? C   A SER 45 ? ? 156.87 110.10 46.77   1.90 N 
173 1 N   A SER 45 ? ? CA  A SER 45 ? ? CB  A SER 45 ? ? 29.77  110.50 -80.73  1.50 N 
174 1 CA  A SER 45 ? ? CB  A SER 45 ? ? OG  A SER 45 ? ? 43.10  111.20 -68.10  2.70 N 
175 1 N   A SER 45 ? ? CA  A SER 45 ? ? C   A SER 45 ? ? 168.57 111.00 57.57   2.70 N 
176 1 CA  A SER 45 ? ? C   A SER 45 ? ? O   A SER 45 ? ? 171.37 120.10 51.27   2.10 N 
177 1 CA  A SER 45 ? ? C   A SER 45 ? ? N   A VAL 46 ? ? 173.15 117.20 55.95   2.20 Y 
178 1 O   A SER 45 ? ? C   A SER 45 ? ? N   A VAL 46 ? ? 15.48  122.70 -107.22 1.60 Y 
179 1 C   A SER 45 ? ? N   A VAL 46 ? ? CA  A VAL 46 ? ? 173.43 121.70 51.73   2.50 Y 
180 1 CB  A VAL 46 ? ? CA  A VAL 46 ? ? C   A VAL 46 ? ? 125.52 111.40 14.12   1.90 N 
181 1 N   A VAL 46 ? ? CA  A VAL 46 ? ? CB  A VAL 46 ? ? 80.00  111.50 -31.50  2.20 N 
182 1 CG1 A VAL 46 ? ? CB  A VAL 46 ? ? CG2 A VAL 46 ? ? 97.94  110.90 -12.96  1.60 N 
183 1 CA  A VAL 46 ? ? CB  A VAL 46 ? ? CG1 A VAL 46 ? ? 101.62 110.90 -9.28   1.50 N 
184 1 N   A VAL 46 ? ? CA  A VAL 46 ? ? C   A VAL 46 ? ? 135.92 111.00 24.92   2.70 N 
185 1 CA  A VAL 46 ? ? C   A VAL 46 ? ? N   A LYS 47 ? ? 142.15 117.20 24.95   2.20 Y 
186 1 O   A VAL 46 ? ? C   A VAL 46 ? ? N   A LYS 47 ? ? 106.94 122.70 -15.76  1.60 Y 
187 1 C   A VAL 46 ? ? N   A LYS 47 ? ? CA  A LYS 47 ? ? 144.12 121.70 22.42   2.50 Y 
188 1 CA  A LYS 47 ? ? CB  A LYS 47 ? ? CG  A LYS 47 ? ? 65.93  113.40 -47.47  2.20 N 
189 1 CB  A LYS 47 ? ? CG  A LYS 47 ? ? CD  A LYS 47 ? ? 77.42  111.60 -34.18  2.60 N 
190 1 CG  A LYS 47 ? ? CD  A LYS 47 ? ? CE  A LYS 47 ? ? 73.90  111.90 -38.00  3.00 N 
191 1 O   A LYS 47 ? ? C   A LYS 47 ? ? N   A ASN 48 ? ? 112.33 122.70 -10.37  1.60 Y 
192 1 OD1 A ASN 48 ? ? CG  A ASN 48 ? ? ND2 A ASN 48 ? ? 83.04  121.90 -38.86  2.30 N 
193 1 CB  A ASN 48 ? ? CG  A ASN 48 ? ? OD1 A ASN 48 ? ? 140.01 121.60 18.41   2.00 N 
194 1 CB  A ASN 48 ? ? CG  A ASN 48 ? ? ND2 A ASN 48 ? ? 136.95 116.70 20.25   2.40 N 
195 1 CB  A GLU 51 ? ? CG  A GLU 51 ? ? CD  A GLU 51 ? ? 142.81 114.20 28.61   2.70 N 
196 1 OE1 A GLU 51 ? ? CD  A GLU 51 ? ? OE2 A GLU 51 ? ? 89.38  123.30 -33.92  1.20 N 
197 1 CG  A GLU 51 ? ? CD  A GLU 51 ? ? OE1 A GLU 51 ? ? 170.83 118.30 52.53   2.00 N 
198 1 CG  A GLU 51 ? ? CD  A GLU 51 ? ? OE2 A GLU 51 ? ? 99.79  118.30 -18.51  2.00 N 
199 1 CB  A ILE 52 ? ? CG1 A ILE 52 ? ? CD1 A ILE 52 ? ? 150.48 113.90 36.58   2.80 N 
200 1 OD1 A ASN 53 ? ? CG  A ASN 53 ? ? ND2 A ASN 53 ? ? 56.19  121.90 -65.71  2.30 N 
201 1 CB  A ASN 53 ? ? CG  A ASN 53 ? ? OD1 A ASN 53 ? ? 149.44 121.60 27.84   2.00 N 
202 1 CB  A ASN 53 ? ? CG  A ASN 53 ? ? ND2 A ASN 53 ? ? 154.37 116.70 37.67   2.40 N 
203 1 CA  A CYS 55 ? ? CB  A CYS 55 ? ? SG  A CYS 55 ? ? 121.95 114.20 7.75    1.10 N 
204 1 CA  A THR 57 ? ? C   A THR 57 ? ? O   A THR 57 ? ? 133.28 120.10 13.18   2.10 N 
205 1 CA  A THR 57 ? ? C   A THR 57 ? ? N   A ASP 58 ? ? 138.31 117.20 21.11   2.20 Y 
206 1 O   A THR 57 ? ? C   A THR 57 ? ? N   A ASP 58 ? ? 88.40  122.70 -34.30  1.60 Y 
207 1 C   A THR 57 ? ? N   A ASP 58 ? ? CA  A ASP 58 ? ? 139.89 121.70 18.19   2.50 Y 
208 1 OD1 A ASP 58 ? ? CG  A ASP 58 ? ? OD2 A ASP 58 ? ? 100.43 123.30 -22.87  1.90 N 
209 1 CB  A ASP 58 ? ? CG  A ASP 58 ? ? OD2 A ASP 58 ? ? 136.54 118.30 18.24   0.90 N 
210 1 CA  A ARG 59 ? ? CB  A ARG 59 ? ? CG  A ARG 59 ? ? 153.24 113.40 39.84   2.20 N 
211 1 CB  A ARG 59 ? ? CG  A ARG 59 ? ? CD  A ARG 59 ? ? 159.93 111.60 48.33   2.60 N 
212 1 CG  A ARG 59 ? ? CD  A ARG 59 ? ? NE  A ARG 59 ? ? 162.89 111.80 51.09   2.10 N 
213 1 CD  A ARG 59 ? ? NE  A ARG 59 ? ? CZ  A ARG 59 ? ? 151.59 123.60 27.99   1.40 N 
214 1 NH1 A ARG 59 ? ? CZ  A ARG 59 ? ? NH2 A ARG 59 ? ? 44.98  119.40 -74.42  1.10 N 
215 1 NE  A ARG 59 ? ? CZ  A ARG 59 ? ? NH1 A ARG 59 ? ? 156.16 120.30 35.86   0.50 N 
216 1 NE  A ARG 59 ? ? CZ  A ARG 59 ? ? NH2 A ARG 59 ? ? 158.86 120.30 38.56   0.50 N 
217 1 CA  A ASN 61 ? ? CB  A ASN 61 ? ? CG  A ASN 61 ? ? 150.04 113.40 36.64   2.20 N 
218 1 CB  A ASN 61 ? ? CG  A ASN 61 ? ? OD1 A ASN 61 ? ? 82.72  121.60 -38.88  2.00 N 
219 1 CB  A ASN 61 ? ? CG  A ASN 61 ? ? ND2 A ASN 61 ? ? 155.65 116.70 38.95   2.40 N 
220 1 O   A ASN 61 ? ? C   A ASN 61 ? ? N   A ASN 62 ? ? 106.87 122.70 -15.83  1.60 Y 
221 1 CB  A ASN 62 ? ? CA  A ASN 62 ? ? C   A ASN 62 ? ? 75.91  110.40 -34.49  2.00 N 
222 1 N   A ASN 62 ? ? CA  A ASN 62 ? ? CB  A ASN 62 ? ? 141.99 110.60 31.39   1.80 N 
223 1 CA  A ASN 62 ? ? CB  A ASN 62 ? ? CG  A ASN 62 ? ? 135.01 113.40 21.61   2.20 N 
224 1 CB  A ASN 62 ? ? CG  A ASN 62 ? ? OD1 A ASN 62 ? ? 103.16 121.60 -18.44  2.00 N 
225 1 CB  A ASN 62 ? ? CG  A ASN 62 ? ? ND2 A ASN 62 ? ? 148.69 116.70 31.99   2.40 N 
226 1 N   A ASN 62 ? ? CA  A ASN 62 ? ? C   A ASN 62 ? ? 129.21 111.00 18.21   2.70 N 
227 1 CA  A ASN 62 ? ? C   A ASN 62 ? ? O   A ASN 62 ? ? 158.92 120.10 38.82   2.10 N 
# 
loop_
_pdbx_validate_torsion.id 
_pdbx_validate_torsion.PDB_model_num 
_pdbx_validate_torsion.auth_comp_id 
_pdbx_validate_torsion.auth_asym_id 
_pdbx_validate_torsion.auth_seq_id 
_pdbx_validate_torsion.PDB_ins_code 
_pdbx_validate_torsion.label_alt_id 
_pdbx_validate_torsion.phi 
_pdbx_validate_torsion.psi 
1  1 SER A 8  ? ? 35.74   89.08   
2  1 SER A 9  ? ? 29.99   60.98   
3  1 GLN A 10 ? ? -129.84 -106.22 
4  1 SER A 18 ? ? -156.26 74.12   
5  1 THR A 22 ? ? -141.15 34.76   
6  1 HIS A 32 ? ? 29.18   -36.62  
7  1 ARG A 33 ? ? -126.56 -50.54  
8  1 CYS A 43 ? ? 168.49  15.66   
9  1 VAL A 46 ? ? 129.52  133.50  
10 1 LYS A 47 ? ? 171.67  -169.76 
11 1 ASN A 48 ? ? -172.29 120.84  
12 1 THR A 57 ? ? -141.47 58.81   
13 1 ASP A 58 ? ? 54.06   105.69  
# 
loop_
_pdbx_validate_chiral.id 
_pdbx_validate_chiral.PDB_model_num 
_pdbx_validate_chiral.auth_atom_id 
_pdbx_validate_chiral.label_alt_id 
_pdbx_validate_chiral.auth_asym_id 
_pdbx_validate_chiral.auth_comp_id 
_pdbx_validate_chiral.auth_seq_id 
_pdbx_validate_chiral.PDB_ins_code 
_pdbx_validate_chiral.details 
_pdbx_validate_chiral.omega 
1 1 CB ? A THR 15 ? PLANAR . 
2 1 CB ? A THR 22 ? PLANAR . 
3 1 CA ? A HIS 32 ? PLANAR . 
4 1 CA ? A SER 45 ? PLANAR . 
5 1 CA ? A VAL 46 ? PLANAR . 
6 1 CA ? A ASN 62 ? PLANAR . 
# 
loop_
_pdbx_validate_planes.id 
_pdbx_validate_planes.PDB_model_num 
_pdbx_validate_planes.auth_comp_id 
_pdbx_validate_planes.auth_asym_id 
_pdbx_validate_planes.auth_seq_id 
_pdbx_validate_planes.PDB_ins_code 
_pdbx_validate_planes.label_alt_id 
_pdbx_validate_planes.rmsd 
_pdbx_validate_planes.type 
1 1 ARG A 33 ? ? 0.089 'SIDE CHAIN' 
2 1 ARG A 39 ? ? 0.111 'SIDE CHAIN' 
# 
loop_
_pdbx_validate_polymer_linkage.id 
_pdbx_validate_polymer_linkage.PDB_model_num 
_pdbx_validate_polymer_linkage.auth_atom_id_1 
_pdbx_validate_polymer_linkage.auth_asym_id_1 
_pdbx_validate_polymer_linkage.auth_comp_id_1 
_pdbx_validate_polymer_linkage.auth_seq_id_1 
_pdbx_validate_polymer_linkage.PDB_ins_code_1 
_pdbx_validate_polymer_linkage.label_alt_id_1 
_pdbx_validate_polymer_linkage.auth_atom_id_2 
_pdbx_validate_polymer_linkage.auth_asym_id_2 
_pdbx_validate_polymer_linkage.auth_comp_id_2 
_pdbx_validate_polymer_linkage.auth_seq_id_2 
_pdbx_validate_polymer_linkage.PDB_ins_code_2 
_pdbx_validate_polymer_linkage.label_alt_id_2 
_pdbx_validate_polymer_linkage.dist 
1  1 C A ASN 5  ? ? N A GLN 6  ? ? 1.03 
2  1 C A GLN 6  ? ? N A GLN 7  ? ? 0.94 
3  1 C A GLN 7  ? ? N A SER 8  ? ? 1.13 
4  1 C A SER 8  ? ? N A SER 9  ? ? 0.69 
5  1 C A SER 9  ? ? N A GLN 10 ? ? 0.73 
6  1 C A GLN 10 ? ? N A THR 11 ? ? 0.98 
7  1 C A THR 15 ? ? N A GLY 16 ? ? 1.14 
8  1 C A GLY 16 ? ? N A CYS 17 ? ? 0.98 
9  1 C A CYS 17 ? ? N A SER 18 ? ? 0.96 
10 1 C A SER 18 ? ? N A GLY 19 ? ? 0.65 
11 1 C A GLY 19 ? ? N A GLY 20 ? ? 0.90 
12 1 C A GLY 20 ? ? N A GLU 21 ? ? 1.11 
13 1 C A GLU 21 ? ? N A THR 22 ? ? 1.18 
14 1 C A TRP 29 ? ? N A ARG 30 ? ? 1.18 
15 1 C A ARG 30 ? ? N A ASP 31 ? ? 1.17 
16 1 C A ASP 31 ? ? N A HIS 32 ? ? 1.04 
17 1 C A HIS 32 ? ? N A ARG 33 ? ? 0.83 
18 1 C A GLY 34 ? ? N A TYR 35 ? ? 0.88 
19 1 C A GLY 40 ? ? N A CYS 41 ? ? 0.94 
20 1 C A CYS 43 ? ? N A PRO 44 ? ? 0.92 
21 1 C A SER 45 ? ? N A VAL 46 ? ? 0.55 
22 1 C A VAL 46 ? ? N A LYS 47 ? ? 1.09 
23 1 C A LYS 47 ? ? N A ASN 48 ? ? 1.09 
24 1 C A THR 57 ? ? N A ASP 58 ? ? 0.94 
25 1 C A ASN 61 ? ? N A ASN 62 ? ? 0.99 
# 
_pdbx_nmr_ensemble.entry_id                             1COD 
_pdbx_nmr_ensemble.conformers_calculated_total_number   ? 
_pdbx_nmr_ensemble.conformers_submitted_total_number    1 
_pdbx_nmr_ensemble.conformer_selection_criteria         ? 
# 
_pdbx_nmr_software.classification   refinement 
_pdbx_nmr_software.name             X-PLOR 
_pdbx_nmr_software.version          ? 
_pdbx_nmr_software.authors          BRUNGER 
_pdbx_nmr_software.ordinal          1 
# 
loop_
_chem_comp_atom.comp_id 
_chem_comp_atom.atom_id 
_chem_comp_atom.type_symbol 
_chem_comp_atom.pdbx_aromatic_flag 
_chem_comp_atom.pdbx_stereo_config 
_chem_comp_atom.pdbx_ordinal 
ARG N    N N N 1   
ARG CA   C N S 2   
ARG C    C N N 3   
ARG O    O N N 4   
ARG CB   C N N 5   
ARG CG   C N N 6   
ARG CD   C N N 7   
ARG NE   N N N 8   
ARG CZ   C N N 9   
ARG NH1  N N N 10  
ARG NH2  N N N 11  
ARG OXT  O N N 12  
ARG H    H N N 13  
ARG H2   H N N 14  
ARG HA   H N N 15  
ARG HB2  H N N 16  
ARG HB3  H N N 17  
ARG HG2  H N N 18  
ARG HG3  H N N 19  
ARG HD2  H N N 20  
ARG HD3  H N N 21  
ARG HE   H N N 22  
ARG HH11 H N N 23  
ARG HH12 H N N 24  
ARG HH21 H N N 25  
ARG HH22 H N N 26  
ARG HXT  H N N 27  
ASN N    N N N 28  
ASN CA   C N S 29  
ASN C    C N N 30  
ASN O    O N N 31  
ASN CB   C N N 32  
ASN CG   C N N 33  
ASN OD1  O N N 34  
ASN ND2  N N N 35  
ASN OXT  O N N 36  
ASN H    H N N 37  
ASN H2   H N N 38  
ASN HA   H N N 39  
ASN HB2  H N N 40  
ASN HB3  H N N 41  
ASN HD21 H N N 42  
ASN HD22 H N N 43  
ASN HXT  H N N 44  
ASP N    N N N 45  
ASP CA   C N S 46  
ASP C    C N N 47  
ASP O    O N N 48  
ASP CB   C N N 49  
ASP CG   C N N 50  
ASP OD1  O N N 51  
ASP OD2  O N N 52  
ASP OXT  O N N 53  
ASP H    H N N 54  
ASP H2   H N N 55  
ASP HA   H N N 56  
ASP HB2  H N N 57  
ASP HB3  H N N 58  
ASP HD2  H N N 59  
ASP HXT  H N N 60  
CYS N    N N N 61  
CYS CA   C N R 62  
CYS C    C N N 63  
CYS O    O N N 64  
CYS CB   C N N 65  
CYS SG   S N N 66  
CYS OXT  O N N 67  
CYS H    H N N 68  
CYS H2   H N N 69  
CYS HA   H N N 70  
CYS HB2  H N N 71  
CYS HB3  H N N 72  
CYS HG   H N N 73  
CYS HXT  H N N 74  
GLN N    N N N 75  
GLN CA   C N S 76  
GLN C    C N N 77  
GLN O    O N N 78  
GLN CB   C N N 79  
GLN CG   C N N 80  
GLN CD   C N N 81  
GLN OE1  O N N 82  
GLN NE2  N N N 83  
GLN OXT  O N N 84  
GLN H    H N N 85  
GLN H2   H N N 86  
GLN HA   H N N 87  
GLN HB2  H N N 88  
GLN HB3  H N N 89  
GLN HG2  H N N 90  
GLN HG3  H N N 91  
GLN HE21 H N N 92  
GLN HE22 H N N 93  
GLN HXT  H N N 94  
GLU N    N N N 95  
GLU CA   C N S 96  
GLU C    C N N 97  
GLU O    O N N 98  
GLU CB   C N N 99  
GLU CG   C N N 100 
GLU CD   C N N 101 
GLU OE1  O N N 102 
GLU OE2  O N N 103 
GLU OXT  O N N 104 
GLU H    H N N 105 
GLU H2   H N N 106 
GLU HA   H N N 107 
GLU HB2  H N N 108 
GLU HB3  H N N 109 
GLU HG2  H N N 110 
GLU HG3  H N N 111 
GLU HE2  H N N 112 
GLU HXT  H N N 113 
GLY N    N N N 114 
GLY CA   C N N 115 
GLY C    C N N 116 
GLY O    O N N 117 
GLY OXT  O N N 118 
GLY H    H N N 119 
GLY H2   H N N 120 
GLY HA2  H N N 121 
GLY HA3  H N N 122 
GLY HXT  H N N 123 
HIS N    N N N 124 
HIS CA   C N S 125 
HIS C    C N N 126 
HIS O    O N N 127 
HIS CB   C N N 128 
HIS CG   C Y N 129 
HIS ND1  N Y N 130 
HIS CD2  C Y N 131 
HIS CE1  C Y N 132 
HIS NE2  N Y N 133 
HIS OXT  O N N 134 
HIS H    H N N 135 
HIS H2   H N N 136 
HIS HA   H N N 137 
HIS HB2  H N N 138 
HIS HB3  H N N 139 
HIS HD1  H N N 140 
HIS HD2  H N N 141 
HIS HE1  H N N 142 
HIS HE2  H N N 143 
HIS HXT  H N N 144 
ILE N    N N N 145 
ILE CA   C N S 146 
ILE C    C N N 147 
ILE O    O N N 148 
ILE CB   C N S 149 
ILE CG1  C N N 150 
ILE CG2  C N N 151 
ILE CD1  C N N 152 
ILE OXT  O N N 153 
ILE H    H N N 154 
ILE H2   H N N 155 
ILE HA   H N N 156 
ILE HB   H N N 157 
ILE HG12 H N N 158 
ILE HG13 H N N 159 
ILE HG21 H N N 160 
ILE HG22 H N N 161 
ILE HG23 H N N 162 
ILE HD11 H N N 163 
ILE HD12 H N N 164 
ILE HD13 H N N 165 
ILE HXT  H N N 166 
LEU N    N N N 167 
LEU CA   C N S 168 
LEU C    C N N 169 
LEU O    O N N 170 
LEU CB   C N N 171 
LEU CG   C N N 172 
LEU CD1  C N N 173 
LEU CD2  C N N 174 
LEU OXT  O N N 175 
LEU H    H N N 176 
LEU H2   H N N 177 
LEU HA   H N N 178 
LEU HB2  H N N 179 
LEU HB3  H N N 180 
LEU HG   H N N 181 
LEU HD11 H N N 182 
LEU HD12 H N N 183 
LEU HD13 H N N 184 
LEU HD21 H N N 185 
LEU HD22 H N N 186 
LEU HD23 H N N 187 
LEU HXT  H N N 188 
LYS N    N N N 189 
LYS CA   C N S 190 
LYS C    C N N 191 
LYS O    O N N 192 
LYS CB   C N N 193 
LYS CG   C N N 194 
LYS CD   C N N 195 
LYS CE   C N N 196 
LYS NZ   N N N 197 
LYS OXT  O N N 198 
LYS H    H N N 199 
LYS H2   H N N 200 
LYS HA   H N N 201 
LYS HB2  H N N 202 
LYS HB3  H N N 203 
LYS HG2  H N N 204 
LYS HG3  H N N 205 
LYS HD2  H N N 206 
LYS HD3  H N N 207 
LYS HE2  H N N 208 
LYS HE3  H N N 209 
LYS HZ1  H N N 210 
LYS HZ2  H N N 211 
LYS HZ3  H N N 212 
LYS HXT  H N N 213 
PRO N    N N N 214 
PRO CA   C N S 215 
PRO C    C N N 216 
PRO O    O N N 217 
PRO CB   C N N 218 
PRO CG   C N N 219 
PRO CD   C N N 220 
PRO OXT  O N N 221 
PRO H    H N N 222 
PRO HA   H N N 223 
PRO HB2  H N N 224 
PRO HB3  H N N 225 
PRO HG2  H N N 226 
PRO HG3  H N N 227 
PRO HD2  H N N 228 
PRO HD3  H N N 229 
PRO HXT  H N N 230 
SER N    N N N 231 
SER CA   C N S 232 
SER C    C N N 233 
SER O    O N N 234 
SER CB   C N N 235 
SER OG   O N N 236 
SER OXT  O N N 237 
SER H    H N N 238 
SER H2   H N N 239 
SER HA   H N N 240 
SER HB2  H N N 241 
SER HB3  H N N 242 
SER HG   H N N 243 
SER HXT  H N N 244 
THR N    N N N 245 
THR CA   C N S 246 
THR C    C N N 247 
THR O    O N N 248 
THR CB   C N R 249 
THR OG1  O N N 250 
THR CG2  C N N 251 
THR OXT  O N N 252 
THR H    H N N 253 
THR H2   H N N 254 
THR HA   H N N 255 
THR HB   H N N 256 
THR HG1  H N N 257 
THR HG21 H N N 258 
THR HG22 H N N 259 
THR HG23 H N N 260 
THR HXT  H N N 261 
TRP N    N N N 262 
TRP CA   C N S 263 
TRP C    C N N 264 
TRP O    O N N 265 
TRP CB   C N N 266 
TRP CG   C Y N 267 
TRP CD1  C Y N 268 
TRP CD2  C Y N 269 
TRP NE1  N Y N 270 
TRP CE2  C Y N 271 
TRP CE3  C Y N 272 
TRP CZ2  C Y N 273 
TRP CZ3  C Y N 274 
TRP CH2  C Y N 275 
TRP OXT  O N N 276 
TRP H    H N N 277 
TRP H2   H N N 278 
TRP HA   H N N 279 
TRP HB2  H N N 280 
TRP HB3  H N N 281 
TRP HD1  H N N 282 
TRP HE1  H N N 283 
TRP HE3  H N N 284 
TRP HZ2  H N N 285 
TRP HZ3  H N N 286 
TRP HH2  H N N 287 
TRP HXT  H N N 288 
TYR N    N N N 289 
TYR CA   C N S 290 
TYR C    C N N 291 
TYR O    O N N 292 
TYR CB   C N N 293 
TYR CG   C Y N 294 
TYR CD1  C Y N 295 
TYR CD2  C Y N 296 
TYR CE1  C Y N 297 
TYR CE2  C Y N 298 
TYR CZ   C Y N 299 
TYR OH   O N N 300 
TYR OXT  O N N 301 
TYR H    H N N 302 
TYR H2   H N N 303 
TYR HA   H N N 304 
TYR HB2  H N N 305 
TYR HB3  H N N 306 
TYR HD1  H N N 307 
TYR HD2  H N N 308 
TYR HE1  H N N 309 
TYR HE2  H N N 310 
TYR HH   H N N 311 
TYR HXT  H N N 312 
VAL N    N N N 313 
VAL CA   C N S 314 
VAL C    C N N 315 
VAL O    O N N 316 
VAL CB   C N N 317 
VAL CG1  C N N 318 
VAL CG2  C N N 319 
VAL OXT  O N N 320 
VAL H    H N N 321 
VAL H2   H N N 322 
VAL HA   H N N 323 
VAL HB   H N N 324 
VAL HG11 H N N 325 
VAL HG12 H N N 326 
VAL HG13 H N N 327 
VAL HG21 H N N 328 
VAL HG22 H N N 329 
VAL HG23 H N N 330 
VAL HXT  H N N 331 
# 
loop_
_chem_comp_bond.comp_id 
_chem_comp_bond.atom_id_1 
_chem_comp_bond.atom_id_2 
_chem_comp_bond.value_order 
_chem_comp_bond.pdbx_aromatic_flag 
_chem_comp_bond.pdbx_stereo_config 
_chem_comp_bond.pdbx_ordinal 
ARG N   CA   sing N N 1   
ARG N   H    sing N N 2   
ARG N   H2   sing N N 3   
ARG CA  C    sing N N 4   
ARG CA  CB   sing N N 5   
ARG CA  HA   sing N N 6   
ARG C   O    doub N N 7   
ARG C   OXT  sing N N 8   
ARG CB  CG   sing N N 9   
ARG CB  HB2  sing N N 10  
ARG CB  HB3  sing N N 11  
ARG CG  CD   sing N N 12  
ARG CG  HG2  sing N N 13  
ARG CG  HG3  sing N N 14  
ARG CD  NE   sing N N 15  
ARG CD  HD2  sing N N 16  
ARG CD  HD3  sing N N 17  
ARG NE  CZ   sing N N 18  
ARG NE  HE   sing N N 19  
ARG CZ  NH1  sing N N 20  
ARG CZ  NH2  doub N N 21  
ARG NH1 HH11 sing N N 22  
ARG NH1 HH12 sing N N 23  
ARG NH2 HH21 sing N N 24  
ARG NH2 HH22 sing N N 25  
ARG OXT HXT  sing N N 26  
ASN N   CA   sing N N 27  
ASN N   H    sing N N 28  
ASN N   H2   sing N N 29  
ASN CA  C    sing N N 30  
ASN CA  CB   sing N N 31  
ASN CA  HA   sing N N 32  
ASN C   O    doub N N 33  
ASN C   OXT  sing N N 34  
ASN CB  CG   sing N N 35  
ASN CB  HB2  sing N N 36  
ASN CB  HB3  sing N N 37  
ASN CG  OD1  doub N N 38  
ASN CG  ND2  sing N N 39  
ASN ND2 HD21 sing N N 40  
ASN ND2 HD22 sing N N 41  
ASN OXT HXT  sing N N 42  
ASP N   CA   sing N N 43  
ASP N   H    sing N N 44  
ASP N   H2   sing N N 45  
ASP CA  C    sing N N 46  
ASP CA  CB   sing N N 47  
ASP CA  HA   sing N N 48  
ASP C   O    doub N N 49  
ASP C   OXT  sing N N 50  
ASP CB  CG   sing N N 51  
ASP CB  HB2  sing N N 52  
ASP CB  HB3  sing N N 53  
ASP CG  OD1  doub N N 54  
ASP CG  OD2  sing N N 55  
ASP OD2 HD2  sing N N 56  
ASP OXT HXT  sing N N 57  
CYS N   CA   sing N N 58  
CYS N   H    sing N N 59  
CYS N   H2   sing N N 60  
CYS CA  C    sing N N 61  
CYS CA  CB   sing N N 62  
CYS CA  HA   sing N N 63  
CYS C   O    doub N N 64  
CYS C   OXT  sing N N 65  
CYS CB  SG   sing N N 66  
CYS CB  HB2  sing N N 67  
CYS CB  HB3  sing N N 68  
CYS SG  HG   sing N N 69  
CYS OXT HXT  sing N N 70  
GLN N   CA   sing N N 71  
GLN N   H    sing N N 72  
GLN N   H2   sing N N 73  
GLN CA  C    sing N N 74  
GLN CA  CB   sing N N 75  
GLN CA  HA   sing N N 76  
GLN C   O    doub N N 77  
GLN C   OXT  sing N N 78  
GLN CB  CG   sing N N 79  
GLN CB  HB2  sing N N 80  
GLN CB  HB3  sing N N 81  
GLN CG  CD   sing N N 82  
GLN CG  HG2  sing N N 83  
GLN CG  HG3  sing N N 84  
GLN CD  OE1  doub N N 85  
GLN CD  NE2  sing N N 86  
GLN NE2 HE21 sing N N 87  
GLN NE2 HE22 sing N N 88  
GLN OXT HXT  sing N N 89  
GLU N   CA   sing N N 90  
GLU N   H    sing N N 91  
GLU N   H2   sing N N 92  
GLU CA  C    sing N N 93  
GLU CA  CB   sing N N 94  
GLU CA  HA   sing N N 95  
GLU C   O    doub N N 96  
GLU C   OXT  sing N N 97  
GLU CB  CG   sing N N 98  
GLU CB  HB2  sing N N 99  
GLU CB  HB3  sing N N 100 
GLU CG  CD   sing N N 101 
GLU CG  HG2  sing N N 102 
GLU CG  HG3  sing N N 103 
GLU CD  OE1  doub N N 104 
GLU CD  OE2  sing N N 105 
GLU OE2 HE2  sing N N 106 
GLU OXT HXT  sing N N 107 
GLY N   CA   sing N N 108 
GLY N   H    sing N N 109 
GLY N   H2   sing N N 110 
GLY CA  C    sing N N 111 
GLY CA  HA2  sing N N 112 
GLY CA  HA3  sing N N 113 
GLY C   O    doub N N 114 
GLY C   OXT  sing N N 115 
GLY OXT HXT  sing N N 116 
HIS N   CA   sing N N 117 
HIS N   H    sing N N 118 
HIS N   H2   sing N N 119 
HIS CA  C    sing N N 120 
HIS CA  CB   sing N N 121 
HIS CA  HA   sing N N 122 
HIS C   O    doub N N 123 
HIS C   OXT  sing N N 124 
HIS CB  CG   sing N N 125 
HIS CB  HB2  sing N N 126 
HIS CB  HB3  sing N N 127 
HIS CG  ND1  sing Y N 128 
HIS CG  CD2  doub Y N 129 
HIS ND1 CE1  doub Y N 130 
HIS ND1 HD1  sing N N 131 
HIS CD2 NE2  sing Y N 132 
HIS CD2 HD2  sing N N 133 
HIS CE1 NE2  sing Y N 134 
HIS CE1 HE1  sing N N 135 
HIS NE2 HE2  sing N N 136 
HIS OXT HXT  sing N N 137 
ILE N   CA   sing N N 138 
ILE N   H    sing N N 139 
ILE N   H2   sing N N 140 
ILE CA  C    sing N N 141 
ILE CA  CB   sing N N 142 
ILE CA  HA   sing N N 143 
ILE C   O    doub N N 144 
ILE C   OXT  sing N N 145 
ILE CB  CG1  sing N N 146 
ILE CB  CG2  sing N N 147 
ILE CB  HB   sing N N 148 
ILE CG1 CD1  sing N N 149 
ILE CG1 HG12 sing N N 150 
ILE CG1 HG13 sing N N 151 
ILE CG2 HG21 sing N N 152 
ILE CG2 HG22 sing N N 153 
ILE CG2 HG23 sing N N 154 
ILE CD1 HD11 sing N N 155 
ILE CD1 HD12 sing N N 156 
ILE CD1 HD13 sing N N 157 
ILE OXT HXT  sing N N 158 
LEU N   CA   sing N N 159 
LEU N   H    sing N N 160 
LEU N   H2   sing N N 161 
LEU CA  C    sing N N 162 
LEU CA  CB   sing N N 163 
LEU CA  HA   sing N N 164 
LEU C   O    doub N N 165 
LEU C   OXT  sing N N 166 
LEU CB  CG   sing N N 167 
LEU CB  HB2  sing N N 168 
LEU CB  HB3  sing N N 169 
LEU CG  CD1  sing N N 170 
LEU CG  CD2  sing N N 171 
LEU CG  HG   sing N N 172 
LEU CD1 HD11 sing N N 173 
LEU CD1 HD12 sing N N 174 
LEU CD1 HD13 sing N N 175 
LEU CD2 HD21 sing N N 176 
LEU CD2 HD22 sing N N 177 
LEU CD2 HD23 sing N N 178 
LEU OXT HXT  sing N N 179 
LYS N   CA   sing N N 180 
LYS N   H    sing N N 181 
LYS N   H2   sing N N 182 
LYS CA  C    sing N N 183 
LYS CA  CB   sing N N 184 
LYS CA  HA   sing N N 185 
LYS C   O    doub N N 186 
LYS C   OXT  sing N N 187 
LYS CB  CG   sing N N 188 
LYS CB  HB2  sing N N 189 
LYS CB  HB3  sing N N 190 
LYS CG  CD   sing N N 191 
LYS CG  HG2  sing N N 192 
LYS CG  HG3  sing N N 193 
LYS CD  CE   sing N N 194 
LYS CD  HD2  sing N N 195 
LYS CD  HD3  sing N N 196 
LYS CE  NZ   sing N N 197 
LYS CE  HE2  sing N N 198 
LYS CE  HE3  sing N N 199 
LYS NZ  HZ1  sing N N 200 
LYS NZ  HZ2  sing N N 201 
LYS NZ  HZ3  sing N N 202 
LYS OXT HXT  sing N N 203 
PRO N   CA   sing N N 204 
PRO N   CD   sing N N 205 
PRO N   H    sing N N 206 
PRO CA  C    sing N N 207 
PRO CA  CB   sing N N 208 
PRO CA  HA   sing N N 209 
PRO C   O    doub N N 210 
PRO C   OXT  sing N N 211 
PRO CB  CG   sing N N 212 
PRO CB  HB2  sing N N 213 
PRO CB  HB3  sing N N 214 
PRO CG  CD   sing N N 215 
PRO CG  HG2  sing N N 216 
PRO CG  HG3  sing N N 217 
PRO CD  HD2  sing N N 218 
PRO CD  HD3  sing N N 219 
PRO OXT HXT  sing N N 220 
SER N   CA   sing N N 221 
SER N   H    sing N N 222 
SER N   H2   sing N N 223 
SER CA  C    sing N N 224 
SER CA  CB   sing N N 225 
SER CA  HA   sing N N 226 
SER C   O    doub N N 227 
SER C   OXT  sing N N 228 
SER CB  OG   sing N N 229 
SER CB  HB2  sing N N 230 
SER CB  HB3  sing N N 231 
SER OG  HG   sing N N 232 
SER OXT HXT  sing N N 233 
THR N   CA   sing N N 234 
THR N   H    sing N N 235 
THR N   H2   sing N N 236 
THR CA  C    sing N N 237 
THR CA  CB   sing N N 238 
THR CA  HA   sing N N 239 
THR C   O    doub N N 240 
THR C   OXT  sing N N 241 
THR CB  OG1  sing N N 242 
THR CB  CG2  sing N N 243 
THR CB  HB   sing N N 244 
THR OG1 HG1  sing N N 245 
THR CG2 HG21 sing N N 246 
THR CG2 HG22 sing N N 247 
THR CG2 HG23 sing N N 248 
THR OXT HXT  sing N N 249 
TRP N   CA   sing N N 250 
TRP N   H    sing N N 251 
TRP N   H2   sing N N 252 
TRP CA  C    sing N N 253 
TRP CA  CB   sing N N 254 
TRP CA  HA   sing N N 255 
TRP C   O    doub N N 256 
TRP C   OXT  sing N N 257 
TRP CB  CG   sing N N 258 
TRP CB  HB2  sing N N 259 
TRP CB  HB3  sing N N 260 
TRP CG  CD1  doub Y N 261 
TRP CG  CD2  sing Y N 262 
TRP CD1 NE1  sing Y N 263 
TRP CD1 HD1  sing N N 264 
TRP CD2 CE2  doub Y N 265 
TRP CD2 CE3  sing Y N 266 
TRP NE1 CE2  sing Y N 267 
TRP NE1 HE1  sing N N 268 
TRP CE2 CZ2  sing Y N 269 
TRP CE3 CZ3  doub Y N 270 
TRP CE3 HE3  sing N N 271 
TRP CZ2 CH2  doub Y N 272 
TRP CZ2 HZ2  sing N N 273 
TRP CZ3 CH2  sing Y N 274 
TRP CZ3 HZ3  sing N N 275 
TRP CH2 HH2  sing N N 276 
TRP OXT HXT  sing N N 277 
TYR N   CA   sing N N 278 
TYR N   H    sing N N 279 
TYR N   H2   sing N N 280 
TYR CA  C    sing N N 281 
TYR CA  CB   sing N N 282 
TYR CA  HA   sing N N 283 
TYR C   O    doub N N 284 
TYR C   OXT  sing N N 285 
TYR CB  CG   sing N N 286 
TYR CB  HB2  sing N N 287 
TYR CB  HB3  sing N N 288 
TYR CG  CD1  doub Y N 289 
TYR CG  CD2  sing Y N 290 
TYR CD1 CE1  sing Y N 291 
TYR CD1 HD1  sing N N 292 
TYR CD2 CE2  doub Y N 293 
TYR CD2 HD2  sing N N 294 
TYR CE1 CZ   doub Y N 295 
TYR CE1 HE1  sing N N 296 
TYR CE2 CZ   sing Y N 297 
TYR CE2 HE2  sing N N 298 
TYR CZ  OH   sing N N 299 
TYR OH  HH   sing N N 300 
TYR OXT HXT  sing N N 301 
VAL N   CA   sing N N 302 
VAL N   H    sing N N 303 
VAL N   H2   sing N N 304 
VAL CA  C    sing N N 305 
VAL CA  CB   sing N N 306 
VAL CA  HA   sing N N 307 
VAL C   O    doub N N 308 
VAL C   OXT  sing N N 309 
VAL CB  CG1  sing N N 310 
VAL CB  CG2  sing N N 311 
VAL CB  HB   sing N N 312 
VAL CG1 HG11 sing N N 313 
VAL CG1 HG12 sing N N 314 
VAL CG1 HG13 sing N N 315 
VAL CG2 HG21 sing N N 316 
VAL CG2 HG22 sing N N 317 
VAL CG2 HG23 sing N N 318 
VAL OXT HXT  sing N N 319 
# 
_atom_sites.entry_id                    1COD 
_atom_sites.fract_transf_matrix[1][1]   1.000000 
_atom_sites.fract_transf_matrix[1][2]   0.000000 
_atom_sites.fract_transf_matrix[1][3]   0.000000 
_atom_sites.fract_transf_matrix[2][1]   0.000000 
_atom_sites.fract_transf_matrix[2][2]   1.000000 
_atom_sites.fract_transf_matrix[2][3]   0.000000 
_atom_sites.fract_transf_matrix[3][1]   0.000000 
_atom_sites.fract_transf_matrix[3][2]   0.000000 
_atom_sites.fract_transf_matrix[3][3]   1.000000 
_atom_sites.fract_transf_vector[1]      0.00000 
_atom_sites.fract_transf_vector[2]      0.00000 
_atom_sites.fract_transf_vector[3]      0.00000 
# 
loop_
_atom_type.symbol 
C 
H 
N 
O 
S 
# 
loop_
_atom_site.group_PDB 
_atom_site.id 
_atom_site.type_symbol 
_atom_site.label_atom_id 
_atom_site.label_alt_id 
_atom_site.label_comp_id 
_atom_site.label_asym_id 
_atom_site.label_entity_id 
_atom_site.label_seq_id 
_atom_site.pdbx_PDB_ins_code 
_atom_site.Cartn_x 
_atom_site.Cartn_y 
_atom_site.Cartn_z 
_atom_site.occupancy 
_atom_site.B_iso_or_equiv 
_atom_site.pdbx_formal_charge 
_atom_site.auth_seq_id 
_atom_site.auth_comp_id 
_atom_site.auth_asym_id 
_atom_site.auth_atom_id 
_atom_site.pdbx_PDB_model_num 
ATOM 1   N N    . LEU A 1 1  ? 14.424  -3.871  3.537   1.00 1.18 ? 1  LEU A N    1 
ATOM 2   C CA   . LEU A 1 1  ? 13.146  -3.782  3.399   1.00 1.04 ? 1  LEU A CA   1 
ATOM 3   C C    . LEU A 1 1  ? 12.644  -2.442  3.052   1.00 0.97 ? 1  LEU A C    1 
ATOM 4   O O    . LEU A 1 1  ? 12.638  -1.622  3.828   1.00 1.21 ? 1  LEU A O    1 
ATOM 5   C CB   . LEU A 1 1  ? 12.689  -4.197  4.509   1.00 1.42 ? 1  LEU A CB   1 
ATOM 6   C CG   . LEU A 1 1  ? 11.960  -4.383  4.753   1.00 1.83 ? 1  LEU A CG   1 
ATOM 7   C CD1  . LEU A 1 1  ? 11.692  -4.523  5.095   1.00 2.63 ? 1  LEU A CD1  1 
ATOM 8   C CD2  . LEU A 1 1  ? 11.367  -4.495  5.076   1.00 2.60 ? 1  LEU A CD2  1 
ATOM 9   H H1   . LEU A 1 1  ? 14.677  -3.890  3.891   1.00 1.56 ? 1  LEU A H1   1 
ATOM 10  H H2   . LEU A 1 1  ? 14.762  -3.547  3.465   1.00 1.60 ? 1  LEU A H2   1 
ATOM 11  H H3   . LEU A 1 1  ? 14.726  -4.234  3.354   1.00 1.53 ? 1  LEU A H3   1 
ATOM 12  H HA   . LEU A 1 1  ? 12.899  -4.374  2.758   1.00 1.30 ? 1  LEU A HA   1 
ATOM 13  H HB2  . LEU A 1 1  ? 12.830  -4.519  4.675   1.00 2.02 ? 1  LEU A HB2  1 
ATOM 14  H HB3  . LEU A 1 1  ? 12.743  -4.034  4.954   1.00 1.83 ? 1  LEU A HB3  1 
ATOM 15  H HG   . LEU A 1 1  ? 12.054  -4.337  4.457   1.00 2.10 ? 1  LEU A HG   1 
ATOM 16  H HD11 . LEU A 1 1  ? 11.617  -4.411  5.013   1.00 3.01 ? 1  LEU A HD11 1 
ATOM 17  H HD12 . LEU A 1 1  ? 11.559  -4.526  5.399   1.00 3.14 ? 1  LEU A HD12 1 
ATOM 18  H HD13 . LEU A 1 1  ? 11.711  -4.730  5.114   1.00 3.04 ? 1  LEU A HD13 1 
ATOM 19  H HD21 . LEU A 1 1  ? 11.116  -4.369  5.400   1.00 3.15 ? 1  LEU A HD21 1 
ATOM 20  H HD22 . LEU A 1 1  ? 11.268  -4.543  5.169   1.00 2.80 ? 1  LEU A HD22 1 
ATOM 21  H HD23 . LEU A 1 1  ? 11.298  -4.649  4.884   1.00 3.09 ? 1  LEU A HD23 1 
ATOM 22  N N    . GLU A 1 2  ? 12.222  -2.211  1.891   1.00 0.87 ? 2  GLU A N    1 
ATOM 23  C CA   . GLU A 1 2  ? 11.722  -0.924  1.494   1.00 0.96 ? 2  GLU A CA   1 
ATOM 24  C C    . GLU A 1 2  ? 10.605  -1.043  0.493   1.00 0.78 ? 2  GLU A C    1 
ATOM 25  O O    . GLU A 1 2  ? 10.667  -1.815  -0.399  1.00 0.73 ? 2  GLU A O    1 
ATOM 26  C CB   . GLU A 1 2  ? 12.813  -0.174  0.923   1.00 1.22 ? 2  GLU A CB   1 
ATOM 27  C CG   . GLU A 1 2  ? 13.353  0.289   0.632   1.00 1.50 ? 2  GLU A CG   1 
ATOM 28  C CD   . GLU A 1 2  ? 14.105  1.006   0.185   1.00 1.83 ? 2  GLU A CD   1 
ATOM 29  O OE1  . GLU A 1 2  ? 14.195  1.338   0.008   1.00 2.22 ? 2  GLU A OE1  1 
ATOM 30  O OE2  . GLU A 1 2  ? 14.581  1.209   0.029   1.00 2.43 ? 2  GLU A OE2  1 
ATOM 31  H H    . GLU A 1 2  ? 12.237  -2.885  1.279   1.00 0.90 ? 2  GLU A H    1 
ATOM 32  H HA   . GLU A 1 2  ? 11.379  -0.433  2.316   1.00 1.17 ? 2  GLU A HA   1 
ATOM 33  H HB2  . GLU A 1 2  ? 13.030  -0.065  0.879   1.00 1.77 ? 2  GLU A HB2  1 
ATOM 34  H HB3  . GLU A 1 2  ? 12.986  -0.083  0.770   1.00 1.83 ? 2  GLU A HB3  1 
ATOM 35  H HG2  . GLU A 1 2  ? 13.130  0.104   0.796   1.00 2.01 ? 2  GLU A HG2  1 
ATOM 36  H HG3  . GLU A 1 2  ? 13.423  0.295   0.577   1.00 2.09 ? 2  GLU A HG3  1 
ATOM 37  N N    . CYS A 1 3  ? 9.585   -0.281  0.634   1.00 0.80 ? 3  CYS A N    1 
ATOM 38  C CA   . CYS A 1 3  ? 8.466   -0.348  -0.311  1.00 0.71 ? 3  CYS A CA   1 
ATOM 39  C C    . CYS A 1 3  ? 8.303   0.984   -1.015  1.00 0.65 ? 3  CYS A C    1 
ATOM 40  O O    . CYS A 1 3  ? 8.842   1.961   -0.613  1.00 0.67 ? 3  CYS A O    1 
ATOM 41  C CB   . CYS A 1 3  ? 7.193   -0.668  0.418   1.00 0.86 ? 3  CYS A CB   1 
ATOM 42  S SG   . CYS A 1 3  ? 6.891   -1.698  1.013   1.00 1.17 ? 3  CYS A SG   1 
ATOM 43  H H    . CYS A 1 3  ? 9.553   0.337   1.360   1.00 0.94 ? 3  CYS A H    1 
ATOM 44  H HA   . CYS A 1 3  ? 8.667   -1.110  -1.019  1.00 0.70 ? 3  CYS A HA   1 
ATOM 45  H HB2  . CYS A 1 3  ? 7.028   -0.290  0.897   1.00 1.37 ? 3  CYS A HB2  1 
ATOM 46  H HB3  . CYS A 1 3  ? 6.639   -0.658  0.091   1.00 1.43 ? 3  CYS A HB3  1 
ATOM 47  N N    . HIS A 1 4  ? 7.562   1.031   -2.061  1.00 0.71 ? 4  HIS A N    1 
ATOM 48  C CA   . HIS A 1 4  ? 7.369   2.301   -2.786  1.00 0.72 ? 4  HIS A CA   1 
ATOM 49  C C    . HIS A 1 4  ? 6.014   2.848   -2.493  1.00 0.65 ? 4  HIS A C    1 
ATOM 50  O O    . HIS A 1 4  ? 5.144   2.157   -2.267  1.00 0.85 ? 4  HIS A O    1 
ATOM 51  C CB   . HIS A 1 4  ? 7.498   2.084   -4.253  1.00 0.96 ? 4  HIS A CB   1 
ATOM 52  C CG   . HIS A 1 4  ? 8.278   2.057   -4.811  1.00 1.27 ? 4  HIS A CG   1 
ATOM 53  N ND1  . HIS A 1 4  ? 8.531   1.925   -5.723  1.00 1.62 ? 4  HIS A ND1  1 
ATOM 54  C CD2  . HIS A 1 4  ? 8.868   2.143   -4.597  1.00 2.28 ? 4  HIS A CD2  1 
ATOM 55  C CE1  . HIS A 1 4  ? 9.245   1.937   -6.020  1.00 2.47 ? 4  HIS A CE1  1 
ATOM 56  N NE2  . HIS A 1 4  ? 9.479   2.067   -5.362  1.00 2.90 ? 4  HIS A NE2  1 
ATOM 57  H H    . HIS A 1 4  ? 7.135   0.233   -2.369  1.00 0.81 ? 4  HIS A H    1 
ATOM 58  H HA   . HIS A 1 4  ? 8.094   2.990   -2.481  1.00 0.78 ? 4  HIS A HA   1 
ATOM 59  H HB2  . HIS A 1 4  ? 7.292   1.574   -4.438  1.00 1.58 ? 4  HIS A HB2  1 
ATOM 60  H HB3  . HIS A 1 4  ? 7.235   2.462   -4.705  1.00 1.33 ? 4  HIS A HB3  1 
ATOM 61  H HD1  . HIS A 1 4  ? 8.242   1.840   -6.083  1.00 1.78 ? 4  HIS A HD1  1 
ATOM 62  H HD2  . HIS A 1 4  ? 8.860   2.254   -3.935  1.00 2.81 ? 4  HIS A HD2  1 
ATOM 63  H HE1  . HIS A 1 4  ? 9.589   1.850   -6.707  1.00 3.06 ? 4  HIS A HE1  1 
ATOM 64  N N    . ASN A 1 5  ? 5.826   4.083   -2.491  1.00 0.67 ? 5  ASN A N    1 
ATOM 65  C CA   . ASN A 1 5  ? 4.527   4.670   -2.209  1.00 0.76 ? 5  ASN A CA   1 
ATOM 66  C C    . ASN A 1 5  ? 4.050   5.497   -3.382  1.00 0.76 ? 5  ASN A C    1 
ATOM 67  O O    . ASN A 1 5  ? 4.558   6.005   -4.001  1.00 1.23 ? 5  ASN A O    1 
ATOM 68  C CB   . ASN A 1 5  ? 4.632   5.534   -1.021  1.00 0.93 ? 5  ASN A CB   1 
ATOM 69  C CG   . ASN A 1 5  ? 4.168   5.974   -0.386  1.00 1.21 ? 5  ASN A CG   1 
ATOM 70  O OD1  . ASN A 1 5  ? 4.099   6.271   -0.408  1.00 2.01 ? 5  ASN A OD1  1 
ATOM 71  N ND2  . ASN A 1 5  ? 3.845   6.030   0.183   1.00 1.81 ? 5  ASN A ND2  1 
ATOM 72  H H    . ASN A 1 5  ? 6.539   4.625   -2.674  1.00 0.83 ? 5  ASN A H    1 
ATOM 73  H HA   . ASN A 1 5  ? 3.848   3.900   -2.013  1.00 0.87 ? 5  ASN A HA   1 
ATOM 74  H HB2  . ASN A 1 5  ? 4.846   5.453   -0.620  1.00 1.40 ? 5  ASN A HB2  1 
ATOM 75  H HB3  . ASN A 1 5  ? 4.823   5.915   -1.032  1.00 1.65 ? 5  ASN A HB3  1 
ATOM 76  H HD21 . ASN A 1 5  ? 3.900   5.791   0.200   1.00 2.13 ? 5  ASN A HD21 1 
ATOM 77  H HD22 . ASN A 1 5  ? 3.547   6.311   0.592   1.00 2.42 ? 5  ASN A HD22 1 
ATOM 78  N N    . GLN A 1 6  ? 3.077   5.636   -3.690  1.00 0.94 ? 6  GLN A N    1 
ATOM 79  C CA   . GLN A 1 6  ? 2.562   6.431   -4.818  1.00 1.01 ? 6  GLN A CA   1 
ATOM 80  C C    . GLN A 1 6  ? 1.145   6.771   -4.634  1.00 0.75 ? 6  GLN A C    1 
ATOM 81  O O    . GLN A 1 6  ? 0.429   6.281   -4.597  1.00 1.22 ? 6  GLN A O    1 
ATOM 82  C CB   . GLN A 1 6  ? 2.698   5.683   -6.048  1.00 1.34 ? 6  GLN A CB   1 
ATOM 83  C CG   . GLN A 1 6  ? 2.632   5.280   -6.452  1.00 2.09 ? 6  GLN A CG   1 
ATOM 84  C CD   . GLN A 1 6  ? 2.431   4.705   -7.670  1.00 2.40 ? 6  GLN A CD   1 
ATOM 85  O OE1  . GLN A 1 6  ? 2.525   4.635   -8.266  1.00 2.96 ? 6  GLN A OE1  1 
ATOM 86  N NE2  . GLN A 1 6  ? 2.155   4.289   -8.065  1.00 2.57 ? 6  GLN A NE2  1 
ATOM 87  H H    . GLN A 1 6  ? 2.682   5.216   -3.177  1.00 1.38 ? 6  GLN A H    1 
ATOM 88  H HA   . GLN A 1 6  ? 3.090   7.296   -4.891  1.00 1.17 ? 6  GLN A HA   1 
ATOM 89  H HB2  . GLN A 1 6  ? 2.689   5.596   -6.359  1.00 1.73 ? 6  GLN A HB2  1 
ATOM 90  H HB3  . GLN A 1 6  ? 2.850   5.531   -6.324  1.00 1.73 ? 6  GLN A HB3  1 
ATOM 91  H HG2  . GLN A 1 6  ? 2.748   5.328   -6.140  1.00 2.67 ? 6  GLN A HG2  1 
ATOM 92  H HG3  . GLN A 1 6  ? 2.615   5.355   -6.191  1.00 2.52 ? 6  GLN A HG3  1 
ATOM 93  H HE21 . GLN A 1 6  ? 2.079   4.345   -7.585  1.00 2.73 ? 6  GLN A HE21 1 
ATOM 94  H HE22 . GLN A 1 6  ? 2.024   3.919   -8.846  1.00 2.88 ? 6  GLN A HE22 1 
ATOM 95  N N    . GLN A 1 7  ? 0.735   7.608   -4.515  1.00 0.96 ? 7  GLN A N    1 
ATOM 96  C CA   . GLN A 1 7  ? -0.635  7.980   -4.328  1.00 0.99 ? 7  GLN A CA   1 
ATOM 97  C C    . GLN A 1 7  ? -1.377  7.793   -5.553  1.00 1.08 ? 7  GLN A C    1 
ATOM 98  O O    . GLN A 1 7  ? -1.129  8.239   -6.343  1.00 1.56 ? 7  GLN A O    1 
ATOM 99  C CB   . GLN A 1 7  ? -0.705  9.360   -3.979  1.00 1.35 ? 7  GLN A CB   1 
ATOM 100 C CG   . GLN A 1 7  ? -0.958  9.581   -3.091  1.00 1.85 ? 7  GLN A CG   1 
ATOM 101 C CD   . GLN A 1 7  ? -0.658  10.106  -2.458  1.00 2.45 ? 7  GLN A CD   1 
ATOM 102 O OE1  . GLN A 1 7  ? -0.510  10.186  -2.147  1.00 3.15 ? 7  GLN A OE1  1 
ATOM 103 N NE2  . GLN A 1 7  ? -0.563  10.468  -2.255  1.00 2.88 ? 7  GLN A NE2  1 
ATOM 104 H H    . GLN A 1 7  ? 1.330   7.990   -4.547  1.00 1.53 ? 7  GLN A H    1 
ATOM 105 H HA   . GLN A 1 7  ? -1.058  7.406   -3.569  1.00 0.94 ? 7  GLN A HA   1 
ATOM 106 H HB2  . GLN A 1 7  ? -0.139  9.807   -4.023  1.00 1.63 ? 7  GLN A HB2  1 
ATOM 107 H HB3  . GLN A 1 7  ? -1.143  9.733   -4.315  1.00 1.75 ? 7  GLN A HB3  1 
ATOM 108 H HG2  . GLN A 1 7  ? -1.298  9.667   -2.937  1.00 2.25 ? 7  GLN A HG2  1 
ATOM 109 H HG3  . GLN A 1 7  ? -1.009  9.282   -3.064  1.00 2.31 ? 7  GLN A HG3  1 
ATOM 110 H HE21 . GLN A 1 7  ? -0.683  10.404  -2.506  1.00 2.93 ? 7  GLN A HE21 1 
ATOM 111 H HE22 . GLN A 1 7  ? -0.372  10.806  -1.850  1.00 3.53 ? 7  GLN A HE22 1 
ATOM 112 N N    . SER A 1 8  ? -2.292  7.140   -5.715  1.00 1.10 ? 8  SER A N    1 
ATOM 113 C CA   . SER A 1 8  ? -3.056  6.926   -6.886  1.00 1.32 ? 8  SER A CA   1 
ATOM 114 C C    . SER A 1 8  ? -2.194  6.928   -8.041  1.00 1.45 ? 8  SER A C    1 
ATOM 115 O O    . SER A 1 8  ? -1.917  7.050   -8.451  1.00 2.21 ? 8  SER A O    1 
ATOM 116 C CB   . SER A 1 8  ? -4.022  7.961   -7.000  1.00 1.62 ? 8  SER A CB   1 
ATOM 117 O OG   . SER A 1 8  ? -4.359  8.369   -7.154  1.00 1.94 ? 8  SER A OG   1 
ATOM 118 H H    . SER A 1 8  ? -2.476  6.790   -5.063  1.00 1.32 ? 8  SER A H    1 
ATOM 119 H HA   . SER A 1 8  ? -3.540  6.033   -6.837  1.00 1.39 ? 8  SER A HA   1 
ATOM 120 H HB2  . SER A 1 8  ? -4.275  8.115   -6.988  1.00 2.16 ? 8  SER A HB2  1 
ATOM 121 H HB3  . SER A 1 8  ? -4.196  8.230   -6.977  1.00 2.00 ? 8  SER A HB3  1 
ATOM 122 H HG   . SER A 1 8  ? -4.802  8.431   -7.327  1.00 2.32 ? 8  SER A HG   1 
ATOM 123 N N    . SER A 1 9  ? -1.770  6.793   -8.569  1.00 1.46 ? 9  SER A N    1 
ATOM 124 C CA   . SER A 1 9  ? -0.927  6.783   -9.698  1.00 1.71 ? 9  SER A CA   1 
ATOM 125 C C    . SER A 1 9  ? -0.224  8.014   -9.913  1.00 1.76 ? 9  SER A C    1 
ATOM 126 O O    . SER A 1 9  ? -0.045  8.412   -10.065 1.00 2.55 ? 9  SER A O    1 
ATOM 127 C CB   . SER A 1 9  ? -1.757  6.486   -10.753 1.00 2.24 ? 9  SER A CB   1 
ATOM 128 O OG   . SER A 1 9  ? -1.699  6.521   -11.058 1.00 3.02 ? 9  SER A OG   1 
ATOM 129 H H    . SER A 1 9  ? -2.006  6.696   -8.225  1.00 1.86 ? 9  SER A H    1 
ATOM 130 H HA   . SER A 1 9  ? -0.225  6.113   -9.616  1.00 1.69 ? 9  SER A HA   1 
ATOM 131 H HB2  . SER A 1 9  ? -1.978  6.217   -10.983 1.00 2.47 ? 9  SER A HB2  1 
ATOM 132 H HB3  . SER A 1 9  ? -2.166  6.516   -11.037 1.00 2.46 ? 9  SER A HB3  1 
ATOM 133 H HG   . SER A 1 9  ? -1.845  6.472   -11.325 1.00 3.20 ? 9  SER A HG   1 
ATOM 134 N N    . GLN A 1 10 ? 0.176   8.622   -9.927  1.00 1.50 ? 10 GLN A N    1 
ATOM 135 C CA   . GLN A 1 10 ? 0.869   9.825   -10.133 1.00 1.65 ? 10 GLN A CA   1 
ATOM 136 C C    . GLN A 1 10 ? 2.288   9.745   -9.896  1.00 1.40 ? 10 GLN A C    1 
ATOM 137 O O    . GLN A 1 10 ? 2.870   9.380   -10.368 1.00 1.70 ? 10 GLN A O    1 
ATOM 138 C CB   . GLN A 1 10 ? 0.286   10.732  -9.297  1.00 1.82 ? 10 GLN A CB   1 
ATOM 139 C CG   . GLN A 1 10 ? -0.232  11.640  -9.870  1.00 2.49 ? 10 GLN A CG   1 
ATOM 140 C CD   . GLN A 1 10 ? -0.333  12.296  -10.107 1.00 3.08 ? 10 GLN A CD   1 
ATOM 141 O OE1  . GLN A 1 10 ? -0.392  12.086  -10.021 1.00 3.74 ? 10 GLN A OE1  1 
ATOM 142 N NE2  . GLN A 1 10 ? -0.355  13.087  -10.404 1.00 3.40 ? 10 GLN A NE2  1 
ATOM 143 H H    . GLN A 1 10 ? 0.023   8.285   -9.804  1.00 1.78 ? 10 GLN A H    1 
ATOM 144 H HA   . GLN A 1 10 ? 0.781   10.111  -11.039 1.00 2.05 ? 10 GLN A HA   1 
ATOM 145 H HB2  . GLN A 1 10 ? -0.370  10.337  -8.832  1.00 1.77 ? 10 GLN A HB2  1 
ATOM 146 H HB3  . GLN A 1 10 ? 0.897   11.127  -8.767  1.00 1.89 ? 10 GLN A HB3  1 
ATOM 147 H HG2  . GLN A 1 10 ? -0.264  11.752  -10.157 1.00 2.58 ? 10 GLN A HG2  1 
ATOM 148 H HG3  . GLN A 1 10 ? -0.495  11.705  -9.822  1.00 3.10 ? 10 GLN A HG3  1 
ATOM 149 H HE21 . GLN A 1 10 ? -0.307  13.256  -10.474 1.00 3.32 ? 10 GLN A HE21 1 
ATOM 150 H HE22 . GLN A 1 10 ? -0.420  13.512  -10.557 1.00 4.01 ? 10 GLN A HE22 1 
ATOM 151 N N    . THR A 1 11 ? 2.849   10.080  -9.165  1.00 1.43 ? 11 THR A N    1 
ATOM 152 C CA   . THR A 1 11 ? 4.227   10.021  -8.896  1.00 1.34 ? 11 THR A CA   1 
ATOM 153 C C    . THR A 1 11 ? 4.555   9.021   -7.841  1.00 1.09 ? 11 THR A C    1 
ATOM 154 O O    . THR A 1 11 ? 4.079   9.079   -6.799  1.00 1.06 ? 11 THR A O    1 
ATOM 155 C CB   . THR A 1 11 ? 4.663   11.273  -8.474  1.00 1.60 ? 11 THR A CB   1 
ATOM 156 O OG1  . THR A 1 11 ? 4.065   12.088  -8.801  1.00 1.95 ? 11 THR A OG1  1 
ATOM 157 C CG2  . THR A 1 11 ? 5.695   11.626  -8.735  1.00 2.00 ? 11 THR A CG2  1 
ATOM 158 H H    . THR A 1 11 ? 2.362   10.369  -8.794  1.00 1.88 ? 11 THR A H    1 
ATOM 159 H HA   . THR A 1 11 ? 4.681   9.799   -9.739  1.00 1.51 ? 11 THR A HA   1 
ATOM 160 H HB   . THR A 1 11 ? 4.697   11.287  -7.742  1.00 1.87 ? 11 THR A HB   1 
ATOM 161 H HG1  . THR A 1 11 ? 4.117   12.659  -8.514  1.00 2.05 ? 11 THR A HG1  1 
ATOM 162 H HG21 . THR A 1 11 ? 5.877   11.935  -8.732  1.00 2.13 ? 11 THR A HG21 1 
ATOM 163 H HG22 . THR A 1 11 ? 5.910   11.697  -9.019  1.00 2.52 ? 11 THR A HG22 1 
ATOM 164 H HG23 . THR A 1 11 ? 6.030   11.496  -8.640  1.00 2.45 ? 11 THR A HG23 1 
ATOM 165 N N    . PRO A 1 12 ? 5.359   8.134   -8.140  1.00 1.10 ? 12 PRO A N    1 
ATOM 166 C CA   . PRO A 1 12 ? 5.768   7.106   -7.230  1.00 1.01 ? 12 PRO A CA   1 
ATOM 167 C C    . PRO A 1 12 ? 6.779   7.565   -6.236  1.00 0.88 ? 12 PRO A C    1 
ATOM 168 O O    . PRO A 1 12 ? 7.737   8.151   -6.559  1.00 1.10 ? 12 PRO A O    1 
ATOM 169 C CB   . PRO A 1 12 ? 6.344   6.123   -8.097  1.00 1.37 ? 12 PRO A CB   1 
ATOM 170 C CG   . PRO A 1 12 ? 6.728   6.836   -9.333  1.00 1.60 ? 12 PRO A CG   1 
ATOM 171 C CD   . PRO A 1 12 ? 5.937   8.071   -9.408  1.00 1.43 ? 12 PRO A CD   1 
ATOM 172 H HA   . PRO A 1 12 ? 4.955   6.723   -6.759  1.00 0.99 ? 12 PRO A HA   1 
ATOM 173 H HB2  . PRO A 1 12 ? 7.180   5.682   -7.612  1.00 1.43 ? 12 PRO A HB2  1 
ATOM 174 H HB3  . PRO A 1 12 ? 5.638   5.427   -8.346  1.00 1.52 ? 12 PRO A HB3  1 
ATOM 175 H HG2  . PRO A 1 12 ? 7.746   7.036   -9.270  1.00 1.73 ? 12 PRO A HG2  1 
ATOM 176 H HG3  . PRO A 1 12 ? 6.499   6.285   -10.173 1.00 1.85 ? 12 PRO A HG3  1 
ATOM 177 H HD2  . PRO A 1 12 ? 6.557   8.860   -9.559  1.00 1.57 ? 12 PRO A HD2  1 
ATOM 178 H HD3  . PRO A 1 12 ? 5.194   8.040   -10.165 1.00 1.53 ? 12 PRO A HD3  1 
ATOM 179 N N    . THR A 1 13 ? 6.573   7.303   -5.030  1.00 0.69 ? 13 THR A N    1 
ATOM 180 C CA   . THR A 1 13 ? 7.525   7.725   -4.020  1.00 0.76 ? 13 THR A CA   1 
ATOM 181 C C    . THR A 1 13 ? 8.154   6.525   -3.355  1.00 0.73 ? 13 THR A C    1 
ATOM 182 O O    . THR A 1 13 ? 7.892   5.434   -3.686  1.00 0.76 ? 13 THR A O    1 
ATOM 183 C CB   . THR A 1 13 ? 6.822   8.538   -2.999  1.00 0.92 ? 13 THR A CB   1 
ATOM 184 O OG1  . THR A 1 13 ? 5.988   8.790   -3.115  1.00 1.51 ? 13 THR A OG1  1 
ATOM 185 C CG2  . THR A 1 13 ? 7.080   9.452   -2.664  1.00 1.37 ? 13 THR A CG2  1 
ATOM 186 H H    . THR A 1 13 ? 5.796   6.827   -4.788  1.00 0.64 ? 13 THR A H    1 
ATOM 187 H HA   . THR A 1 13 ? 8.265   8.305   -4.482  1.00 0.89 ? 13 THR A HA   1 
ATOM 188 H HB   . THR A 1 13 ? 6.778   8.276   -2.426  1.00 1.41 ? 13 THR A HB   1 
ATOM 189 H HG1  . THR A 1 13 ? 5.744   9.218   -3.077  1.00 1.71 ? 13 THR A HG1  1 
ATOM 190 H HG21 . THR A 1 13 ? 7.004   9.799   -2.426  1.00 1.72 ? 13 THR A HG21 1 
ATOM 191 H HG22 . THR A 1 13 ? 7.193   9.721   -2.593  1.00 1.92 ? 13 THR A HG22 1 
ATOM 192 H HG23 . THR A 1 13 ? 7.225   9.482   -2.735  1.00 1.97 ? 13 THR A HG23 1 
ATOM 193 N N    . THR A 1 14 ? 8.981   6.715   -2.419  1.00 0.85 ? 14 THR A N    1 
ATOM 194 C CA   . THR A 1 14 ? 9.627   5.580   -1.736  1.00 0.90 ? 14 THR A CA   1 
ATOM 195 C C    . THR A 1 14 ? 9.409   5.670   -0.266  1.00 1.00 ? 14 THR A C    1 
ATOM 196 O O    . THR A 1 14 ? 9.498   6.640   0.252   1.00 1.39 ? 14 THR A O    1 
ATOM 197 C CB   . THR A 1 14 ? 11.073  5.601   -2.020  1.00 1.16 ? 14 THR A CB   1 
ATOM 198 O OG1  . THR A 1 14 ? 11.525  6.423   -2.258  1.00 1.49 ? 14 THR A OG1  1 
ATOM 199 C CG2  . THR A 1 14 ? 11.342  5.059   -2.758  1.00 1.90 ? 14 THR A CG2  1 
ATOM 200 H H    . THR A 1 14 ? 9.182   7.602   -2.166  1.00 0.98 ? 14 THR A H    1 
ATOM 201 H HA   . THR A 1 14 ? 9.227   4.679   -2.081  1.00 0.84 ? 14 THR A HA   1 
ATOM 202 H HB   . THR A 1 14 ? 11.563  5.375   -1.517  1.00 1.41 ? 14 THR A HB   1 
ATOM 203 H HG1  . THR A 1 14 ? 11.761  6.477   -2.421  1.00 2.00 ? 14 THR A HG1  1 
ATOM 204 H HG21 . THR A 1 14 ? 11.730  4.956   -2.890  1.00 2.29 ? 14 THR A HG21 1 
ATOM 205 H HG22 . THR A 1 14 ? 11.189  4.870   -3.029  1.00 2.49 ? 14 THR A HG22 1 
ATOM 206 H HG23 . THR A 1 14 ? 11.296  4.967   -2.876  1.00 2.29 ? 14 THR A HG23 1 
ATOM 207 N N    . THR A 1 15 ? 9.125   4.664   0.411   1.00 0.83 ? 15 THR A N    1 
ATOM 208 C CA   . THR A 1 15 ? 8.903   4.692   1.847   1.00 1.00 ? 15 THR A CA   1 
ATOM 209 C C    . THR A 1 15 ? 9.466   3.643   2.576   1.00 0.86 ? 15 THR A C    1 
ATOM 210 O O    . THR A 1 15 ? 9.229   2.725   2.365   1.00 0.97 ? 15 THR A O    1 
ATOM 211 C CB   . THR A 1 15 ? 7.611   4.663   2.096   1.00 1.33 ? 15 THR A CB   1 
ATOM 212 O OG1  . THR A 1 15 ? 7.227   4.435   1.865   1.00 1.78 ? 15 THR A OG1  1 
ATOM 213 C CG2  . THR A 1 15 ? 7.142   5.057   2.127   1.00 2.12 ? 15 THR A CG2  1 
ATOM 214 H H    . THR A 1 15 ? 9.059   3.891   -0.025  1.00 0.77 ? 15 THR A H    1 
ATOM 215 H HA   . THR A 1 15 ? 9.258   5.478   2.198   1.00 1.39 ? 15 THR A HA   1 
ATOM 216 H HB   . THR A 1 15 ? 7.320   4.538   2.426   1.00 1.85 ? 15 THR A HB   1 
ATOM 217 H HG1  . THR A 1 15 ? 7.317   4.445   1.940   1.00 2.08 ? 15 THR A HG1  1 
ATOM 218 H HG21 . THR A 1 15 ? 6.972   5.225   1.763   1.00 2.41 ? 15 THR A HG21 1 
ATOM 219 H HG22 . THR A 1 15 ? 7.180   5.105   2.426   1.00 2.68 ? 15 THR A HG22 1 
ATOM 220 H HG23 . THR A 1 15 ? 6.941   5.118   2.213   1.00 2.64 ? 15 THR A HG23 1 
ATOM 221 N N    . GLY A 1 16 ? 10.211  3.770   3.433   1.00 1.28 ? 16 GLY A N    1 
ATOM 222 C CA   . GLY A 1 16 ? 10.789  2.779   4.178   1.00 1.49 ? 16 GLY A CA   1 
ATOM 223 C C    . GLY A 1 16 ? 10.143  2.462   5.440   1.00 1.28 ? 16 GLY A C    1 
ATOM 224 O O    . GLY A 1 16 ? 10.059  2.948   6.137   1.00 1.72 ? 16 GLY A O    1 
ATOM 225 H H    . GLY A 1 16 ? 10.391  4.518   3.591   1.00 1.67 ? 16 GLY A H    1 
ATOM 226 H HA2  . GLY A 1 16 ? 10.804  2.055   3.595   1.00 1.62 ? 16 GLY A HA2  1 
ATOM 227 H HA3  . GLY A 1 16 ? 11.648  3.010   4.411   1.00 1.92 ? 16 GLY A HA3  1 
ATOM 228 N N    . CYS A 1 17 ? 9.683   1.648   5.739   1.00 1.20 ? 17 CYS A N    1 
ATOM 229 C CA   . CYS A 1 17 ? 9.040   1.304   6.956   1.00 1.16 ? 17 CYS A CA   1 
ATOM 230 C C    . CYS A 1 17 ? 9.761   0.848   7.883   1.00 1.64 ? 17 CYS A C    1 
ATOM 231 O O    . CYS A 1 17 ? 10.293  0.249   7.766   1.00 2.25 ? 17 CYS A O    1 
ATOM 232 C CB   . CYS A 1 17 ? 8.226   0.507   6.727   1.00 1.41 ? 17 CYS A CB   1 
ATOM 233 S SG   . CYS A 1 17 ? 6.973   0.952   6.264   1.00 1.83 ? 17 CYS A SG   1 
ATOM 234 H H    . CYS A 1 17 ? 9.758   1.266   5.165   1.00 1.60 ? 17 CYS A H    1 
ATOM 235 H HA   . CYS A 1 17 ? 8.636   1.942   7.344   1.00 1.30 ? 17 CYS A HA   1 
ATOM 236 H HB2  . CYS A 1 17 ? 8.490   0.094   6.258   1.00 1.81 ? 17 CYS A HB2  1 
ATOM 237 H HB3  . CYS A 1 17 ? 8.138   0.093   7.310   1.00 1.79 ? 17 CYS A HB3  1 
ATOM 238 N N    . SER A 1 18 ? 9.783   1.128   8.805   1.00 1.89 ? 18 SER A N    1 
ATOM 239 C CA   . SER A 1 18 ? 10.469  0.710   9.740   1.00 2.59 ? 18 SER A CA   1 
ATOM 240 C C    . SER A 1 18 ? 10.158  0.811   11.024  1.00 2.43 ? 18 SER A C    1 
ATOM 241 O O    . SER A 1 18 ? 10.154  0.948   11.476  1.00 2.55 ? 18 SER A O    1 
ATOM 242 C CB   . SER A 1 18 ? 11.361  1.230   9.371   1.00 3.54 ? 18 SER A CB   1 
ATOM 243 O OG   . SER A 1 18 ? 11.895  0.876   9.179   1.00 4.17 ? 18 SER A OG   1 
ATOM 244 H H    . SER A 1 18 ? 9.349   1.611   8.882   1.00 1.93 ? 18 SER A H    1 
ATOM 245 H HA   . SER A 1 18 ? 10.553  -0.032  9.776   1.00 2.78 ? 18 SER A HA   1 
ATOM 246 H HB2  . SER A 1 18 ? 11.383  1.782   8.877   1.00 3.70 ? 18 SER A HB2  1 
ATOM 247 H HB3  . SER A 1 18 ? 11.567  1.314   9.751   1.00 3.92 ? 18 SER A HB3  1 
ATOM 248 H HG   . SER A 1 18 ? 12.233  0.709   9.149   1.00 4.29 ? 18 SER A HG   1 
ATOM 249 N N    . GLY A 1 19 ? 9.899   0.743   11.616  1.00 2.79 ? 19 GLY A N    1 
ATOM 250 C CA   . GLY A 1 19 ? 9.590   0.834   12.871  1.00 2.91 ? 19 GLY A CA   1 
ATOM 251 C C    . GLY A 1 19 ? 8.968   0.066   13.330  1.00 2.22 ? 19 GLY A C    1 
ATOM 252 O O    . GLY A 1 19 ? 8.537   0.100   14.195  1.00 2.43 ? 19 GLY A O    1 
ATOM 253 H H    . GLY A 1 19 ? 9.908   0.632   11.235  1.00 3.29 ? 19 GLY A H    1 
ATOM 254 H HA2  . GLY A 1 19 ? 10.180  0.808   13.532  1.00 3.36 ? 19 GLY A HA2  1 
ATOM 255 H HA3  . GLY A 1 19 ? 9.214   1.466   12.794  1.00 3.30 ? 19 GLY A HA3  1 
ATOM 256 N N    . GLY A 1 20 ? 8.918   -0.624  12.758  1.00 1.81 ? 20 GLY A N    1 
ATOM 257 C CA   . GLY A 1 20 ? 8.321   -1.392  13.162  1.00 1.80 ? 20 GLY A CA   1 
ATOM 258 C C    . GLY A 1 20 ? 7.929   -2.198  12.212  1.00 1.70 ? 20 GLY A C    1 
ATOM 259 O O    . GLY A 1 20 ? 7.928   -3.022  12.409  1.00 2.16 ? 20 GLY A O    1 
ATOM 260 H H    . GLY A 1 20 ? 9.271   -0.638  12.062  1.00 1.95 ? 20 GLY A H    1 
ATOM 261 H HA2  . GLY A 1 20 ? 8.711   -1.722  13.732  1.00 2.23 ? 20 GLY A HA2  1 
ATOM 262 H HA3  . GLY A 1 20 ? 7.779   -1.051  13.556  1.00 2.03 ? 20 GLY A HA3  1 
ATOM 263 N N    . GLU A 1 21 ? 7.597   -1.966  11.181  1.00 1.56 ? 21 GLU A N    1 
ATOM 264 C CA   . GLU A 1 21 ? 7.203   -2.716  10.214  1.00 1.81 ? 21 GLU A CA   1 
ATOM 265 C C    . GLU A 1 21 ? 8.032   -3.402  9.339   1.00 1.36 ? 21 GLU A C    1 
ATOM 266 O O    . GLU A 1 21 ? 8.990   -3.018  9.123   1.00 1.55 ? 21 GLU A O    1 
ATOM 267 C CB   . GLU A 1 21 ? 6.616   -2.068  9.626   1.00 2.62 ? 21 GLU A CB   1 
ATOM 268 C CG   . GLU A 1 21 ? 6.257   -1.947  10.386  1.00 3.47 ? 21 GLU A CG   1 
ATOM 269 C CD   . GLU A 1 21 ? 5.863   -1.665  10.615  1.00 4.01 ? 21 GLU A CD   1 
ATOM 270 O OE1  . GLU A 1 21 ? 5.529   -1.221  10.556  1.00 4.33 ? 21 GLU A OE1  1 
ATOM 271 O OE2  . GLU A 1 21 ? 5.901   -1.899  10.848  1.00 4.53 ? 21 GLU A OE2  1 
ATOM 272 H H    . GLU A 1 21 ? 7.606   -1.297  11.041  1.00 1.67 ? 21 GLU A H    1 
ATOM 273 H HA   . GLU A 1 21 ? 6.747   -3.234  10.548  1.00 2.12 ? 21 GLU A HA   1 
ATOM 274 H HB2  . GLU A 1 21 ? 6.794   -1.619  9.195   1.00 2.91 ? 21 GLU A HB2  1 
ATOM 275 H HB3  . GLU A 1 21 ? 6.274   -2.144  9.103   1.00 2.76 ? 21 GLU A HB3  1 
ATOM 276 H HG2  . GLU A 1 21 ? 6.002   -2.071  10.612  1.00 3.60 ? 21 GLU A HG2  1 
ATOM 277 H HG3  . GLU A 1 21 ? 6.538   -1.936  10.536  1.00 4.08 ? 21 GLU A HG3  1 
ATOM 278 N N    . THR A 1 22 ? 7.671   -4.412  8.835   1.00 1.06 ? 22 THR A N    1 
ATOM 279 C CA   . THR A 1 22 ? 8.442   -5.119  7.976   1.00 0.85 ? 22 THR A CA   1 
ATOM 280 C C    . THR A 1 22 ? 7.699   -5.674  6.894   1.00 0.73 ? 22 THR A C    1 
ATOM 281 O O    . THR A 1 22 ? 8.016   -6.619  6.532   1.00 1.03 ? 22 THR A O    1 
ATOM 282 C CB   . THR A 1 22 ? 9.086   -6.101  8.637   1.00 1.20 ? 22 THR A CB   1 
ATOM 283 O OG1  . THR A 1 22 ? 8.823   -6.323  8.931   1.00 2.21 ? 22 THR A OG1  1 
ATOM 284 C CG2  . THR A 1 22 ? 9.604   -6.191  9.149   1.00 1.71 ? 22 THR A CG2  1 
ATOM 285 H H    . THR A 1 22 ? 6.897   -4.706  9.023   1.00 1.25 ? 22 THR A H    1 
ATOM 286 H HA   . THR A 1 22 ? 9.074   -4.546  7.653   1.00 1.12 ? 22 THR A HA   1 
ATOM 287 H HB   . THR A 1 22 ? 9.374   -6.561  8.519   1.00 1.47 ? 22 THR A HB   1 
ATOM 288 H HG1  . THR A 1 22 ? 8.848   -6.235  9.210   1.00 2.65 ? 22 THR A HG1  1 
ATOM 289 H HG21 . THR A 1 22 ? 10.260  -6.480  9.449   1.00 1.92 ? 22 THR A HG21 1 
ATOM 290 H HG22 . THR A 1 22 ? 9.407   -6.222  9.314   1.00 2.28 ? 22 THR A HG22 1 
ATOM 291 H HG23 . THR A 1 22 ? 9.511   -5.934  9.049   1.00 2.23 ? 22 THR A HG23 1 
ATOM 292 N N    . ASN A 1 23 ? 6.717   -5.096  6.372   1.00 0.76 ? 23 ASN A N    1 
ATOM 293 C CA   . ASN A 1 23 ? 5.961   -5.595  5.313   1.00 0.95 ? 23 ASN A CA   1 
ATOM 294 C C    . ASN A 1 23 ? 5.362   -4.523  4.438   1.00 0.79 ? 23 ASN A C    1 
ATOM 295 O O    . ASN A 1 23 ? 5.272   -3.386  4.806   1.00 0.83 ? 23 ASN A O    1 
ATOM 296 C CB   . ASN A 1 23 ? 4.935   -6.358  5.832   1.00 1.45 ? 23 ASN A CB   1 
ATOM 297 C CG   . ASN A 1 23 ? 5.239   -6.983  6.624   1.00 2.01 ? 23 ASN A CG   1 
ATOM 298 O OD1  . ASN A 1 23 ? 5.343   -6.932  6.837   1.00 2.55 ? 23 ASN A OD1  1 
ATOM 299 N ND2  . ASN A 1 23 ? 5.384   -7.576  7.074   1.00 2.60 ? 23 ASN A ND2  1 
ATOM 300 H H    . ASN A 1 23 ? 6.477   -4.334  6.677   1.00 0.96 ? 23 ASN A H    1 
ATOM 301 H HA   . ASN A 1 23 ? 6.559   -6.173  4.797   1.00 1.12 ? 23 ASN A HA   1 
ATOM 302 H HB2  . ASN A 1 23 ? 4.442   -5.951  6.139   1.00 1.81 ? 23 ASN A HB2  1 
ATOM 303 H HB3  . ASN A 1 23 ? 4.488   -6.862  5.332   1.00 1.63 ? 23 ASN A HB3  1 
ATOM 304 H HD21 . ASN A 1 23 ? 5.299   -7.617  6.903   1.00 2.87 ? 23 ASN A HD21 1 
ATOM 305 H HD22 . ASN A 1 23 ? 5.579   -7.979  7.584   1.00 3.09 ? 23 ASN A HD22 1 
ATOM 306 N N    . CYS A 1 24 ? 4.941   -4.873  3.284   1.00 0.69 ? 24 CYS A N    1 
ATOM 307 C CA   . CYS A 1 24 ? 4.346   -3.869  2.397   1.00 0.64 ? 24 CYS A CA   1 
ATOM 308 C C    . CYS A 1 24 ? 2.934   -4.274  2.048   1.00 0.57 ? 24 CYS A C    1 
ATOM 309 O O    . CYS A 1 24 ? 2.587   -5.417  2.094   1.00 0.58 ? 24 CYS A O    1 
ATOM 310 C CB   . CYS A 1 24 ? 5.150   -3.765  1.141   1.00 0.77 ? 24 CYS A CB   1 
ATOM 311 S SG   . CYS A 1 24 ? 6.510   -2.991  1.407   1.00 1.35 ? 24 CYS A SG   1 
ATOM 312 H H    . CYS A 1 24 ? 5.010   -5.797  3.001   1.00 0.73 ? 24 CYS A H    1 
ATOM 313 H HA   . CYS A 1 24 ? 4.343   -2.935  2.895   1.00 0.71 ? 24 CYS A HA   1 
ATOM 314 H HB2  . CYS A 1 24 ? 5.359   -4.617  0.813   1.00 0.96 ? 24 CYS A HB2  1 
ATOM 315 H HB3  . CYS A 1 24 ? 4.696   -3.301  0.421   1.00 0.84 ? 24 CYS A HB3  1 
ATOM 316 N N    . TYR A 1 25 ? 2.110   -3.351  1.705   1.00 0.61 ? 25 TYR A N    1 
ATOM 317 C CA   . TYR A 1 25 ? 0.724   -3.712  1.361   1.00 0.65 ? 25 TYR A CA   1 
ATOM 318 C C    . TYR A 1 25 ? 0.135   -2.729  0.385   1.00 0.60 ? 25 TYR A C    1 
ATOM 319 O O    . TYR A 1 25 ? 0.659   -1.742  0.147   1.00 0.84 ? 25 TYR A O    1 
ATOM 320 C CB   . TYR A 1 25 ? -0.104  -3.745  2.596   1.00 0.87 ? 25 TYR A CB   1 
ATOM 321 C CG   . TYR A 1 25 ? -0.905  -3.205  3.012   1.00 0.90 ? 25 TYR A CG   1 
ATOM 322 C CD1  . TYR A 1 25 ? -1.456  -2.902  3.171   1.00 1.65 ? 25 TYR A CD1  1 
ATOM 323 C CD2  . TYR A 1 25 ? -1.102  -3.012  3.243   1.00 1.85 ? 25 TYR A CD2  1 
ATOM 324 C CE1  . TYR A 1 25 ? -2.203  -2.404  3.559   1.00 2.36 ? 25 TYR A CE1  1 
ATOM 325 C CE2  . TYR A 1 25 ? -1.849  -2.516  3.631   1.00 2.62 ? 25 TYR A CE2  1 
ATOM 326 C CZ   . TYR A 1 25 ? -2.400  -2.212  3.790   1.00 2.67 ? 25 TYR A CZ   1 
ATOM 327 O OH   . TYR A 1 25 ? -3.136  -1.723  4.171   1.00 3.63 ? 25 TYR A OH   1 
ATOM 328 H H    . TYR A 1 25 ? 2.401   -2.431  1.674   1.00 0.67 ? 25 TYR A H    1 
ATOM 329 H HA   . TYR A 1 25 ? 0.720   -4.659  0.925   1.00 0.75 ? 25 TYR A HA   1 
ATOM 330 H HB2  . TYR A 1 25 ? -0.413  -4.214  2.724   1.00 1.46 ? 25 TYR A HB2  1 
ATOM 331 H HB3  . TYR A 1 25 ? 0.195   -3.697  3.048   1.00 1.50 ? 25 TYR A HB3  1 
ATOM 332 H HD1  . TYR A 1 25 ? -1.305  -3.049  2.995   1.00 2.24 ? 25 TYR A HD1  1 
ATOM 333 H HD2  . TYR A 1 25 ? -0.677  -3.248  3.122   1.00 2.43 ? 25 TYR A HD2  1 
ATOM 334 H HE1  . TYR A 1 25 ? -2.627  -2.170  3.681   1.00 3.11 ? 25 TYR A HE1  1 
ATOM 335 H HE2  . TYR A 1 25 ? -2.001  -2.367  3.810   1.00 3.52 ? 25 TYR A HE2  1 
ATOM 336 H HH   . TYR A 1 25 ? -3.237  -1.985  4.448   1.00 4.05 ? 25 TYR A HH   1 
ATOM 337 N N    . LYS A 1 26 ? -0.956  -2.996  -0.180  1.00 0.54 ? 26 LYS A N    1 
ATOM 338 C CA   . LYS A 1 26 ? -1.595  -2.089  -1.136  1.00 0.58 ? 26 LYS A CA   1 
ATOM 339 C C    . LYS A 1 26 ? -3.084  -2.063  -0.887  1.00 0.55 ? 26 LYS A C    1 
ATOM 340 O O    . LYS A 1 26 ? -3.725  -3.064  -0.878  1.00 0.69 ? 26 LYS A O    1 
ATOM 341 C CB   . LYS A 1 26 ? -1.336  -2.559  -2.524  1.00 0.84 ? 26 LYS A CB   1 
ATOM 342 C CG   . LYS A 1 26 ? -1.766  -2.397  -3.341  1.00 1.26 ? 26 LYS A CG   1 
ATOM 343 C CD   . LYS A 1 26 ? -1.883  -2.514  -4.421  1.00 1.67 ? 26 LYS A CD   1 
ATOM 344 C CE   . LYS A 1 26 ? -2.050  -2.722  -5.106  1.00 2.08 ? 26 LYS A CE   1 
ATOM 345 N NZ   . LYS A 1 26 ? -2.220  -2.581  -5.932  1.00 2.84 ? 26 LYS A NZ   1 
ATOM 346 H H    . LYS A 1 26 ? -1.361  -3.797  0.032   1.00 0.68 ? 26 LYS A H    1 
ATOM 347 H HA   . LYS A 1 26 ? -1.195  -1.124  -1.014  1.00 0.62 ? 26 LYS A HA   1 
ATOM 348 H HB2  . LYS A 1 26 ? -0.847  -2.454  -2.787  1.00 1.32 ? 26 LYS A HB2  1 
ATOM 349 H HB3  . LYS A 1 26 ? -1.336  -3.112  -2.669  1.00 1.46 ? 26 LYS A HB3  1 
ATOM 350 H HG2  . LYS A 1 26 ? -1.999  -2.515  -3.473  1.00 1.82 ? 26 LYS A HG2  1 
ATOM 351 H HG3  . LYS A 1 26 ? -1.755  -2.080  -3.026  1.00 1.89 ? 26 LYS A HG3  1 
ATOM 352 H HD2  . LYS A 1 26 ? -2.066  -2.492  -4.602  1.00 2.22 ? 26 LYS A HD2  1 
ATOM 353 H HD3  . LYS A 1 26 ? -1.665  -2.475  -4.516  1.00 2.16 ? 26 LYS A HD3  1 
ATOM 354 H HE2  . LYS A 1 26 ? -1.874  -2.713  -5.275  1.00 2.48 ? 26 LYS A HE2  1 
ATOM 355 H HE3  . LYS A 1 26 ? -2.220  -2.976  -4.823  1.00 2.30 ? 26 LYS A HE3  1 
ATOM 356 H HZ1  . LYS A 1 26 ? -2.012  -2.567  -6.236  1.00 3.00 ? 26 LYS A HZ1  1 
ATOM 357 H HZ2  . LYS A 1 26 ? -2.345  -2.471  -6.155  1.00 3.24 ? 26 LYS A HZ2  1 
ATOM 358 H HZ3  . LYS A 1 26 ? -2.423  -2.607  -5.983  1.00 3.37 ? 26 LYS A HZ3  1 
ATOM 359 N N    . LYS A 1 27 ? -3.645  -0.932  -0.672  1.00 0.52 ? 27 LYS A N    1 
ATOM 360 C CA   . LYS A 1 27 ? -5.092  -0.864  -0.413  1.00 0.61 ? 27 LYS A CA   1 
ATOM 361 C C    . LYS A 1 27 ? -5.765  0.120   -1.343  1.00 0.53 ? 27 LYS A C    1 
ATOM 362 O O    . LYS A 1 27 ? -5.221  1.117   -1.702  1.00 0.54 ? 27 LYS A O    1 
ATOM 363 C CB   . LYS A 1 27 ? -5.321  -0.440  1.001   1.00 0.78 ? 27 LYS A CB   1 
ATOM 364 C CG   . LYS A 1 27 ? -5.454  -0.651  1.727   1.00 1.50 ? 27 LYS A CG   1 
ATOM 365 C CD   . LYS A 1 27 ? -5.304  -0.193  2.806   1.00 1.82 ? 27 LYS A CD   1 
ATOM 366 C CE   . LYS A 1 27 ? -5.268  0.211   3.665   1.00 1.74 ? 27 LYS A CE   1 
ATOM 367 N NZ   . LYS A 1 27 ? -5.116  0.023   4.644   1.00 2.40 ? 27 LYS A NZ   1 
ATOM 368 H H    . LYS A 1 27 ? -3.112  -0.135  -0.675  1.00 0.55 ? 27 LYS A H    1 
ATOM 369 H HA   . LYS A 1 27 ? -5.515  -1.813  -0.566  1.00 0.74 ? 27 LYS A HA   1 
ATOM 370 H HB2  . LYS A 1 27 ? -5.103  -0.222  1.310   1.00 1.25 ? 27 LYS A HB2  1 
ATOM 371 H HB3  . LYS A 1 27 ? -5.609  -0.209  1.179   1.00 1.40 ? 27 LYS A HB3  1 
ATOM 372 H HG2  . LYS A 1 27 ? -5.830  -0.592  1.902   1.00 2.03 ? 27 LYS A HG2  1 
ATOM 373 H HG3  . LYS A 1 27 ? -5.275  -1.178  1.301   1.00 2.09 ? 27 LYS A HG3  1 
ATOM 374 H HD2  . LYS A 1 27 ? -5.266  -0.190  2.950   1.00 2.74 ? 27 LYS A HD2  1 
ATOM 375 H HD3  . LYS A 1 27 ? -5.263  -0.160  2.819   1.00 2.02 ? 27 LYS A HD3  1 
ATOM 376 H HE2  . LYS A 1 27 ? -4.995  0.457   3.533   1.00 1.84 ? 27 LYS A HE2  1 
ATOM 377 H HE3  . LYS A 1 27 ? -5.625  0.384   3.695   1.00 2.09 ? 27 LYS A HE3  1 
ATOM 378 H HZ1  . LYS A 1 27 ? -4.966  -0.132  5.063   1.00 2.73 ? 27 LYS A HZ1  1 
ATOM 379 H HZ2  . LYS A 1 27 ? -5.132  -0.049  4.658   1.00 2.71 ? 27 LYS A HZ2  1 
ATOM 380 H HZ3  . LYS A 1 27 ? -5.143  0.120   4.895   1.00 2.84 ? 27 LYS A HZ3  1 
ATOM 381 N N    . ARG A 1 28 ? -6.948  -0.155  -1.740  1.00 0.58 ? 28 ARG A N    1 
ATOM 382 C CA   . ARG A 1 28 ? -7.655  0.763   -2.647  1.00 0.58 ? 28 ARG A CA   1 
ATOM 383 C C    . ARG A 1 28 ? -9.152  0.601   -2.485  1.00 0.55 ? 28 ARG A C    1 
ATOM 384 O O    . ARG A 1 28 ? -9.634  -0.440  -2.133  1.00 0.65 ? 28 ARG A O    1 
ATOM 385 C CB   . ARG A 1 28 ? -7.232  0.467   -4.066  1.00 0.68 ? 28 ARG A CB   1 
ATOM 386 C CG   . ARG A 1 28 ? -8.121  0.346   -4.904  1.00 1.09 ? 28 ARG A CG   1 
ATOM 387 C CD   . ARG A 1 28 ? -8.119  0.198   -6.121  1.00 1.37 ? 28 ARG A CD   1 
ATOM 388 N NE   . ARG A 1 28 ? -8.079  -0.156  -6.794  1.00 1.88 ? 28 ARG A NE   1 
ATOM 389 C CZ   . ARG A 1 28 ? -7.872  -0.713  -7.648  1.00 2.38 ? 28 ARG A CZ   1 
ATOM 390 N NH1  . ARG A 1 28 ? -7.488  -0.860  -7.937  1.00 3.08 ? 28 ARG A NH1  1 
ATOM 391 N NH2  . ARG A 1 28 ? -8.051  -1.124  -8.212  1.00 2.70 ? 28 ARG A NH2  1 
ATOM 392 H H    . ARG A 1 28 ? -7.369  -0.963  -1.441  1.00 0.70 ? 28 ARG A H    1 
ATOM 393 H HA   . ARG A 1 28 ? -7.392  1.768   -2.402  1.00 0.61 ? 28 ARG A HA   1 
ATOM 394 H HB2  . ARG A 1 28 ? -6.735  1.057   -4.401  1.00 1.09 ? 28 ARG A HB2  1 
ATOM 395 H HB3  . ARG A 1 28 ? -6.789  -0.246  -4.140  1.00 0.93 ? 28 ARG A HB3  1 
ATOM 396 H HG2  . ARG A 1 28 ? -8.423  -0.087  -4.769  1.00 1.43 ? 28 ARG A HG2  1 
ATOM 397 H HG3  . ARG A 1 28 ? -8.445  0.796   -4.775  1.00 1.79 ? 28 ARG A HG3  1 
ATOM 398 H HD2  . ARG A 1 28 ? -8.359  0.169   -6.403  1.00 1.70 ? 28 ARG A HD2  1 
ATOM 399 H HD3  . ARG A 1 28 ? -7.908  0.380   -6.210  1.00 2.02 ? 28 ARG A HD3  1 
ATOM 400 H HE   . ARG A 1 28 ? -8.207  0.028   -6.597  1.00 2.33 ? 28 ARG A HE   1 
ATOM 401 H HH11 . ARG A 1 28 ? -7.350  -0.544  -7.505  1.00 3.38 ? 28 ARG A HH11 1 
ATOM 402 H HH12 . ARG A 1 28 ? -7.328  -1.286  -8.591  1.00 3.56 ? 28 ARG A HH12 1 
ATOM 403 H HH21 . ARG A 1 28 ? -8.348  -1.012  -7.991  1.00 2.80 ? 28 ARG A HH21 1 
ATOM 404 H HH22 . ARG A 1 28 ? -7.893  -1.549  -8.865  1.00 3.17 ? 28 ARG A HH22 1 
ATOM 405 N N    . TRP A 1 29 ? -9.886  1.633   -2.720  1.00 0.49 ? 29 TRP A N    1 
ATOM 406 C CA   . TRP A 1 29 ? -11.352 1.569   -2.564  1.00 0.52 ? 29 TRP A CA   1 
ATOM 407 C C    . TRP A 1 29 ? -11.998 2.695   -3.359  1.00 0.55 ? 29 TRP A C    1 
ATOM 408 O O    . TRP A 1 29 ? -11.437 3.435   -3.961  1.00 0.49 ? 29 TRP A O    1 
ATOM 409 C CB   . TRP A 1 29 ? -11.695 1.723   -1.100  1.00 0.56 ? 29 TRP A CB   1 
ATOM 410 C CG   . TRP A 1 29 ? -10.658 2.421   -0.442  1.00 0.86 ? 29 TRP A CG   1 
ATOM 411 C CD1  . TRP A 1 29 ? -10.274 3.403   -0.845  1.00 1.48 ? 29 TRP A CD1  1 
ATOM 412 C CD2  . TRP A 1 29 ? -9.858  2.204   0.704   1.00 0.83 ? 29 TRP A CD2  1 
ATOM 413 N NE1  . TRP A 1 29 ? -9.302  3.812   -0.006  1.00 1.74 ? 29 TRP A NE1  1 
ATOM 414 C CE2  . TRP A 1 29 ? -9.011  3.102   0.964   1.00 1.30 ? 29 TRP A CE2  1 
ATOM 415 C CE3  . TRP A 1 29 ? -9.793  1.327   1.538   1.00 0.88 ? 29 TRP A CE3  1 
ATOM 416 C CZ2  . TRP A 1 29 ? -8.131  3.129   2.019   1.00 1.38 ? 29 TRP A CZ2  1 
ATOM 417 C CZ3  . TRP A 1 29 ? -8.908  1.349   2.598   1.00 1.09 ? 29 TRP A CZ3  1 
ATOM 418 C CH2  . TRP A 1 29 ? -8.079  2.249   2.840   1.00 1.14 ? 29 TRP A CH2  1 
ATOM 419 H H    . TRP A 1 29 ? -9.469  2.460   -2.988  1.00 0.50 ? 29 TRP A H    1 
ATOM 420 H HA   . TRP A 1 29 ? -11.706 0.623   -2.916  1.00 0.57 ? 29 TRP A HA   1 
ATOM 421 H HB2  . TRP A 1 29 ? -12.576 2.250   -0.976  1.00 0.67 ? 29 TRP A HB2  1 
ATOM 422 H HB3  . TRP A 1 29 ? -11.802 0.801   -0.665  1.00 0.58 ? 29 TRP A HB3  1 
ATOM 423 H HD1  . TRP A 1 29 ? -10.664 3.803   -1.681  1.00 1.80 ? 29 TRP A HD1  1 
ATOM 424 H HE1  . TRP A 1 29 ? -8.861  4.517   -0.077  1.00 2.22 ? 29 TRP A HE1  1 
ATOM 425 H HE3  . TRP A 1 29 ? -10.422 0.628   1.356   1.00 1.11 ? 29 TRP A HE3  1 
ATOM 426 H HZ2  . TRP A 1 29 ? -7.494  3.824   2.200   1.00 1.79 ? 29 TRP A HZ2  1 
ATOM 427 H HZ3  . TRP A 1 29 ? -8.867  0.670   3.234   1.00 1.43 ? 29 TRP A HZ3  1 
ATOM 428 H HH2  . TRP A 1 29 ? -7.399  2.263   3.659   1.00 1.29 ? 29 TRP A HH2  1 
ATOM 429 N N    . ARG A 1 30 ? -13.173 2.833   -3.360  1.00 1.01 ? 30 ARG A N    1 
ATOM 430 C CA   . ARG A 1 30 ? -13.854 3.912   -4.109  1.00 1.10 ? 30 ARG A CA   1 
ATOM 431 C C    . ARG A 1 30 ? -14.885 4.488   -3.355  1.00 1.42 ? 30 ARG A C    1 
ATOM 432 O O    . ARG A 1 30 ? -15.778 3.946   -3.123  1.00 1.82 ? 30 ARG A O    1 
ATOM 433 C CB   . ARG A 1 30 ? -14.411 3.422   -5.285  1.00 1.52 ? 30 ARG A CB   1 
ATOM 434 C CG   . ARG A 1 30 ? -14.776 2.761   -5.444  1.00 2.05 ? 30 ARG A CG   1 
ATOM 435 C CD   . ARG A 1 30 ? -15.641 2.664   -5.986  1.00 2.91 ? 30 ARG A CD   1 
ATOM 436 N NE   . ARG A 1 30 ? -15.912 2.065   -6.216  1.00 3.44 ? 30 ARG A NE   1 
ATOM 437 C CZ   . ARG A 1 30 ? -16.582 2.104   -6.577  1.00 3.98 ? 30 ARG A CZ   1 
ATOM 438 N NH1  . ARG A 1 30 ? -16.930 2.532   -6.921  1.00 4.42 ? 30 ARG A NH1  1 
ATOM 439 N NH2  . ARG A 1 30 ? -16.903 1.715   -6.593  1.00 4.48 ? 30 ARG A NH2  1 
ATOM 440 H H    . ARG A 1 30 ? -13.605 2.228   -2.865  1.00 1.37 ? 30 ARG A H    1 
ATOM 441 H HA   . ARG A 1 30 ? -13.227 4.638   -4.351  1.00 0.86 ? 30 ARG A HA   1 
ATOM 442 H HB2  . ARG A 1 30 ? -14.791 3.655   -5.524  1.00 2.10 ? 30 ARG A HB2  1 
ATOM 443 H HB3  . ARG A 1 30 ? -14.167 3.311   -5.766  1.00 1.72 ? 30 ARG A HB3  1 
ATOM 444 H HG2  . ARG A 1 30 ? -14.422 2.568   -5.634  1.00 2.25 ? 30 ARG A HG2  1 
ATOM 445 H HG3  . ARG A 1 30 ? -14.776 2.555   -4.986  1.00 2.38 ? 30 ARG A HG3  1 
ATOM 446 H HD2  . ARG A 1 30 ? -15.957 2.758   -6.002  1.00 3.25 ? 30 ARG A HD2  1 
ATOM 447 H HD3  . ARG A 1 30 ? -15.741 2.934   -6.183  1.00 3.36 ? 30 ARG A HD3  1 
ATOM 448 H HE   . ARG A 1 30 ? -15.587 1.642   -6.095  1.00 3.70 ? 30 ARG A HE   1 
ATOM 449 H HH11 . ARG A 1 30 ? -16.684 2.829   -6.909  1.00 4.42 ? 30 ARG A HH11 1 
ATOM 450 H HH12 . ARG A 1 30 ? -17.444 2.562   -7.199  1.00 4.99 ? 30 ARG A HH12 1 
ATOM 451 H HH21 . ARG A 1 30 ? -16.637 1.387   -6.328  1.00 4.50 ? 30 ARG A HH21 1 
ATOM 452 H HH22 . ARG A 1 30 ? -17.415 1.745   -6.870  1.00 5.07 ? 30 ARG A HH22 1 
ATOM 453 N N    . ASP A 1 31 ? -14.767 5.581   -2.970  1.00 1.51 ? 31 ASP A N    1 
ATOM 454 C CA   . ASP A 1 31 ? -15.742 6.185   -2.229  1.00 2.01 ? 31 ASP A CA   1 
ATOM 455 C C    . ASP A 1 31 ? -15.898 7.502   -2.648  1.00 2.35 ? 31 ASP A C    1 
ATOM 456 O O    . ASP A 1 31 ? -15.372 7.866   -3.195  1.00 2.58 ? 31 ASP A O    1 
ATOM 457 C CB   . ASP A 1 31 ? -15.441 6.116   -0.919  1.00 2.25 ? 31 ASP A CB   1 
ATOM 458 C CG   . ASP A 1 31 ? -15.746 5.424   -0.303  1.00 2.63 ? 31 ASP A CG   1 
ATOM 459 O OD1  . ASP A 1 31 ? -15.887 5.046   -0.356  1.00 3.21 ? 31 ASP A OD1  1 
ATOM 460 O OD2  . ASP A 1 31 ? -15.835 5.284   0.212   1.00 2.91 ? 31 ASP A OD2  1 
ATOM 461 H H    . ASP A 1 31 ? -14.040 6.003   -3.167  1.00 1.42 ? 31 ASP A H    1 
ATOM 462 H HA   . ASP A 1 31 ? -16.552 5.740   -2.320  1.00 2.19 ? 31 ASP A HA   1 
ATOM 463 H HB2  . ASP A 1 31 ? -14.783 6.074   -0.783  1.00 2.29 ? 31 ASP A HB2  1 
ATOM 464 H HB3  . ASP A 1 31 ? -15.671 6.601   -0.566  1.00 2.66 ? 31 ASP A HB3  1 
ATOM 465 N N    . HIS A 1 32 ? -16.618 8.215   -2.391  1.00 2.70 ? 32 HIS A N    1 
ATOM 466 C CA   . HIS A 1 32 ? -16.811 9.513   -2.766  1.00 3.09 ? 32 HIS A CA   1 
ATOM 467 C C    . HIS A 1 32 ? -16.594 10.127  -3.678  1.00 2.38 ? 32 HIS A C    1 
ATOM 468 O O    . HIS A 1 32 ? -17.060 10.731  -4.008  1.00 2.56 ? 32 HIS A O    1 
ATOM 469 C CB   . HIS A 1 32 ? -16.448 9.934   -2.234  1.00 4.03 ? 32 HIS A CB   1 
ATOM 470 C CG   . HIS A 1 32 ? -16.667 10.749  -1.673  1.00 4.36 ? 32 HIS A CG   1 
ATOM 471 N ND1  . HIS A 1 32 ? -16.771 11.266  -1.445  1.00 4.97 ? 32 HIS A ND1  1 
ATOM 472 C CD2  . HIS A 1 32 ? -16.805 11.144  -1.290  1.00 4.61 ? 32 HIS A CD2  1 
ATOM 473 C CE1  . HIS A 1 32 ? -16.963 11.936  -0.947  1.00 5.37 ? 32 HIS A CE1  1 
ATOM 474 N NE2  . HIS A 1 32 ? -16.991 11.894  -0.832  1.00 5.21 ? 32 HIS A NE2  1 
ATOM 475 H H    . HIS A 1 32 ? -17.033 7.897   -1.949  1.00 2.88 ? 32 HIS A H    1 
ATOM 476 H HA   . HIS A 1 32 ? -17.367 9.725   -2.767  1.00 3.51 ? 32 HIS A HA   1 
ATOM 477 H HB2  . HIS A 1 32 ? -16.276 9.744   -1.914  1.00 4.47 ? 32 HIS A HB2  1 
ATOM 478 H HB3  . HIS A 1 32 ? -16.207 9.840   -2.578  1.00 4.38 ? 32 HIS A HB3  1 
ATOM 479 H HD1  . HIS A 1 32 ? -16.715 11.161  -1.615  1.00 5.30 ? 32 HIS A HD1  1 
ATOM 480 H HD2  . HIS A 1 32 ? -16.773 10.909  -1.338  1.00 4.67 ? 32 HIS A HD2  1 
ATOM 481 H HE1  . HIS A 1 32 ? -17.078 12.448  -0.672  1.00 5.99 ? 32 HIS A HE1  1 
ATOM 482 N N    . ARG A 1 33 ? -15.891 9.976   -4.091  1.00 2.03 ? 33 ARG A N    1 
ATOM 483 C CA   . ARG A 1 33 ? -15.647 10.547  -4.983  1.00 1.84 ? 33 ARG A CA   1 
ATOM 484 C C    . ARG A 1 33 ? -15.526 9.568   -5.483  1.00 1.94 ? 33 ARG A C    1 
ATOM 485 O O    . ARG A 1 33 ? -15.963 9.768   -6.035  1.00 2.58 ? 33 ARG A O    1 
ATOM 486 C CB   . ARG A 1 33 ? -14.823 11.148  -5.011  1.00 2.56 ? 33 ARG A CB   1 
ATOM 487 C CG   . ARG A 1 33 ? -14.822 11.657  -4.720  1.00 3.28 ? 33 ARG A CG   1 
ATOM 488 C CD   . ARG A 1 33 ? -14.402 12.424  -4.963  1.00 3.86 ? 33 ARG A CD   1 
ATOM 489 N NE   . ARG A 1 33 ? -14.064 12.888  -4.862  1.00 4.45 ? 33 ARG A NE   1 
ATOM 490 C CZ   . ARG A 1 33 ? -13.802 13.514  -5.189  1.00 5.00 ? 33 ARG A CZ   1 
ATOM 491 N NH1  . ARG A 1 33 ? -13.437 13.772  -5.511  1.00 5.39 ? 33 ARG A NH1  1 
ATOM 492 N NH2  . ARG A 1 33 ? -13.903 13.880  -5.193  1.00 5.50 ? 33 ARG A NH2  1 
ATOM 493 H H    . ARG A 1 33 ? -15.525 9.483   -3.815  1.00 2.33 ? 33 ARG A H    1 
ATOM 494 H HA   . ARG A 1 33 ? -16.136 11.225  -5.254  1.00 1.79 ? 33 ARG A HA   1 
ATOM 495 H HB2  . ARG A 1 33 ? -14.489 10.935  -4.843  1.00 2.85 ? 33 ARG A HB2  1 
ATOM 496 H HB3  . ARG A 1 33 ? -14.575 11.428  -5.408  1.00 2.90 ? 33 ARG A HB3  1 
ATOM 497 H HG2  . ARG A 1 33 ? -15.142 11.919  -4.626  1.00 3.56 ? 33 ARG A HG2  1 
ATOM 498 H HG3  . ARG A 1 33 ? -14.801 11.209  -4.436  1.00 3.64 ? 33 ARG A HG3  1 
ATOM 499 H HD2  . ARG A 1 33 ? -14.127 12.469  -5.260  1.00 4.19 ? 33 ARG A HD2  1 
ATOM 500 H HD3  . ARG A 1 33 ? -14.623 12.586  -4.910  1.00 4.02 ? 33 ARG A HD3  1 
ATOM 501 H HE   . ARG A 1 33 ? -14.041 12.724  -4.550  1.00 4.70 ? 33 ARG A HE   1 
ATOM 502 H HH11 . ARG A 1 33 ? -13.359 13.492  -5.508  1.00 5.34 ? 33 ARG A HH11 1 
ATOM 503 H HH12 . ARG A 1 33 ? -13.235 14.252  -5.763  1.00 5.94 ? 33 ARG A HH12 1 
ATOM 504 H HH21 . ARG A 1 33 ? -14.182 13.681  -4.945  1.00 5.52 ? 33 ARG A HH21 1 
ATOM 505 H HH22 . ARG A 1 33 ? -13.702 14.359  -5.442  1.00 6.06 ? 33 ARG A HH22 1 
ATOM 506 N N    . GLY A 1 34 ? -14.939 8.508   -5.295  1.00 1.75 ? 34 GLY A N    1 
ATOM 507 C CA   . GLY A 1 34 ? -14.791 7.515   -5.758  1.00 2.29 ? 34 GLY A CA   1 
ATOM 508 C C    . GLY A 1 34 ? -13.584 6.844   -6.038  1.00 2.05 ? 34 GLY A C    1 
ATOM 509 O O    . GLY A 1 34 ? -13.452 6.332   -6.249  1.00 2.55 ? 34 GLY A O    1 
ATOM 510 H H    . GLY A 1 34 ? -14.593 8.365   -4.847  1.00 1.58 ? 34 GLY A H    1 
ATOM 511 H HA2  . GLY A 1 34 ? -15.187 7.193   -5.383  1.00 2.65 ? 34 GLY A HA2  1 
ATOM 512 H HA3  . GLY A 1 34 ? -15.142 7.592   -6.271  1.00 2.88 ? 34 GLY A HA3  1 
ATOM 513 N N    . TYR A 1 35 ? -12.700 6.841   -6.042  1.00 1.80 ? 35 TYR A N    1 
ATOM 514 C CA   . TYR A 1 35 ? -11.504 6.203   -6.311  1.00 1.62 ? 35 TYR A CA   1 
ATOM 515 C C    . TYR A 1 35 ? -10.418 6.626   -5.388  1.00 1.46 ? 35 TYR A C    1 
ATOM 516 O O    . TYR A 1 35 ? -10.024 7.734   -5.367  1.00 1.63 ? 35 TYR A O    1 
ATOM 517 C CB   . TYR A 1 35 ? -11.165 6.495   -7.625  1.00 1.91 ? 35 TYR A CB   1 
ATOM 518 C CG   . TYR A 1 35 ? -11.338 6.835   -8.333  1.00 2.25 ? 35 TYR A CG   1 
ATOM 519 C CD1  . TYR A 1 35 ? -11.758 6.563   -8.539  1.00 3.05 ? 35 TYR A CD1  1 
ATOM 520 C CD2  . TYR A 1 35 ? -11.075 7.423   -8.784  1.00 2.58 ? 35 TYR A CD2  1 
ATOM 521 C CE1  . TYR A 1 35 ? -11.918 6.877   -9.195  1.00 3.90 ? 35 TYR A CE1  1 
ATOM 522 C CE2  . TYR A 1 35 ? -11.234 7.738   -9.442  1.00 3.46 ? 35 TYR A CE2  1 
ATOM 523 C CZ   . TYR A 1 35 ? -11.656 7.466   -9.649  1.00 4.04 ? 35 TYR A CZ   1 
ATOM 524 O OH   . TYR A 1 35 ? -11.812 7.778   -10.295 1.00 5.10 ? 35 TYR A OH   1 
ATOM 525 H H    . TYR A 1 35 ? -12.825 7.262   -5.870  1.00 2.14 ? 35 TYR A H    1 
ATOM 526 H HA   . TYR A 1 35 ? -11.641 5.234   -6.232  1.00 1.63 ? 35 TYR A HA   1 
ATOM 527 H HB2  . TYR A 1 35 ? -10.870 6.685   -7.763  1.00 2.19 ? 35 TYR A HB2  1 
ATOM 528 H HB3  . TYR A 1 35 ? -11.099 6.266   -7.907  1.00 2.38 ? 35 TYR A HB3  1 
ATOM 529 H HD1  . TYR A 1 35 ? -11.962 6.108   -8.189  1.00 3.33 ? 35 TYR A HD1  1 
ATOM 530 H HD2  . TYR A 1 35 ? -10.750 7.633   -8.625  1.00 2.63 ? 35 TYR A HD2  1 
ATOM 531 H HE1  . TYR A 1 35 ? -12.243 6.668   -9.354  1.00 4.70 ? 35 TYR A HE1  1 
ATOM 532 H HE2  . TYR A 1 35 ? -11.032 8.192   -9.791  1.00 3.98 ? 35 TYR A HE2  1 
ATOM 533 H HH   . TYR A 1 35 ? -11.934 8.065   -10.449 1.00 5.29 ? 35 TYR A HH   1 
ATOM 534 N N    . ARG A 1 36 ? -9.927  5.749   -4.625  1.00 1.21 ? 36 ARG A N    1 
ATOM 535 C CA   . ARG A 1 36 ? -8.864  6.100   -3.709  1.00 1.16 ? 36 ARG A CA   1 
ATOM 536 C C    . ARG A 1 36 ? -7.884  4.961   -3.589  1.00 0.95 ? 36 ARG A C    1 
ATOM 537 O O    . ARG A 1 36 ? -8.248  3.895   -3.277  1.00 0.79 ? 36 ARG A O    1 
ATOM 538 C CB   . ARG A 1 36 ? -9.462  6.396   -2.390  1.00 1.23 ? 36 ARG A CB   1 
ATOM 539 C CG   . ARG A 1 36 ? -9.420  7.567   -2.026  1.00 1.63 ? 36 ARG A CG   1 
ATOM 540 C CD   . ARG A 1 36 ? -9.016  8.091   -1.480  1.00 2.14 ? 36 ARG A CD   1 
ATOM 541 N NE   . ARG A 1 36 ? -8.792  8.861   -1.329  1.00 2.77 ? 36 ARG A NE   1 
ATOM 542 C CZ   . ARG A 1 36 ? -8.168  9.283   -0.906  1.00 3.41 ? 36 ARG A CZ   1 
ATOM 543 N NH1  . ARG A 1 36 ? -7.961  9.079   -0.564  1.00 3.85 ? 36 ARG A NH1  1 
ATOM 544 N NH2  . ARG A 1 36 ? -7.750  9.911   -0.824  1.00 3.98 ? 36 ARG A NH2  1 
ATOM 545 H H    . ARG A 1 36 ? -10.256 4.858   -4.660  1.00 1.13 ? 36 ARG A H    1 
ATOM 546 H HA   . ARG A 1 36 ? -8.360  6.947   -4.064  1.00 1.33 ? 36 ARG A HA   1 
ATOM 547 H HB2  . ARG A 1 36 ? -10.273 6.194   -2.384  1.00 1.50 ? 36 ARG A HB2  1 
ATOM 548 H HB3  . ARG A 1 36 ? -9.102  5.978   -1.722  1.00 1.27 ? 36 ARG A HB3  1 
ATOM 549 H HG2  . ARG A 1 36 ? -9.321  7.882   -2.190  1.00 2.15 ? 36 ARG A HG2  1 
ATOM 550 H HG3  . ARG A 1 36 ? -9.777  7.710   -1.993  1.00 1.99 ? 36 ARG A HG3  1 
ATOM 551 H HD2  . ARG A 1 36 ? -9.099  8.226   -1.241  1.00 2.50 ? 36 ARG A HD2  1 
ATOM 552 H HD3  . ARG A 1 36 ? -8.809  7.765   -1.445  1.00 2.53 ? 36 ARG A HD3  1 
ATOM 553 H HE   . ARG A 1 36 ? -9.114  9.050   -1.549  1.00 3.04 ? 36 ARG A HE   1 
ATOM 554 H HH11 . ARG A 1 36 ? -8.282  8.599   -0.628  1.00 3.79 ? 36 ARG A HH11 1 
ATOM 555 H HH12 . ARG A 1 36 ? -7.484  9.404   -0.239  1.00 4.49 ? 36 ARG A HH12 1 
ATOM 556 H HH21 . ARG A 1 36 ? -7.909  10.067  -1.084  1.00 4.09 ? 36 ARG A HH21 1 
ATOM 557 H HH22 . ARG A 1 36 ? -7.271  10.235  -0.499  1.00 4.54 ? 36 ARG A HH22 1 
ATOM 558 N N    . THR A 1 37 ? -6.646  5.174   -3.841  1.00 1.04 ? 37 THR A N    1 
ATOM 559 C CA   . THR A 1 37 ? -5.651  4.097   -3.748  1.00 0.89 ? 37 THR A CA   1 
ATOM 560 C C    . THR A 1 37 ? -4.480  4.539   -2.900  1.00 0.81 ? 37 THR A C    1 
ATOM 561 O O    . THR A 1 37 ? -4.086  5.652   -2.941  1.00 0.86 ? 37 THR A O    1 
ATOM 562 C CB   . THR A 1 37 ? -5.159  3.760   -5.124  1.00 0.99 ? 37 THR A CB   1 
ATOM 563 O OG1  . THR A 1 37 ? -4.439  4.805   -5.659  1.00 1.09 ? 37 THR A OG1  1 
ATOM 564 C CG2  . THR A 1 37 ? -6.307  3.475   -6.003  1.00 1.20 ? 37 THR A CG2  1 
ATOM 565 H H    . THR A 1 37 ? -6.374  6.039   -4.096  1.00 1.25 ? 37 THR A H    1 
ATOM 566 H HA   . THR A 1 37 ? -6.103  3.237   -3.311  1.00 0.85 ? 37 THR A HA   1 
ATOM 567 H HB   . THR A 1 37 ? -4.551  2.928   -5.068  1.00 0.99 ? 37 THR A HB   1 
ATOM 568 H HG1  . THR A 1 37 ? -4.525  5.025   -5.913  1.00 1.57 ? 37 THR A HG1  1 
ATOM 569 H HG21 . THR A 1 37 ? -6.525  3.460   -6.291  1.00 1.71 ? 37 THR A HG21 1 
ATOM 570 H HG22 . THR A 1 37 ? -6.700  3.462   -6.171  1.00 1.48 ? 37 THR A HG22 1 
ATOM 571 H HG23 . THR A 1 37 ? -6.506  3.302   -6.166  1.00 1.66 ? 37 THR A HG23 1 
ATOM 572 N N    . GLU A 1 38 ? -3.920  3.672   -2.135  1.00 0.80 ? 38 GLU A N    1 
ATOM 573 C CA   . GLU A 1 38 ? -2.771  4.034   -1.287  1.00 0.79 ? 38 GLU A CA   1 
ATOM 574 C C    . GLU A 1 38 ? -1.868  2.848   -1.108  1.00 0.72 ? 38 GLU A C    1 
ATOM 575 O O    . GLU A 1 38 ? -2.314  1.731   -0.991  1.00 0.73 ? 38 GLU A O    1 
ATOM 576 C CB   . GLU A 1 38 ? -3.269  4.481   0.040   1.00 0.98 ? 38 GLU A CB   1 
ATOM 577 C CG   . GLU A 1 38 ? -3.367  5.270   0.415   1.00 1.59 ? 38 GLU A CG   1 
ATOM 578 C CD   . GLU A 1 38 ? -3.721  5.665   1.343   1.00 2.03 ? 38 GLU A CD   1 
ATOM 579 O OE1  . GLU A 1 38 ? -4.158  5.540   1.579   1.00 2.56 ? 38 GLU A OE1  1 
ATOM 580 O OE2  . GLU A 1 38 ? -3.548  6.086   1.801   1.00 2.48 ? 38 GLU A OE2  1 
ATOM 581 H H    . GLU A 1 38 ? -4.252  2.781   -2.120  1.00 0.88 ? 38 GLU A H    1 
ATOM 582 H HA   . GLU A 1 38 ? -2.222  4.821   -1.740  1.00 0.82 ? 38 GLU A HA   1 
ATOM 583 H HB2  . GLU A 1 38 ? -3.789  4.394   0.273   1.00 1.33 ? 38 GLU A HB2  1 
ATOM 584 H HB3  . GLU A 1 38 ? -3.032  4.324   0.483   1.00 1.49 ? 38 GLU A HB3  1 
ATOM 585 H HG2  . GLU A 1 38 ? -2.912  5.332   0.235   1.00 2.21 ? 38 GLU A HG2  1 
ATOM 586 H HG3  . GLU A 1 38 ? -3.643  5.491   0.206   1.00 1.99 ? 38 GLU A HG3  1 
ATOM 587 N N    . ARG A 1 39 ? -0.602  3.078   -1.089  1.00 0.75 ? 39 ARG A N    1 
ATOM 588 C CA   . ARG A 1 39 ? 0.329   1.965   -0.919  1.00 0.85 ? 39 ARG A CA   1 
ATOM 589 C C    . ARG A 1 39 ? 1.506   2.392   -0.061  1.00 0.88 ? 39 ARG A C    1 
ATOM 590 O O    . ARG A 1 39 ? 2.429   2.918   -0.515  1.00 1.14 ? 39 ARG A O    1 
ATOM 591 C CB   . ARG A 1 39 ? 0.838   1.537   -2.256  1.00 0.93 ? 39 ARG A CB   1 
ATOM 592 C CG   . ARG A 1 39 ? 0.478   0.901   -2.828  1.00 1.40 ? 39 ARG A CG   1 
ATOM 593 C CD   . ARG A 1 39 ? 0.472   0.950   -3.542  1.00 2.41 ? 39 ARG A CD   1 
ATOM 594 N NE   . ARG A 1 39 ? 0.419   0.567   -4.049  1.00 3.06 ? 39 ARG A NE   1 
ATOM 595 C CZ   . ARG A 1 39 ? 0.457   0.735   -4.612  1.00 3.85 ? 39 ARG A CZ   1 
ATOM 596 N NH1  . ARG A 1 39 ? 0.020   1.151   -5.071  1.00 4.33 ? 39 ARG A NH1  1 
ATOM 597 N NH2  . ARG A 1 39 ? 0.932   0.489   -4.720  1.00 4.51 ? 39 ARG A NH2  1 
ATOM 598 H H    . ARG A 1 39 ? -0.262  3.986   -1.187  1.00 0.77 ? 39 ARG A H    1 
ATOM 599 H HA   . ARG A 1 39 ? -0.185  1.155   -0.462  1.00 0.96 ? 39 ARG A HA   1 
ATOM 600 H HB2  . ARG A 1 39 ? 0.892   1.928   -2.724  1.00 1.27 ? 39 ARG A HB2  1 
ATOM 601 H HB3  . ARG A 1 39 ? 1.402   1.295   -2.326  1.00 1.46 ? 39 ARG A HB3  1 
ATOM 602 H HG2  . ARG A 1 39 ? 0.459   0.558   -2.623  1.00 1.86 ? 39 ARG A HG2  1 
ATOM 603 H HG3  . ARG A 1 39 ? 0.243   0.759   -2.929  1.00 1.70 ? 39 ARG A HG3  1 
ATOM 604 H HD2  . ARG A 1 39 ? 0.343   0.814   -3.768  1.00 2.84 ? 39 ARG A HD2  1 
ATOM 605 H HD3  . ARG A 1 39 ? 0.634   1.401   -3.456  1.00 2.88 ? 39 ARG A HD3  1 
ATOM 606 H HE   . ARG A 1 39 ? 0.357   0.189   -3.957  1.00 3.25 ? 39 ARG A HE   1 
ATOM 607 H HH11 . ARG A 1 39 ? -0.343  1.339   -4.990  1.00 4.16 ? 39 ARG A HH11 1 
ATOM 608 H HH12 . ARG A 1 39 ? 0.048   1.280   -5.503  1.00 5.06 ? 39 ARG A HH12 1 
ATOM 609 H HH21 . ARG A 1 39 ? 1.266   0.170   -4.369  1.00 4.45 ? 39 ARG A HH21 1 
ATOM 610 H HH22 . ARG A 1 39 ? 0.960   0.617   -5.152  1.00 5.26 ? 39 ARG A HH22 1 
ATOM 611 N N    . GLY A 1 40 ? 1.485   2.166   1.175   1.00 0.74 ? 40 GLY A N    1 
ATOM 612 C CA   . GLY A 1 40 ? 2.607   2.557   2.057   1.00 0.80 ? 40 GLY A CA   1 
ATOM 613 C C    . GLY A 1 40 ? 3.148   1.341   2.771   1.00 0.88 ? 40 GLY A C    1 
ATOM 614 O O    . GLY A 1 40 ? 3.341   0.617   2.533   1.00 1.70 ? 40 GLY A O    1 
ATOM 615 H H    . GLY A 1 40 ? 0.732   1.738   1.521   1.00 0.73 ? 40 GLY A H    1 
ATOM 616 H HA2  . GLY A 1 40 ? 3.380   2.996   1.473   1.00 0.84 ? 40 GLY A HA2  1 
ATOM 617 H HA3  . GLY A 1 40 ? 2.263   3.257   2.776   1.00 0.82 ? 40 GLY A HA3  1 
ATOM 618 N N    . CYS A 1 41 ? 3.396   1.112   3.645   1.00 0.58 ? 41 CYS A N    1 
ATOM 619 C CA   . CYS A 1 41 ? 3.926   -0.059  4.368   1.00 0.62 ? 41 CYS A CA   1 
ATOM 620 C C    . CYS A 1 41 ? 2.892   -0.586  5.333   1.00 0.61 ? 41 CYS A C    1 
ATOM 621 O O    . CYS A 1 41 ? 2.070   0.092   5.810   1.00 0.78 ? 41 CYS A O    1 
ATOM 622 C CB   . CYS A 1 41 ? 5.165   0.349   5.125   1.00 0.81 ? 41 CYS A CB   1 
ATOM 623 S SG   . CYS A 1 41 ? 5.849   0.734   5.387   1.00 1.32 ? 41 CYS A SG   1 
ATOM 624 H H    . CYS A 1 41 ? 3.233   1.712   3.824   1.00 1.09 ? 41 CYS A H    1 
ATOM 625 H HA   . CYS A 1 41 ? 4.169   -0.827  3.675   1.00 0.64 ? 41 CYS A HA   1 
ATOM 626 H HB2  . CYS A 1 41 ? 5.301   0.430   5.359   1.00 1.55 ? 41 CYS A HB2  1 
ATOM 627 H HB3  . CYS A 1 41 ? 5.496   0.323   5.268   1.00 1.48 ? 41 CYS A HB3  1 
ATOM 628 N N    . GLY A 1 42 ? 2.924   -1.792  5.625   1.00 0.67 ? 42 GLY A N    1 
ATOM 629 C CA   . GLY A 1 42 ? 1.941   -2.358  6.559   1.00 0.80 ? 42 GLY A CA   1 
ATOM 630 C C    . GLY A 1 42 ? 1.465   -3.702  6.091   1.00 0.69 ? 42 GLY A C    1 
ATOM 631 O O    . GLY A 1 42 ? 2.043   -4.289  5.409   1.00 0.90 ? 42 GLY A O    1 
ATOM 632 H H    . GLY A 1 42 ? 3.594   -2.324  5.230   1.00 0.78 ? 42 GLY A H    1 
ATOM 633 H HA2  . GLY A 1 42 ? 2.379   -2.467  7.500   1.00 0.98 ? 42 GLY A HA2  1 
ATOM 634 H HA3  . GLY A 1 42 ? 1.124   -1.712  6.627   1.00 0.93 ? 42 GLY A HA3  1 
ATOM 635 N N    . CYS A 1 43 ? 0.413   -4.187  6.450   1.00 0.81 ? 43 CYS A N    1 
ATOM 636 C CA   . CYS A 1 43 ? -0.105  -5.490  6.024   1.00 0.75 ? 43 CYS A CA   1 
ATOM 637 C C    . CYS A 1 43 ? -1.285  -5.881  6.880   1.00 0.86 ? 43 CYS A C    1 
ATOM 638 O O    . CYS A 1 43 ? -1.675  -6.594  7.000   1.00 1.43 ? 43 CYS A O    1 
ATOM 639 C CB   . CYS A 1 43 ? 0.963   -6.528  6.150   1.00 0.82 ? 43 CYS A CB   1 
ATOM 640 S SG   . CYS A 1 43 ? 0.947   -7.468  4.893   1.00 1.28 ? 43 CYS A SG   1 
ATOM 641 H H    . CYS A 1 43 ? -0.038  -3.694  6.997   1.00 1.13 ? 43 CYS A H    1 
ATOM 642 H HA   . CYS A 1 43 ? -0.408  -5.427  5.011   1.00 0.73 ? 43 CYS A HA   1 
ATOM 643 H HB2  . CYS A 1 43 ? 1.820   -6.125  6.214   1.00 0.90 ? 43 CYS A HB2  1 
ATOM 644 H HB3  . CYS A 1 43 ? 0.869   -7.104  6.926   1.00 1.05 ? 43 CYS A HB3  1 
ATOM 645 N N    . PRO A 1 44 ? -1.820  -5.401  7.449   1.00 1.12 ? 44 PRO A N    1 
ATOM 646 C CA   . PRO A 1 44 ? -2.966  -5.681  8.296   1.00 1.29 ? 44 PRO A CA   1 
ATOM 647 C C    . PRO A 1 44 ? -3.939  -5.803  7.983   1.00 1.21 ? 44 PRO A C    1 
ATOM 648 O O    . PRO A 1 44 ? -3.627  -5.712  7.647   1.00 1.95 ? 44 PRO A O    1 
ATOM 649 C CB   . PRO A 1 44 ? -3.063  -5.001  8.886   1.00 2.32 ? 44 PRO A CB   1 
ATOM 650 C CG   . PRO A 1 44 ? -2.225  -4.244  8.175   1.00 2.77 ? 44 PRO A CG   1 
ATOM 651 C CD   . PRO A 1 44 ? -1.337  -4.533  7.304   1.00 1.95 ? 44 PRO A CD   1 
ATOM 652 H HA   . PRO A 1 44 ? -2.985  -6.225  8.701   1.00 1.51 ? 44 PRO A HA   1 
ATOM 653 H HB2  . PRO A 1 44 ? -3.950  -4.911  9.207   1.00 2.51 ? 44 PRO A HB2  1 
ATOM 654 H HB3  . PRO A 1 44 ? -2.800  -5.133  9.434   1.00 2.82 ? 44 PRO A HB3  1 
ATOM 655 H HG2  . PRO A 1 44 ? -2.709  -3.889  7.956   1.00 3.13 ? 44 PRO A HG2  1 
ATOM 656 H HG3  . PRO A 1 44 ? -1.779  -3.899  8.505   1.00 3.48 ? 44 PRO A HG3  1 
ATOM 657 H HD2  . PRO A 1 44 ? -1.275  -4.236  6.648   1.00 2.05 ? 44 PRO A HD2  1 
ATOM 658 H HD3  . PRO A 1 44 ? -0.495  -4.435  7.297   1.00 2.23 ? 44 PRO A HD3  1 
ATOM 659 N N    . SER A 1 45 ? -5.118  -6.010  8.085   1.00 1.21 ? 45 SER A N    1 
ATOM 660 C CA   . SER A 1 45 ? -6.112  -6.140  7.788   1.00 1.79 ? 45 SER A CA   1 
ATOM 661 C C    . SER A 1 45 ? -7.321  -6.249  7.676   1.00 1.75 ? 45 SER A C    1 
ATOM 662 O O    . SER A 1 45 ? -7.754  -6.287  7.701   1.00 2.63 ? 45 SER A O    1 
ATOM 663 C CB   . SER A 1 45 ? -5.749  -6.253  7.784   1.00 2.73 ? 45 SER A CB   1 
ATOM 664 O OG   . SER A 1 45 ? -6.026  -5.969  8.058   1.00 3.41 ? 45 SER A OG   1 
ATOM 665 H H    . SER A 1 45 ? -5.355  -6.081  8.356   1.00 1.44 ? 45 SER A H    1 
ATOM 666 H HA   . SER A 1 45 ? -6.236  -6.079  7.657   1.00 2.36 ? 45 SER A HA   1 
ATOM 667 H HB2  . SER A 1 45 ? -5.601  -6.319  7.828   1.00 3.30 ? 45 SER A HB2  1 
ATOM 668 H HB3  . SER A 1 45 ? -5.430  -6.482  7.526   1.00 2.96 ? 45 SER A HB3  1 
ATOM 669 H HG   . SER A 1 45 ? -5.938  -5.924  7.977   1.00 4.04 ? 45 SER A HG   1 
ATOM 670 N N    . VAL A 1 46 ? -7.857  -6.301  7.560   1.00 1.50 ? 46 VAL A N    1 
ATOM 671 C CA   . VAL A 1 46 ? -9.012  -6.403  7.447   1.00 2.06 ? 46 VAL A CA   1 
ATOM 672 C C    . VAL A 1 46 ? -9.945  -5.822  6.728   1.00 1.77 ? 46 VAL A C    1 
ATOM 673 O O    . VAL A 1 46 ? -9.876  -5.188  6.736   1.00 1.88 ? 46 VAL A O    1 
ATOM 674 C CB   . VAL A 1 46 ? -8.947  -6.368  8.329   1.00 2.76 ? 46 VAL A CB   1 
ATOM 675 C CG1  . VAL A 1 46 ? -9.886  -5.849  8.602   1.00 3.05 ? 46 VAL A CG1  1 
ATOM 676 C CG2  . VAL A 1 46 ? -9.150  -7.135  8.617   1.00 3.72 ? 46 VAL A CG2  1 
ATOM 677 H H    . VAL A 1 46 ? -7.488  -6.270  7.559   1.00 1.65 ? 46 VAL A H    1 
ATOM 678 H HA   . VAL A 1 46 ? -9.203  -6.922  7.252   1.00 2.67 ? 46 VAL A HA   1 
ATOM 679 H HB   . VAL A 1 46 ? -8.073  -6.174  8.565   1.00 2.80 ? 46 VAL A HB   1 
ATOM 680 H HG11 . VAL A 1 46 ? -10.197 -5.782  8.253   1.00 3.14 ? 46 VAL A HG11 1 
ATOM 681 H HG12 . VAL A 1 46 ? -9.892  -5.511  8.858   1.00 3.42 ? 46 VAL A HG12 1 
ATOM 682 H HG13 . VAL A 1 46 ? -10.229 -5.893  8.887   1.00 3.35 ? 46 VAL A HG13 1 
ATOM 683 H HG21 . VAL A 1 46 ? -9.107  -7.090  8.566   1.00 4.29 ? 46 VAL A HG21 1 
ATOM 684 H HG22 . VAL A 1 46 ? -9.232  -7.200  8.791   1.00 4.04 ? 46 VAL A HG22 1 
ATOM 685 H HG23 . VAL A 1 46 ? -9.251  -7.659  8.699   1.00 3.95 ? 46 VAL A HG23 1 
ATOM 686 N N    . LYS A 1 47 ? -10.811 -6.041  6.103   1.00 2.01 ? 47 LYS A N    1 
ATOM 687 C CA   . LYS A 1 47 ? -11.748 -5.506  5.380   1.00 1.95 ? 47 LYS A CA   1 
ATOM 688 C C    . LYS A 1 47 ? -12.562 -6.302  4.616   1.00 1.68 ? 47 LYS A C    1 
ATOM 689 O O    . LYS A 1 47 ? -12.540 -7.197  4.713   1.00 2.06 ? 47 LYS A O    1 
ATOM 690 C CB   . LYS A 1 47 ? -11.253 -4.725  4.709   1.00 2.43 ? 47 LYS A CB   1 
ATOM 691 C CG   . LYS A 1 47 ? -11.516 -4.487  5.232   1.00 3.58 ? 47 LYS A CG   1 
ATOM 692 C CD   . LYS A 1 47 ? -11.486 -4.047  4.902   1.00 4.44 ? 47 LYS A CD   1 
ATOM 693 C CE   . LYS A 1 47 ? -11.669 -3.873  5.359   1.00 5.51 ? 47 LYS A CE   1 
ATOM 694 N NZ   . LYS A 1 47 ? -11.444 -3.380  5.497   1.00 6.35 ? 47 LYS A NZ   1 
ATOM 695 H H    . LYS A 1 47 ? -10.844 -6.560  6.107   1.00 2.50 ? 47 LYS A H    1 
ATOM 696 H HA   . LYS A 1 47 ? -12.207 -5.111  5.868   1.00 2.21 ? 47 LYS A HA   1 
ATOM 697 H HB2  . LYS A 1 47 ? -10.743 -4.641  4.508   1.00 2.44 ? 47 LYS A HB2  1 
ATOM 698 H HB3  . LYS A 1 47 ? -11.233 -4.423  4.067   1.00 2.45 ? 47 LYS A HB3  1 
ATOM 699 H HG2  . LYS A 1 47 ? -11.859 -4.628  5.843   1.00 3.80 ? 47 LYS A HG2  1 
ATOM 700 H HG3  . LYS A 1 47 ? -11.380 -4.486  5.222   1.00 3.99 ? 47 LYS A HG3  1 
ATOM 701 H HD2  . LYS A 1 47 ? -11.204 -4.017  4.304   1.00 4.50 ? 47 LYS A HD2  1 
ATOM 702 H HD3  . LYS A 1 47 ? -11.617 -3.892  4.941   1.00 4.61 ? 47 LYS A HD3  1 
ATOM 703 H HE2  . LYS A 1 47 ? -11.969 -3.930  5.521   1.00 5.76 ? 47 LYS A HE2  1 
ATOM 704 H HE3  . LYS A 1 47 ? -11.663 -4.048  5.421   1.00 5.75 ? 47 LYS A HE3  1 
ATOM 705 H HZ1  . LYS A 1 47 ? -11.591 -3.197  5.459   1.00 6.84 ? 47 LYS A HZ1  1 
ATOM 706 H HZ2  . LYS A 1 47 ? -11.336 -3.257  5.696   1.00 6.64 ? 47 LYS A HZ2  1 
ATOM 707 H HZ3  . LYS A 1 47 ? -11.248 -3.342  5.432   1.00 6.42 ? 47 LYS A HZ3  1 
ATOM 708 N N    . ASN A 1 48 ? -13.277 -5.985  3.853   1.00 1.43 ? 48 ASN A N    1 
ATOM 709 C CA   . ASN A 1 48 ? -14.091 -6.721  3.079   1.00 1.40 ? 48 ASN A CA   1 
ATOM 710 C C    . ASN A 1 48 ? -14.772 -5.910  2.045   1.00 1.29 ? 48 ASN A C    1 
ATOM 711 O O    . ASN A 1 48 ? -15.449 -5.022  2.323   1.00 1.50 ? 48 ASN A O    1 
ATOM 712 C CB   . ASN A 1 48 ? -14.983 -7.308  3.889   1.00 1.78 ? 48 ASN A CB   1 
ATOM 713 C CG   . ASN A 1 48 ? -15.362 -8.122  3.612   1.00 2.46 ? 48 ASN A CG   1 
ATOM 714 O OD1  . ASN A 1 48 ? -15.292 -8.484  3.263   1.00 3.12 ? 48 ASN A OD1  1 
ATOM 715 N ND2  . ASN A 1 48 ? -15.763 -8.424  3.754   1.00 2.92 ? 48 ASN A ND2  1 
ATOM 716 H H    . ASN A 1 48 ? -13.279 -5.260  3.788   1.00 1.62 ? 48 ASN A H    1 
ATOM 717 H HA   . ASN A 1 48 ? -13.569 -7.412  2.675   1.00 1.53 ? 48 ASN A HA   1 
ATOM 718 H HB2  . ASN A 1 48 ? -14.802 -7.534  4.590   1.00 1.81 ? 48 ASN A HB2  1 
ATOM 719 H HB3  . ASN A 1 48 ? -15.527 -6.923  3.958   1.00 2.15 ? 48 ASN A HB3  1 
ATOM 720 H HD21 . ASN A 1 48 ? -15.819 -8.131  4.035   1.00 2.94 ? 48 ASN A HD21 1 
ATOM 721 H HD22 . ASN A 1 48 ? -16.009 -8.944  3.577   1.00 3.57 ? 48 ASN A HD22 1 
ATOM 722 N N    . GLY A 1 49 ? -14.596 -6.205  0.851   1.00 1.07 ? 49 GLY A N    1 
ATOM 723 C CA   . GLY A 1 49 ? -15.230 -5.451  -0.203  1.00 1.09 ? 49 GLY A CA   1 
ATOM 724 C C    . GLY A 1 49 ? -14.213 -4.570  -0.861  1.00 0.97 ? 49 GLY A C    1 
ATOM 725 O O    . GLY A 1 49 ? -14.211 -4.406  -2.007  1.00 1.09 ? 49 GLY A O    1 
ATOM 726 H H    . GLY A 1 49 ? -14.045 -6.924  0.648   1.00 1.03 ? 49 GLY A H    1 
ATOM 727 H HA2  . GLY A 1 49 ? -15.643 -6.128  -0.903  1.00 1.14 ? 49 GLY A HA2  1 
ATOM 728 H HA3  . GLY A 1 49 ? -15.992 -4.846  0.201   1.00 1.25 ? 49 GLY A HA3  1 
ATOM 729 N N    . ILE A 1 50 ? -13.350 -4.001  -0.144  1.00 0.90 ? 50 ILE A N    1 
ATOM 730 C CA   . ILE A 1 50 ? -12.334 -3.133  -0.722  1.00 0.87 ? 50 ILE A CA   1 
ATOM 731 C C    . ILE A 1 50 ? -11.225 -3.969  -1.332  1.00 0.80 ? 50 ILE A C    1 
ATOM 732 O O    . ILE A 1 50 ? -11.291 -5.170  -1.362  1.00 0.85 ? 50 ILE A O    1 
ATOM 733 C CB   . ILE A 1 50 ? -11.783 -2.259  0.358   1.00 0.96 ? 50 ILE A CB   1 
ATOM 734 C CG1  . ILE A 1 50 ? -11.440 -3.086  1.551   1.00 1.06 ? 50 ILE A CG1  1 
ATOM 735 C CG2  . ILE A 1 50 ? -12.820 -1.231  0.743   1.00 1.07 ? 50 ILE A CG2  1 
ATOM 736 C CD1  . ILE A 1 50 ? -11.062 -2.687  2.452   1.00 1.58 ? 50 ILE A CD1  1 
ATOM 737 H H    . ILE A 1 50 ? -13.368 -4.145  0.778   1.00 0.98 ? 50 ILE A H    1 
ATOM 738 H HA   . ILE A 1 50 ? -12.772 -2.533  -1.468  1.00 0.97 ? 50 ILE A HA   1 
ATOM 739 H HB   . ILE A 1 50 ? -10.908 -1.781  0.001   1.00 1.00 ? 50 ILE A HB   1 
ATOM 740 H HG12 . ILE A 1 50 ? -11.933 -3.481  1.894   1.00 1.21 ? 50 ILE A HG12 1 
ATOM 741 H HG13 . ILE A 1 50 ? -10.967 -3.553  1.416   1.00 1.51 ? 50 ILE A HG13 1 
ATOM 742 H HG21 . ILE A 1 50 ? -12.845 -0.856  0.786   1.00 1.53 ? 50 ILE A HG21 1 
ATOM 743 H HG22 . ILE A 1 50 ? -13.113 -1.082  1.059   1.00 1.42 ? 50 ILE A HG22 1 
ATOM 744 H HG23 . ILE A 1 50 ? -13.234 -1.033  0.656   1.00 1.50 ? 50 ILE A HG23 1 
ATOM 745 H HD11 . ILE A 1 50 ? -11.209 -2.661  2.667   1.00 1.98 ? 50 ILE A HD11 1 
ATOM 746 H HD12 . ILE A 1 50 ? -10.931 -2.286  2.567   1.00 2.07 ? 50 ILE A HD12 1 
ATOM 747 H HD13 . ILE A 1 50 ? -10.777 -2.833  2.759   1.00 2.06 ? 50 ILE A HD13 1 
ATOM 748 N N    . GLU A 1 51 ? -10.206 -3.348  -1.822  1.00 0.73 ? 51 GLU A N    1 
ATOM 749 C CA   . GLU A 1 51 ? -9.098  -4.116  -2.429  1.00 0.72 ? 51 GLU A CA   1 
ATOM 750 C C    . GLU A 1 51 ? -7.864  -4.022  -1.561  1.00 0.64 ? 51 GLU A C    1 
ATOM 751 O O    . GLU A 1 51 ? -7.423  -2.963  -1.225  1.00 0.71 ? 51 GLU A O    1 
ATOM 752 C CB   . GLU A 1 51 ? -8.800  -3.552  -3.791  1.00 0.83 ? 51 GLU A CB   1 
ATOM 753 C CG   . GLU A 1 51 ? -8.955  -4.451  -4.762  1.00 1.08 ? 51 GLU A CG   1 
ATOM 754 C CD   . GLU A 1 51 ? -9.117  -4.528  -5.575  1.00 1.63 ? 51 GLU A CD   1 
ATOM 755 O OE1  . GLU A 1 51 ? -9.147  -4.546  -6.191  1.00 2.27 ? 51 GLU A OE1  1 
ATOM 756 O OE2  . GLU A 1 51 ? -9.209  -4.567  -5.570  1.00 2.25 ? 51 GLU A OE2  1 
ATOM 757 H H    . GLU A 1 51 ? -10.171 -2.381  -1.791  1.00 0.74 ? 51 GLU A H    1 
ATOM 758 H HA   . GLU A 1 51 ? -9.378  -5.142  -2.522  1.00 0.78 ? 51 GLU A HA   1 
ATOM 759 H HB2  . GLU A 1 51 ? -9.365  -2.817  -4.023  1.00 0.95 ? 51 GLU A HB2  1 
ATOM 760 H HB3  . GLU A 1 51 ? -7.917  -3.251  -3.833  1.00 1.11 ? 51 GLU A HB3  1 
ATOM 761 H HG2  . GLU A 1 51 ? -8.713  -4.707  -4.851  1.00 1.62 ? 51 GLU A HG2  1 
ATOM 762 H HG3  . GLU A 1 51 ? -9.191  -4.776  -4.785  1.00 1.61 ? 51 GLU A HG3  1 
ATOM 763 N N    . ILE A 1 52 ? -7.304  -5.120  -1.193  1.00 0.60 ? 52 ILE A N    1 
ATOM 764 C CA   . ILE A 1 52 ? -6.097  -5.094  -0.344  1.00 0.62 ? 52 ILE A CA   1 
ATOM 765 C C    . ILE A 1 52 ? -5.110  -6.144  -0.830  1.00 0.66 ? 52 ILE A C    1 
ATOM 766 O O    . ILE A 1 52 ? -5.492  -7.159  -1.332  1.00 0.81 ? 52 ILE A O    1 
ATOM 767 C CB   . ILE A 1 52 ? -6.476  -5.392  1.087   1.00 0.78 ? 52 ILE A CB   1 
ATOM 768 C CG1  . ILE A 1 52 ? -7.660  -5.496  1.256   1.00 1.38 ? 52 ILE A CG1  1 
ATOM 769 C CG2  . ILE A 1 52 ? -6.125  -4.551  1.888   1.00 1.05 ? 52 ILE A CG2  1 
ATOM 770 C CD1  . ILE A 1 52 ? -8.839  -5.125  1.012   1.00 1.09 ? 52 ILE A CD1  1 
ATOM 771 H H    . ILE A 1 52 ? -7.676  -5.963  -1.473  1.00 0.64 ? 52 ILE A H    1 
ATOM 772 H HA   . ILE A 1 52 ? -5.649  -4.124  -0.394  1.00 0.60 ? 52 ILE A HA   1 
ATOM 773 H HB   . ILE A 1 52 ? -6.149  -6.126  1.412   1.00 1.10 ? 52 ILE A HB   1 
ATOM 774 H HG12 . ILE A 1 52 ? -7.617  -5.870  1.142   1.00 2.12 ? 52 ILE A HG12 1 
ATOM 775 H HG13 . ILE A 1 52 ? -7.705  -5.460  1.665   1.00 1.98 ? 52 ILE A HG13 1 
ATOM 776 H HG21 . ILE A 1 52 ? -6.178  -4.324  2.154   1.00 1.54 ? 52 ILE A HG21 1 
ATOM 777 H HG22 . ILE A 1 52 ? -5.937  -4.163  2.086   1.00 1.35 ? 52 ILE A HG22 1 
ATOM 778 H HG23 . ILE A 1 52 ? -6.013  -4.572  1.994   1.00 1.79 ? 52 ILE A HG23 1 
ATOM 779 H HD11 . ILE A 1 52 ? -9.228  -5.051  1.033   1.00 1.58 ? 52 ILE A HD11 1 
ATOM 780 H HD12 . ILE A 1 52 ? -9.045  -5.029  0.902   1.00 1.40 ? 52 ILE A HD12 1 
ATOM 781 H HD13 . ILE A 1 52 ? -9.078  -5.033  0.930   1.00 1.52 ? 52 ILE A HD13 1 
ATOM 782 N N    . ASN A 1 53 ? -3.845  -5.912  -0.684  1.00 0.59 ? 53 ASN A N    1 
ATOM 783 C CA   . ASN A 1 53 ? -2.840  -6.903  -1.136  1.00 0.67 ? 53 ASN A CA   1 
ATOM 784 C C    . ASN A 1 53 ? -1.561  -6.760  -0.324  1.00 0.61 ? 53 ASN A C    1 
ATOM 785 O O    . ASN A 1 53 ? -0.913  -5.743  -0.342  1.00 0.60 ? 53 ASN A O    1 
ATOM 786 C CB   . ASN A 1 53 ? -2.531  -6.671  -2.598  1.00 0.78 ? 53 ASN A CB   1 
ATOM 787 C CG   . ASN A 1 53 ? -2.870  -7.669  -3.340  1.00 1.10 ? 53 ASN A CG   1 
ATOM 788 O OD1  . ASN A 1 53 ? -3.189  -8.084  -3.431  1.00 1.78 ? 53 ASN A OD1  1 
ATOM 789 N ND2  . ASN A 1 53 ? -2.815  -8.078  -3.881  1.00 1.65 ? 53 ASN A ND2  1 
ATOM 790 H H    . ASN A 1 53 ? -3.555  -5.089  -0.276  1.00 0.54 ? 53 ASN A H    1 
ATOM 791 H HA   . ASN A 1 53 ? -3.235  -7.885  -1.007  1.00 0.77 ? 53 ASN A HA   1 
ATOM 792 H HB2  . ASN A 1 53 ? -2.970  -5.945  -2.940  1.00 1.03 ? 53 ASN A HB2  1 
ATOM 793 H HB3  . ASN A 1 53 ? -1.633  -6.530  -2.763  1.00 1.00 ? 53 ASN A HB3  1 
ATOM 794 H HD21 . ASN A 1 53 ? -2.558  -7.745  -3.808  1.00 2.12 ? 53 ASN A HD21 1 
ATOM 795 H HD22 . ASN A 1 53 ? -3.031  -8.718  -4.358  1.00 2.02 ? 53 ASN A HD22 1 
ATOM 796 N N    . CYS A 1 54 ? -1.191  -7.774  0.388   1.00 0.61 ? 54 CYS A N    1 
ATOM 797 C CA   . CYS A 1 54 ? 0.048   -7.703  1.205   1.00 0.60 ? 54 CYS A CA   1 
ATOM 798 C C    . CYS A 1 54 ? 1.167   -8.450  0.500   1.00 0.67 ? 54 CYS A C    1 
ATOM 799 O O    . CYS A 1 54 ? 0.943   -9.456  -0.101  1.00 0.81 ? 54 CYS A O    1 
ATOM 800 C CB   . CYS A 1 54 ? -0.213  -8.333  2.557   1.00 0.67 ? 54 CYS A CB   1 
ATOM 801 S SG   . CYS A 1 54 ? 0.804   -7.911  3.646   1.00 0.95 ? 54 CYS A SG   1 
ATOM 802 H H    . CYS A 1 54 ? -1.730  -8.584  0.388   1.00 0.66 ? 54 CYS A H    1 
ATOM 803 H HA   . CYS A 1 54 ? 0.334   -6.681  1.339   1.00 0.58 ? 54 CYS A HA   1 
ATOM 804 H HB2  . CYS A 1 54 ? -1.033  -8.108  2.867   1.00 1.03 ? 54 CYS A HB2  1 
ATOM 805 H HB3  . CYS A 1 54 ? -0.186  -9.258  2.554   1.00 0.92 ? 54 CYS A HB3  1 
ATOM 806 N N    . CYS A 1 55 ? 2.372   -7.968  0.571   1.00 0.63 ? 55 CYS A N    1 
ATOM 807 C CA   . CYS A 1 55 ? 3.502   -8.651  -0.092  1.00 0.73 ? 55 CYS A CA   1 
ATOM 808 C C    . CYS A 1 55 ? 4.810   -8.231  0.555   1.00 0.71 ? 55 CYS A C    1 
ATOM 809 O O    . CYS A 1 55 ? 5.016   -7.175  0.887   1.00 0.93 ? 55 CYS A O    1 
ATOM 810 C CB   . CYS A 1 55 ? 3.525   -8.278  -1.551  1.00 0.83 ? 55 CYS A CB   1 
ATOM 811 S SG   . CYS A 1 55 ? 4.348   -8.862  -2.413  1.00 1.39 ? 55 CYS A SG   1 
ATOM 812 H H    . CYS A 1 55 ? 2.534   -7.158  1.063   1.00 0.59 ? 55 CYS A H    1 
ATOM 813 H HA   . CYS A 1 55 ? 3.383   -9.702  0.003   1.00 0.82 ? 55 CYS A HA   1 
ATOM 814 H HB2  . CYS A 1 55 ? 2.889   -8.375  -1.947  1.00 1.23 ? 55 CYS A HB2  1 
ATOM 815 H HB3  . CYS A 1 55 ? 3.684   -7.573  -1.669  1.00 1.20 ? 55 CYS A HB3  1 
ATOM 816 N N    . THR A 1 56 ? 5.695   -9.047  0.736   1.00 0.74 ? 56 THR A N    1 
ATOM 817 C CA   . THR A 1 56 ? 6.984   -8.687  1.363   1.00 0.76 ? 56 THR A CA   1 
ATOM 818 C C    . THR A 1 56 ? 8.117   -9.378  0.637   1.00 0.90 ? 56 THR A C    1 
ATOM 819 O O    . THR A 1 56 ? 8.629   -10.327 1.053   1.00 1.17 ? 56 THR A O    1 
ATOM 820 C CB   . THR A 1 56 ? 6.973   -9.110  2.810   1.00 0.84 ? 56 THR A CB   1 
ATOM 821 O OG1  . THR A 1 56 ? 6.298   -10.316 2.952   1.00 0.94 ? 56 THR A OG1  1 
ATOM 822 C CG2  . THR A 1 56 ? 6.284   -8.071  3.604   1.00 0.91 ? 56 THR A CG2  1 
ATOM 823 H H    . THR A 1 56 ? 5.511   -9.895  0.460   1.00 0.93 ? 56 THR A H    1 
ATOM 824 H HA   . THR A 1 56 ? 7.122   -7.632  1.312   1.00 0.70 ? 56 THR A HA   1 
ATOM 825 H HB   . THR A 1 56 ? 7.963   -9.222  3.163   1.00 0.92 ? 56 THR A HB   1 
ATOM 826 H HG1  . THR A 1 56 ? 6.405   -10.674 3.021   1.00 1.45 ? 56 THR A HG1  1 
ATOM 827 H HG21 . THR A 1 56 ? 6.453   -7.606  3.879   1.00 1.28 ? 56 THR A HG21 1 
ATOM 828 H HG22 . THR A 1 56 ? 5.995   -8.103  4.037   1.00 1.35 ? 56 THR A HG22 1 
ATOM 829 H HG23 . THR A 1 56 ? 5.917   -7.762  3.454   1.00 1.37 ? 56 THR A HG23 1 
ATOM 830 N N    . THR A 1 57 ? 8.510   -8.905  -0.446  1.00 0.85 ? 57 THR A N    1 
ATOM 831 C CA   . THR A 1 57 ? 9.612   -9.527  -1.201  1.00 1.03 ? 57 THR A CA   1 
ATOM 832 C C    . THR A 1 57 ? 10.474  -8.451  -1.810  1.00 1.07 ? 57 THR A C    1 
ATOM 833 O O    . THR A 1 57 ? 10.669  -8.280  -2.530  1.00 1.65 ? 57 THR A O    1 
ATOM 834 C CB   . THR A 1 57 ? 9.034   -10.397 -2.298  1.00 1.14 ? 57 THR A CB   1 
ATOM 835 O OG1  . THR A 1 57 ? 8.014   -10.291 -2.455  1.00 1.29 ? 57 THR A OG1  1 
ATOM 836 C CG2  . THR A 1 57 ? 9.146   -11.504 -2.171  1.00 1.82 ? 57 THR A CG2  1 
ATOM 837 H H    . THR A 1 57 ? 8.083   -8.138  -0.761  1.00 0.82 ? 57 THR A H    1 
ATOM 838 H HA   . THR A 1 57 ? 10.205  -10.120 -0.547  1.00 1.11 ? 57 THR A HA   1 
ATOM 839 H HB   . THR A 1 57 ? 9.325   -10.310 -3.043  1.00 1.34 ? 57 THR A HB   1 
ATOM 840 H HG1  . THR A 1 57 ? 7.587   -10.771 -2.683  1.00 1.56 ? 57 THR A HG1  1 
ATOM 841 H HG21 . THR A 1 57 ? 9.154   -11.902 -2.192  1.00 2.11 ? 57 THR A HG21 1 
ATOM 842 H HG22 . THR A 1 57 ? 9.130   -11.765 -2.261  1.00 2.43 ? 57 THR A HG22 1 
ATOM 843 H HG23 . THR A 1 57 ? 9.233   -11.629 -1.970  1.00 2.23 ? 57 THR A HG23 1 
ATOM 844 N N    . ASP A 1 58 ? 10.988  -7.721  -1.525  1.00 1.17 ? 58 ASP A N    1 
ATOM 845 C CA   . ASP A 1 58 ? 11.833  -6.650  -2.084  1.00 1.17 ? 58 ASP A CA   1 
ATOM 846 C C    . ASP A 1 58 ? 11.060  -5.905  -3.118  1.00 1.05 ? 58 ASP A C    1 
ATOM 847 O O    . ASP A 1 58 ? 10.852  -6.375  -4.171  1.00 1.16 ? 58 ASP A O    1 
ATOM 848 C CB   . ASP A 1 58 ? 13.057  -7.242  -2.705  1.00 1.39 ? 58 ASP A CB   1 
ATOM 849 C CG   . ASP A 1 58 ? 14.049  -7.206  -1.964  1.00 1.87 ? 58 ASP A CG   1 
ATOM 850 O OD1  . ASP A 1 58 ? 14.037  -6.946  -1.369  1.00 2.38 ? 58 ASP A OD1  1 
ATOM 851 O OD2  . ASP A 1 58 ? 14.804  -7.439  -2.004  1.00 2.23 ? 58 ASP A OD2  1 
ATOM 852 H H    . ASP A 1 58 ? 10.819  -7.875  -0.944  1.00 1.66 ? 58 ASP A H    1 
ATOM 853 H HA   . ASP A 1 58 ? 12.124  -5.980  -1.317  1.00 1.19 ? 58 ASP A HA   1 
ATOM 854 H HB2  . ASP A 1 58 ? 12.972  -8.106  -2.934  1.00 1.36 ? 58 ASP A HB2  1 
ATOM 855 H HB3  . ASP A 1 58 ? 13.303  -6.820  -3.435  1.00 1.65 ? 58 ASP A HB3  1 
ATOM 856 N N    . ARG A 1 59 ? 10.631  -4.749  -2.819  1.00 0.95 ? 59 ARG A N    1 
ATOM 857 C CA   . ARG A 1 59 ? 9.872   -3.963  -3.774  1.00 0.96 ? 59 ARG A CA   1 
ATOM 858 C C    . ARG A 1 59 ? 8.795   -4.806  -4.416  1.00 0.94 ? 59 ARG A C    1 
ATOM 859 O O    . ARG A 1 59 ? 8.807   -5.051  -5.561  1.00 1.12 ? 59 ARG A O    1 
ATOM 860 C CB   . ARG A 1 59 ? 10.804  -3.444  -4.804  1.00 1.20 ? 59 ARG A CB   1 
ATOM 861 C CG   . ARG A 1 59 ? 11.310  -2.989  -5.045  1.00 1.67 ? 59 ARG A CG   1 
ATOM 862 C CD   . ARG A 1 59 ? 12.309  -2.612  -5.431  1.00 2.02 ? 59 ARG A CD   1 
ATOM 863 N NE   . ARG A 1 59 ? 12.985  -2.205  -5.969  1.00 2.39 ? 59 ARG A NE   1 
ATOM 864 C CZ   . ARG A 1 59 ? 13.721  -2.229  -6.380  1.00 2.96 ? 59 ARG A CZ   1 
ATOM 865 N NH1  . ARG A 1 59 ? 14.147  -2.277  -6.423  1.00 3.65 ? 59 ARG A NH1  1 
ATOM 866 N NH2  . ARG A 1 59 ? 14.031  -2.203  -6.747  1.00 3.35 ? 59 ARG A NH2  1 
ATOM 867 H H    . ARG A 1 59 ? 10.811  -4.397  -1.961  1.00 0.98 ? 59 ARG A H    1 
ATOM 868 H HA   . ARG A 1 59 ? 9.420   -3.159  -3.282  1.00 0.96 ? 59 ARG A HA   1 
ATOM 869 H HB2  . ARG A 1 59 ? 11.121  -3.540  -5.039  1.00 1.62 ? 59 ARG A HB2  1 
ATOM 870 H HB3  . ARG A 1 59 ? 10.790  -3.298  -5.129  1.00 1.76 ? 59 ARG A HB3  1 
ATOM 871 H HG2  . ARG A 1 59 ? 10.966  -2.928  -5.137  1.00 2.30 ? 59 ARG A HG2  1 
ATOM 872 H HG3  . ARG A 1 59 ? 11.306  -2.992  -4.849  1.00 2.13 ? 59 ARG A HG3  1 
ATOM 873 H HD2  . ARG A 1 59 ? 12.457  -2.513  -5.367  1.00 2.33 ? 59 ARG A HD2  1 
ATOM 874 H HD3  . ARG A 1 59 ? 12.377  -2.742  -5.376  1.00 2.54 ? 59 ARG A HD3  1 
ATOM 875 H HE   . ARG A 1 59 ? 12.876  -1.918  -6.016  1.00 2.64 ? 59 ARG A HE   1 
ATOM 876 H HH11 . ARG A 1 59 ? 13.908  -2.298  -6.143  1.00 3.87 ? 59 ARG A HH11 1 
ATOM 877 H HH12 . ARG A 1 59 ? 14.711  -2.296  -6.738  1.00 4.22 ? 59 ARG A HH12 1 
ATOM 878 H HH21 . ARG A 1 59 ? 13.705  -2.165  -6.713  1.00 3.36 ? 59 ARG A HH21 1 
ATOM 879 H HH22 . ARG A 1 59 ? 14.596  -2.221  -7.062  1.00 3.95 ? 59 ARG A HH22 1 
ATOM 880 N N    . CYS A 1 60 ? 7.863   -5.250  -3.689  1.00 0.84 ? 60 CYS A N    1 
ATOM 881 C CA   . CYS A 1 60 ? 6.790   -6.077  -4.261  1.00 0.88 ? 60 CYS A CA   1 
ATOM 882 C C    . CYS A 1 60 ? 5.582   -5.229  -4.573  1.00 0.92 ? 60 CYS A C    1 
ATOM 883 O O    . CYS A 1 60 ? 4.657   -5.675  -5.064  1.00 1.15 ? 60 CYS A O    1 
ATOM 884 C CB   . CYS A 1 60 ? 6.406   -7.129  -3.285  1.00 1.00 ? 60 CYS A CB   1 
ATOM 885 S SG   . CYS A 1 60 ? 5.334   -7.937  -3.656  1.00 1.41 ? 60 CYS A SG   1 
ATOM 886 H H    . CYS A 1 60 ? 7.871   -5.041  -2.769  1.00 0.84 ? 60 CYS A H    1 
ATOM 887 H HA   . CYS A 1 60 ? 7.131   -6.534  -5.147  1.00 0.94 ? 60 CYS A HA   1 
ATOM 888 H HB2  . CYS A 1 60 ? 6.985   -7.670  -3.100  1.00 1.20 ? 60 CYS A HB2  1 
ATOM 889 H HB3  . CYS A 1 60 ? 6.197   -6.851  -2.559  1.00 1.42 ? 60 CYS A HB3  1 
ATOM 890 N N    . ASN A 1 61 ? 5.582   -4.010  -4.293  1.00 0.87 ? 61 ASN A N    1 
ATOM 891 C CA   . ASN A 1 61 ? 4.435   -3.137  -4.574  1.00 0.94 ? 61 ASN A CA   1 
ATOM 892 C C    . ASN A 1 61 ? 4.469   -2.680  -5.922  1.00 1.11 ? 61 ASN A C    1 
ATOM 893 O O    . ASN A 1 61 ? 4.826   -1.883  -6.255  1.00 1.48 ? 61 ASN A O    1 
ATOM 894 C CB   . ASN A 1 61 ? 4.417   -1.979  -3.712  1.00 1.07 ? 61 ASN A CB   1 
ATOM 895 C CG   . ASN A 1 61 ? 4.517   -1.651  -3.643  1.00 2.11 ? 61 ASN A CG   1 
ATOM 896 O OD1  . ASN A 1 61 ? 4.409   -1.621  -3.715  1.00 2.78 ? 61 ASN A OD1  1 
ATOM 897 N ND2  . ASN A 1 61 ? 4.720   -1.404  -3.505  1.00 2.96 ? 61 ASN A ND2  1 
ATOM 898 H H    . ASN A 1 61 ? 6.336   -3.667  -3.900  1.00 0.92 ? 61 ASN A H    1 
ATOM 899 H HA   . ASN A 1 61 ? 3.594   -3.646  -4.433  1.00 1.09 ? 61 ASN A HA   1 
ATOM 900 H HB2  . ASN A 1 61 ? 4.276   -1.648  -3.472  1.00 1.13 ? 61 ASN A HB2  1 
ATOM 901 H HB3  . ASN A 1 61 ? 4.476   -1.722  -3.392  1.00 1.61 ? 61 ASN A HB3  1 
ATOM 902 H HD21 . ASN A 1 61 ? 4.808   -1.428  -3.445  1.00 3.08 ? 61 ASN A HD21 1 
ATOM 903 H HD22 . ASN A 1 61 ? 4.785   -1.193  -3.459  1.00 3.79 ? 61 ASN A HD22 1 
ATOM 904 N N    . ASN A 1 62 ? 4.099   -3.176  -6.698  1.00 1.45 ? 62 ASN A N    1 
ATOM 905 C CA   . ASN A 1 62 ? 4.110   -2.770  -8.023  1.00 1.83 ? 62 ASN A CA   1 
ATOM 906 C C    . ASN A 1 62 ? 3.722   -2.806  -8.393  1.00 2.76 ? 62 ASN A C    1 
ATOM 907 O O    . ASN A 1 62 ? 3.402   -2.664  -8.811  1.00 3.27 ? 62 ASN A O    1 
ATOM 908 C CB   . ASN A 1 62 ? 4.479   -2.866  -8.664  1.00 2.38 ? 62 ASN A CB   1 
ATOM 909 C CG   . ASN A 1 62 ? 4.909   -2.277  -9.303  1.00 2.81 ? 62 ASN A CG   1 
ATOM 910 O OD1  . ASN A 1 62 ? 4.789   -1.897  -9.179  1.00 3.49 ? 62 ASN A OD1  1 
ATOM 911 N ND2  . ASN A 1 62 ? 5.408   -2.185  -9.989  1.00 2.97 ? 62 ASN A ND2  1 
ATOM 912 O OXT  . ASN A 1 62 ? 3.748   -2.975  -8.251  1.00 3.44 ? 62 ASN A OXT  1 
ATOM 913 H H    . ASN A 1 62 ? 3.815   -3.818  -6.411  1.00 1.75 ? 62 ASN A H    1 
ATOM 914 H HA   . ASN A 1 62 ? 4.130   -2.383  -8.270  1.00 1.86 ? 62 ASN A HA   1 
ATOM 915 H HB2  . ASN A 1 62 ? 4.588   -3.140  -8.291  1.00 2.75 ? 62 ASN A HB2  1 
ATOM 916 H HB3  . ASN A 1 62 ? 4.322   -3.074  -9.041  1.00 2.82 ? 62 ASN A HB3  1 
ATOM 917 H HD21 . ASN A 1 62 ? 5.505   -2.492  -10.090 1.00 2.89 ? 62 ASN A HD21 1 
ATOM 918 H HD22 . ASN A 1 62 ? 5.687   -1.809  -10.402 1.00 3.47 ? 62 ASN A HD22 1 
# 
